data_1BJZ
# 
_entry.id   1BJZ 
# 
_audit_conform.dict_name       mmcif_pdbx.dic 
_audit_conform.dict_version    5.392 
_audit_conform.dict_location   http://mmcif.pdb.org/dictionaries/ascii/mmcif_pdbx.dic 
# 
loop_
_database_2.database_id 
_database_2.database_code 
_database_2.pdbx_database_accession 
_database_2.pdbx_DOI 
PDB   1BJZ         pdb_00001bjz 10.2210/pdb1bjz/pdb 
WWPDB D_1000171846 ?            ?                   
# 
loop_
_pdbx_audit_revision_history.ordinal 
_pdbx_audit_revision_history.data_content_type 
_pdbx_audit_revision_history.major_revision 
_pdbx_audit_revision_history.minor_revision 
_pdbx_audit_revision_history.revision_date 
1 'Structure model' 1 0 1999-01-13 
2 'Structure model' 1 1 2008-03-24 
3 'Structure model' 1 2 2011-07-13 
4 'Structure model' 1 3 2023-08-02 
5 'Structure model' 1 4 2024-05-22 
# 
_pdbx_audit_revision_details.ordinal             1 
_pdbx_audit_revision_details.revision_ordinal    1 
_pdbx_audit_revision_details.data_content_type   'Structure model' 
_pdbx_audit_revision_details.provider            repository 
_pdbx_audit_revision_details.type                'Initial release' 
_pdbx_audit_revision_details.description         ? 
_pdbx_audit_revision_details.details             ? 
# 
loop_
_pdbx_audit_revision_group.ordinal 
_pdbx_audit_revision_group.revision_ordinal 
_pdbx_audit_revision_group.data_content_type 
_pdbx_audit_revision_group.group 
1 2 'Structure model' 'Version format compliance' 
2 3 'Structure model' 'Derived calculations'      
3 3 'Structure model' 'Version format compliance' 
4 4 'Structure model' 'Database references'       
5 4 'Structure model' Other                       
6 4 'Structure model' 'Refinement description'    
7 5 'Structure model' 'Data collection'           
# 
loop_
_pdbx_audit_revision_category.ordinal 
_pdbx_audit_revision_category.revision_ordinal 
_pdbx_audit_revision_category.data_content_type 
_pdbx_audit_revision_category.category 
1 4 'Structure model' database_2                    
2 4 'Structure model' pdbx_database_status          
3 4 'Structure model' pdbx_initial_refinement_model 
4 5 'Structure model' chem_comp_atom                
5 5 'Structure model' chem_comp_bond                
# 
loop_
_pdbx_audit_revision_item.ordinal 
_pdbx_audit_revision_item.revision_ordinal 
_pdbx_audit_revision_item.data_content_type 
_pdbx_audit_revision_item.item 
1 4 'Structure model' '_database_2.pdbx_DOI'                
2 4 'Structure model' '_database_2.pdbx_database_accession' 
3 4 'Structure model' '_pdbx_database_status.process_site'  
# 
_pdbx_database_status.status_code                     REL 
_pdbx_database_status.entry_id                        1BJZ 
_pdbx_database_status.recvd_initial_deposition_date   1998-06-29 
_pdbx_database_status.deposit_site                    ? 
_pdbx_database_status.process_site                    BNL 
_pdbx_database_status.status_code_sf                  REL 
_pdbx_database_status.status_code_mr                  ? 
_pdbx_database_status.SG_entry                        ? 
_pdbx_database_status.pdb_format_compatible           Y 
_pdbx_database_status.status_code_cs                  ? 
_pdbx_database_status.status_code_nmr_data            ? 
_pdbx_database_status.methods_development_category    ? 
# 
loop_
_audit_author.name 
_audit_author.pdbx_ordinal 
'Orth, P.'     1 
'Saenger, W.'  2 
'Hinrichs, W.' 3 
# 
loop_
_citation.id 
_citation.title 
_citation.journal_abbrev 
_citation.journal_volume 
_citation.page_first 
_citation.page_last 
_citation.year 
_citation.journal_id_ASTM 
_citation.country 
_citation.journal_id_ISSN 
_citation.journal_id_CSD 
_citation.book_publisher 
_citation.pdbx_database_id_PubMed 
_citation.pdbx_database_id_DOI 
primary 'Tetracycline-chelated Mg2+ ion initiates helix unwinding in Tet repressor induction.' Biochemistry 38  191 198 1999 
BICHAW US 0006-2960 0033 ? 9890898 10.1021/bi9816610 
1       'Conformational Changes of the Tet Repressor Induced by Tetracycline Trapping'         J.Mol.Biol.  279 439 ?   1998 
JMOBAK UK 0022-2836 0070 ? ?       ?                 
# 
loop_
_citation_author.citation_id 
_citation_author.name 
_citation_author.ordinal 
_citation_author.identifier_ORCID 
primary 'Orth, P.'         1 ? 
primary 'Saenger, W.'      2 ? 
primary 'Hinrichs, W.'     3 ? 
1       'Orth, P.'         4 ? 
1       'Cordes, F.'       5 ? 
1       'Schnappinger, D.' 6 ? 
1       'Hillen, W.'       7 ? 
1       'Saenger, W.'      8 ? 
1       'Hinrichs, W.'     9 ? 
# 
loop_
_entity.id 
_entity.type 
_entity.src_method 
_entity.pdbx_description 
_entity.formula_weight 
_entity.pdbx_number_of_molecules 
_entity.pdbx_ec 
_entity.pdbx_mutation 
_entity.pdbx_fragment 
_entity.details 
1 polymer man 'TETRACYCLINE REPRESSOR' 23288.334 1  ? A2S ? ? 
2 water   nat water                    18.015    27 ? ?   ? ? 
# 
_entity_name_com.entity_id   1 
_entity_name_com.name        'TET REPRESSOR, CLASS D' 
# 
_entity_poly.entity_id                      1 
_entity_poly.type                           'polypeptide(L)' 
_entity_poly.nstd_linkage                   no 
_entity_poly.nstd_monomer                   no 
_entity_poly.pdbx_seq_one_letter_code       
;SRLNRESVIDAALELLNETGIDGLTTRKLAQKLGIEQPTLYWHVKNKRALLDALAVEILARHHDYSLPAAGESWQSFLRN
NAMSFRRALLRYRDGAKVHLGTRPDEKQYDTVETQLRFMTENGFSLRDGLYAISAVSHFTLGAVLEQQEHTAALTDRPAA
PDENLPPLLREALQIMDSDDGEQAFLHGLESLIRGFEVQLTALLQIV
;
_entity_poly.pdbx_seq_one_letter_code_can   
;SRLNRESVIDAALELLNETGIDGLTTRKLAQKLGIEQPTLYWHVKNKRALLDALAVEILARHHDYSLPAAGESWQSFLRN
NAMSFRRALLRYRDGAKVHLGTRPDEKQYDTVETQLRFMTENGFSLRDGLYAISAVSHFTLGAVLEQQEHTAALTDRPAA
PDENLPPLLREALQIMDSDDGEQAFLHGLESLIRGFEVQLTALLQIV
;
_entity_poly.pdbx_strand_id                 A 
_entity_poly.pdbx_target_identifier         ? 
# 
_pdbx_entity_nonpoly.entity_id   2 
_pdbx_entity_nonpoly.name        water 
_pdbx_entity_nonpoly.comp_id     HOH 
# 
loop_
_entity_poly_seq.entity_id 
_entity_poly_seq.num 
_entity_poly_seq.mon_id 
_entity_poly_seq.hetero 
1 1   SER n 
1 2   ARG n 
1 3   LEU n 
1 4   ASN n 
1 5   ARG n 
1 6   GLU n 
1 7   SER n 
1 8   VAL n 
1 9   ILE n 
1 10  ASP n 
1 11  ALA n 
1 12  ALA n 
1 13  LEU n 
1 14  GLU n 
1 15  LEU n 
1 16  LEU n 
1 17  ASN n 
1 18  GLU n 
1 19  THR n 
1 20  GLY n 
1 21  ILE n 
1 22  ASP n 
1 23  GLY n 
1 24  LEU n 
1 25  THR n 
1 26  THR n 
1 27  ARG n 
1 28  LYS n 
1 29  LEU n 
1 30  ALA n 
1 31  GLN n 
1 32  LYS n 
1 33  LEU n 
1 34  GLY n 
1 35  ILE n 
1 36  GLU n 
1 37  GLN n 
1 38  PRO n 
1 39  THR n 
1 40  LEU n 
1 41  TYR n 
1 42  TRP n 
1 43  HIS n 
1 44  VAL n 
1 45  LYS n 
1 46  ASN n 
1 47  LYS n 
1 48  ARG n 
1 49  ALA n 
1 50  LEU n 
1 51  LEU n 
1 52  ASP n 
1 53  ALA n 
1 54  LEU n 
1 55  ALA n 
1 56  VAL n 
1 57  GLU n 
1 58  ILE n 
1 59  LEU n 
1 60  ALA n 
1 61  ARG n 
1 62  HIS n 
1 63  HIS n 
1 64  ASP n 
1 65  TYR n 
1 66  SER n 
1 67  LEU n 
1 68  PRO n 
1 69  ALA n 
1 70  ALA n 
1 71  GLY n 
1 72  GLU n 
1 73  SER n 
1 74  TRP n 
1 75  GLN n 
1 76  SER n 
1 77  PHE n 
1 78  LEU n 
1 79  ARG n 
1 80  ASN n 
1 81  ASN n 
1 82  ALA n 
1 83  MET n 
1 84  SER n 
1 85  PHE n 
1 86  ARG n 
1 87  ARG n 
1 88  ALA n 
1 89  LEU n 
1 90  LEU n 
1 91  ARG n 
1 92  TYR n 
1 93  ARG n 
1 94  ASP n 
1 95  GLY n 
1 96  ALA n 
1 97  LYS n 
1 98  VAL n 
1 99  HIS n 
1 100 LEU n 
1 101 GLY n 
1 102 THR n 
1 103 ARG n 
1 104 PRO n 
1 105 ASP n 
1 106 GLU n 
1 107 LYS n 
1 108 GLN n 
1 109 TYR n 
1 110 ASP n 
1 111 THR n 
1 112 VAL n 
1 113 GLU n 
1 114 THR n 
1 115 GLN n 
1 116 LEU n 
1 117 ARG n 
1 118 PHE n 
1 119 MET n 
1 120 THR n 
1 121 GLU n 
1 122 ASN n 
1 123 GLY n 
1 124 PHE n 
1 125 SER n 
1 126 LEU n 
1 127 ARG n 
1 128 ASP n 
1 129 GLY n 
1 130 LEU n 
1 131 TYR n 
1 132 ALA n 
1 133 ILE n 
1 134 SER n 
1 135 ALA n 
1 136 VAL n 
1 137 SER n 
1 138 HIS n 
1 139 PHE n 
1 140 THR n 
1 141 LEU n 
1 142 GLY n 
1 143 ALA n 
1 144 VAL n 
1 145 LEU n 
1 146 GLU n 
1 147 GLN n 
1 148 GLN n 
1 149 GLU n 
1 150 HIS n 
1 151 THR n 
1 152 ALA n 
1 153 ALA n 
1 154 LEU n 
1 155 THR n 
1 156 ASP n 
1 157 ARG n 
1 158 PRO n 
1 159 ALA n 
1 160 ALA n 
1 161 PRO n 
1 162 ASP n 
1 163 GLU n 
1 164 ASN n 
1 165 LEU n 
1 166 PRO n 
1 167 PRO n 
1 168 LEU n 
1 169 LEU n 
1 170 ARG n 
1 171 GLU n 
1 172 ALA n 
1 173 LEU n 
1 174 GLN n 
1 175 ILE n 
1 176 MET n 
1 177 ASP n 
1 178 SER n 
1 179 ASP n 
1 180 ASP n 
1 181 GLY n 
1 182 GLU n 
1 183 GLN n 
1 184 ALA n 
1 185 PHE n 
1 186 LEU n 
1 187 HIS n 
1 188 GLY n 
1 189 LEU n 
1 190 GLU n 
1 191 SER n 
1 192 LEU n 
1 193 ILE n 
1 194 ARG n 
1 195 GLY n 
1 196 PHE n 
1 197 GLU n 
1 198 VAL n 
1 199 GLN n 
1 200 LEU n 
1 201 THR n 
1 202 ALA n 
1 203 LEU n 
1 204 LEU n 
1 205 GLN n 
1 206 ILE n 
1 207 VAL n 
# 
_entity_src_gen.entity_id                          1 
_entity_src_gen.pdbx_src_id                        1 
_entity_src_gen.pdbx_alt_source_flag               sample 
_entity_src_gen.pdbx_seq_type                      ? 
_entity_src_gen.pdbx_beg_seq_num                   ? 
_entity_src_gen.pdbx_end_seq_num                   ? 
_entity_src_gen.gene_src_common_name               ? 
_entity_src_gen.gene_src_genus                     Escherichia 
_entity_src_gen.pdbx_gene_src_gene                 ? 
_entity_src_gen.gene_src_species                   ? 
_entity_src_gen.gene_src_strain                    ? 
_entity_src_gen.gene_src_tissue                    ? 
_entity_src_gen.gene_src_tissue_fraction           ? 
_entity_src_gen.gene_src_details                   ? 
_entity_src_gen.pdbx_gene_src_fragment             ? 
_entity_src_gen.pdbx_gene_src_scientific_name      'Escherichia coli' 
_entity_src_gen.pdbx_gene_src_ncbi_taxonomy_id     562 
_entity_src_gen.pdbx_gene_src_variant              ? 
_entity_src_gen.pdbx_gene_src_cell_line            ? 
_entity_src_gen.pdbx_gene_src_atcc                 ? 
_entity_src_gen.pdbx_gene_src_organ                ? 
_entity_src_gen.pdbx_gene_src_organelle            ? 
_entity_src_gen.pdbx_gene_src_cell                 ? 
_entity_src_gen.pdbx_gene_src_cellular_location    ? 
_entity_src_gen.host_org_common_name               ? 
_entity_src_gen.pdbx_host_org_scientific_name      ? 
_entity_src_gen.pdbx_host_org_ncbi_taxonomy_id     ? 
_entity_src_gen.host_org_genus                     ? 
_entity_src_gen.pdbx_host_org_gene                 ? 
_entity_src_gen.pdbx_host_org_organ                ? 
_entity_src_gen.host_org_species                   ? 
_entity_src_gen.pdbx_host_org_tissue               ? 
_entity_src_gen.pdbx_host_org_tissue_fraction      ? 
_entity_src_gen.pdbx_host_org_strain               ? 
_entity_src_gen.pdbx_host_org_variant              ? 
_entity_src_gen.pdbx_host_org_cell_line            ? 
_entity_src_gen.pdbx_host_org_atcc                 ? 
_entity_src_gen.pdbx_host_org_culture_collection   ? 
_entity_src_gen.pdbx_host_org_cell                 ? 
_entity_src_gen.pdbx_host_org_organelle            ? 
_entity_src_gen.pdbx_host_org_cellular_location    ? 
_entity_src_gen.pdbx_host_org_vector_type          ? 
_entity_src_gen.pdbx_host_org_vector               ? 
_entity_src_gen.host_org_details                   ? 
_entity_src_gen.expression_system_id               ? 
_entity_src_gen.plasmid_name                       ? 
_entity_src_gen.plasmid_details                    ? 
_entity_src_gen.pdbx_description                   ? 
# 
loop_
_chem_comp.id 
_chem_comp.type 
_chem_comp.mon_nstd_flag 
_chem_comp.name 
_chem_comp.pdbx_synonyms 
_chem_comp.formula 
_chem_comp.formula_weight 
ALA 'L-peptide linking' y ALANINE         ? 'C3 H7 N O2'     89.093  
ARG 'L-peptide linking' y ARGININE        ? 'C6 H15 N4 O2 1' 175.209 
ASN 'L-peptide linking' y ASPARAGINE      ? 'C4 H8 N2 O3'    132.118 
ASP 'L-peptide linking' y 'ASPARTIC ACID' ? 'C4 H7 N O4'     133.103 
GLN 'L-peptide linking' y GLUTAMINE       ? 'C5 H10 N2 O3'   146.144 
GLU 'L-peptide linking' y 'GLUTAMIC ACID' ? 'C5 H9 N O4'     147.129 
GLY 'peptide linking'   y GLYCINE         ? 'C2 H5 N O2'     75.067  
HIS 'L-peptide linking' y HISTIDINE       ? 'C6 H10 N3 O2 1' 156.162 
HOH non-polymer         . WATER           ? 'H2 O'           18.015  
ILE 'L-peptide linking' y ISOLEUCINE      ? 'C6 H13 N O2'    131.173 
LEU 'L-peptide linking' y LEUCINE         ? 'C6 H13 N O2'    131.173 
LYS 'L-peptide linking' y LYSINE          ? 'C6 H15 N2 O2 1' 147.195 
MET 'L-peptide linking' y METHIONINE      ? 'C5 H11 N O2 S'  149.211 
PHE 'L-peptide linking' y PHENYLALANINE   ? 'C9 H11 N O2'    165.189 
PRO 'L-peptide linking' y PROLINE         ? 'C5 H9 N O2'     115.130 
SER 'L-peptide linking' y SERINE          ? 'C3 H7 N O3'     105.093 
THR 'L-peptide linking' y THREONINE       ? 'C4 H9 N O3'     119.119 
TRP 'L-peptide linking' y TRYPTOPHAN      ? 'C11 H12 N2 O2'  204.225 
TYR 'L-peptide linking' y TYROSINE        ? 'C9 H11 N O3'    181.189 
VAL 'L-peptide linking' y VALINE          ? 'C5 H11 N O2'    117.146 
# 
loop_
_pdbx_poly_seq_scheme.asym_id 
_pdbx_poly_seq_scheme.entity_id 
_pdbx_poly_seq_scheme.seq_id 
_pdbx_poly_seq_scheme.mon_id 
_pdbx_poly_seq_scheme.ndb_seq_num 
_pdbx_poly_seq_scheme.pdb_seq_num 
_pdbx_poly_seq_scheme.auth_seq_num 
_pdbx_poly_seq_scheme.pdb_mon_id 
_pdbx_poly_seq_scheme.auth_mon_id 
_pdbx_poly_seq_scheme.pdb_strand_id 
_pdbx_poly_seq_scheme.pdb_ins_code 
_pdbx_poly_seq_scheme.hetero 
A 1 1   SER 1   2   2   SER SER A . n 
A 1 2   ARG 2   3   3   ARG ARG A . n 
A 1 3   LEU 3   4   4   LEU LEU A . n 
A 1 4   ASN 4   5   5   ASN ASN A . n 
A 1 5   ARG 5   6   6   ARG ARG A . n 
A 1 6   GLU 6   7   7   GLU GLU A . n 
A 1 7   SER 7   8   8   SER SER A . n 
A 1 8   VAL 8   9   9   VAL VAL A . n 
A 1 9   ILE 9   10  10  ILE ILE A . n 
A 1 10  ASP 10  11  11  ASP ASP A . n 
A 1 11  ALA 11  12  12  ALA ALA A . n 
A 1 12  ALA 12  13  13  ALA ALA A . n 
A 1 13  LEU 13  14  14  LEU LEU A . n 
A 1 14  GLU 14  15  15  GLU GLU A . n 
A 1 15  LEU 15  16  16  LEU LEU A . n 
A 1 16  LEU 16  17  17  LEU LEU A . n 
A 1 17  ASN 17  18  18  ASN ASN A . n 
A 1 18  GLU 18  19  19  GLU GLU A . n 
A 1 19  THR 19  20  20  THR THR A . n 
A 1 20  GLY 20  21  21  GLY GLY A . n 
A 1 21  ILE 21  22  22  ILE ILE A . n 
A 1 22  ASP 22  23  23  ASP ASP A . n 
A 1 23  GLY 23  24  24  GLY GLY A . n 
A 1 24  LEU 24  25  25  LEU LEU A . n 
A 1 25  THR 25  26  26  THR THR A . n 
A 1 26  THR 26  27  27  THR THR A . n 
A 1 27  ARG 27  28  28  ARG ARG A . n 
A 1 28  LYS 28  29  29  LYS LYS A . n 
A 1 29  LEU 29  30  30  LEU LEU A . n 
A 1 30  ALA 30  31  31  ALA ALA A . n 
A 1 31  GLN 31  32  32  GLN GLN A . n 
A 1 32  LYS 32  33  33  LYS LYS A . n 
A 1 33  LEU 33  34  34  LEU LEU A . n 
A 1 34  GLY 34  35  35  GLY GLY A . n 
A 1 35  ILE 35  36  36  ILE ILE A . n 
A 1 36  GLU 36  37  37  GLU GLU A . n 
A 1 37  GLN 37  38  38  GLN GLN A . n 
A 1 38  PRO 38  39  39  PRO PRO A . n 
A 1 39  THR 39  40  40  THR THR A . n 
A 1 40  LEU 40  41  41  LEU LEU A . n 
A 1 41  TYR 41  42  42  TYR TYR A . n 
A 1 42  TRP 42  43  43  TRP TRP A . n 
A 1 43  HIS 43  44  44  HIS HIS A . n 
A 1 44  VAL 44  45  45  VAL VAL A . n 
A 1 45  LYS 45  46  46  LYS LYS A . n 
A 1 46  ASN 46  47  47  ASN ASN A . n 
A 1 47  LYS 47  48  48  LYS LYS A . n 
A 1 48  ARG 48  49  49  ARG ARG A . n 
A 1 49  ALA 49  50  50  ALA ALA A . n 
A 1 50  LEU 50  51  51  LEU LEU A . n 
A 1 51  LEU 51  52  52  LEU LEU A . n 
A 1 52  ASP 52  53  53  ASP ASP A . n 
A 1 53  ALA 53  54  54  ALA ALA A . n 
A 1 54  LEU 54  55  55  LEU LEU A . n 
A 1 55  ALA 55  56  56  ALA ALA A . n 
A 1 56  VAL 56  57  57  VAL VAL A . n 
A 1 57  GLU 57  58  58  GLU GLU A . n 
A 1 58  ILE 58  59  59  ILE ILE A . n 
A 1 59  LEU 59  60  60  LEU LEU A . n 
A 1 60  ALA 60  61  61  ALA ALA A . n 
A 1 61  ARG 61  62  62  ARG ARG A . n 
A 1 62  HIS 62  63  63  HIS HIS A . n 
A 1 63  HIS 63  64  64  HIS HIS A . n 
A 1 64  ASP 64  65  65  ASP ASP A . n 
A 1 65  TYR 65  66  66  TYR TYR A . n 
A 1 66  SER 66  67  67  SER SER A . n 
A 1 67  LEU 67  68  68  LEU LEU A . n 
A 1 68  PRO 68  69  69  PRO PRO A . n 
A 1 69  ALA 69  70  70  ALA ALA A . n 
A 1 70  ALA 70  71  71  ALA ALA A . n 
A 1 71  GLY 71  72  72  GLY GLY A . n 
A 1 72  GLU 72  73  73  GLU GLU A . n 
A 1 73  SER 73  74  74  SER SER A . n 
A 1 74  TRP 74  75  75  TRP TRP A . n 
A 1 75  GLN 75  76  76  GLN GLN A . n 
A 1 76  SER 76  77  77  SER SER A . n 
A 1 77  PHE 77  78  78  PHE PHE A . n 
A 1 78  LEU 78  79  79  LEU LEU A . n 
A 1 79  ARG 79  80  80  ARG ARG A . n 
A 1 80  ASN 80  81  81  ASN ASN A . n 
A 1 81  ASN 81  82  82  ASN ASN A . n 
A 1 82  ALA 82  83  83  ALA ALA A . n 
A 1 83  MET 83  84  84  MET MET A . n 
A 1 84  SER 84  85  85  SER SER A . n 
A 1 85  PHE 85  86  86  PHE PHE A . n 
A 1 86  ARG 86  87  87  ARG ARG A . n 
A 1 87  ARG 87  88  88  ARG ARG A . n 
A 1 88  ALA 88  89  89  ALA ALA A . n 
A 1 89  LEU 89  90  90  LEU LEU A . n 
A 1 90  LEU 90  91  91  LEU LEU A . n 
A 1 91  ARG 91  92  92  ARG ARG A . n 
A 1 92  TYR 92  93  93  TYR TYR A . n 
A 1 93  ARG 93  94  94  ARG ARG A . n 
A 1 94  ASP 94  95  95  ASP ASP A . n 
A 1 95  GLY 95  96  96  GLY GLY A . n 
A 1 96  ALA 96  97  97  ALA ALA A . n 
A 1 97  LYS 97  98  98  LYS LYS A . n 
A 1 98  VAL 98  99  99  VAL VAL A . n 
A 1 99  HIS 99  100 100 HIS HIS A . n 
A 1 100 LEU 100 101 101 LEU LEU A . n 
A 1 101 GLY 101 102 102 GLY GLY A . n 
A 1 102 THR 102 103 103 THR THR A . n 
A 1 103 ARG 103 104 104 ARG ARG A . n 
A 1 104 PRO 104 105 105 PRO PRO A . n 
A 1 105 ASP 105 106 106 ASP ASP A . n 
A 1 106 GLU 106 107 107 GLU GLU A . n 
A 1 107 LYS 107 108 108 LYS LYS A . n 
A 1 108 GLN 108 109 109 GLN GLN A . n 
A 1 109 TYR 109 110 110 TYR TYR A . n 
A 1 110 ASP 110 111 111 ASP ASP A . n 
A 1 111 THR 111 112 112 THR THR A . n 
A 1 112 VAL 112 113 113 VAL VAL A . n 
A 1 113 GLU 113 114 114 GLU GLU A . n 
A 1 114 THR 114 115 115 THR THR A . n 
A 1 115 GLN 115 116 116 GLN GLN A . n 
A 1 116 LEU 116 117 117 LEU LEU A . n 
A 1 117 ARG 117 118 118 ARG ARG A . n 
A 1 118 PHE 118 119 119 PHE PHE A . n 
A 1 119 MET 119 120 120 MET MET A . n 
A 1 120 THR 120 121 121 THR THR A . n 
A 1 121 GLU 121 122 122 GLU GLU A . n 
A 1 122 ASN 122 123 123 ASN ASN A . n 
A 1 123 GLY 123 124 124 GLY GLY A . n 
A 1 124 PHE 124 125 125 PHE PHE A . n 
A 1 125 SER 125 126 126 SER SER A . n 
A 1 126 LEU 126 127 127 LEU LEU A . n 
A 1 127 ARG 127 128 128 ARG ARG A . n 
A 1 128 ASP 128 129 129 ASP ASP A . n 
A 1 129 GLY 129 130 130 GLY GLY A . n 
A 1 130 LEU 130 131 131 LEU LEU A . n 
A 1 131 TYR 131 132 132 TYR TYR A . n 
A 1 132 ALA 132 133 133 ALA ALA A . n 
A 1 133 ILE 133 134 134 ILE ILE A . n 
A 1 134 SER 134 135 135 SER SER A . n 
A 1 135 ALA 135 136 136 ALA ALA A . n 
A 1 136 VAL 136 137 137 VAL VAL A . n 
A 1 137 SER 137 138 138 SER SER A . n 
A 1 138 HIS 138 139 139 HIS HIS A . n 
A 1 139 PHE 139 140 140 PHE PHE A . n 
A 1 140 THR 140 141 141 THR THR A . n 
A 1 141 LEU 141 142 142 LEU LEU A . n 
A 1 142 GLY 142 143 143 GLY GLY A . n 
A 1 143 ALA 143 144 144 ALA ALA A . n 
A 1 144 VAL 144 145 145 VAL VAL A . n 
A 1 145 LEU 145 146 146 LEU LEU A . n 
A 1 146 GLU 146 147 147 GLU GLU A . n 
A 1 147 GLN 147 148 148 GLN GLN A . n 
A 1 148 GLN 148 149 149 GLN GLN A . n 
A 1 149 GLU 149 150 150 GLU GLU A . n 
A 1 150 HIS 150 151 151 HIS HIS A . n 
A 1 151 THR 151 152 ?   ?   ?   A . n 
A 1 152 ALA 152 153 ?   ?   ?   A . n 
A 1 153 ALA 153 154 ?   ?   ?   A . n 
A 1 154 LEU 154 155 ?   ?   ?   A . n 
A 1 155 THR 155 156 ?   ?   ?   A . n 
A 1 156 ASP 156 157 ?   ?   ?   A . n 
A 1 157 ARG 157 158 ?   ?   ?   A . n 
A 1 158 PRO 158 159 ?   ?   ?   A . n 
A 1 159 ALA 159 160 ?   ?   ?   A . n 
A 1 160 ALA 160 161 ?   ?   ?   A . n 
A 1 161 PRO 161 162 ?   ?   ?   A . n 
A 1 162 ASP 162 163 ?   ?   ?   A . n 
A 1 163 GLU 163 164 ?   ?   ?   A . n 
A 1 164 ASN 164 165 165 ASN ASN A . n 
A 1 165 LEU 165 166 166 LEU LEU A . n 
A 1 166 PRO 166 167 167 PRO PRO A . n 
A 1 167 PRO 167 168 168 PRO PRO A . n 
A 1 168 LEU 168 169 169 LEU LEU A . n 
A 1 169 LEU 169 170 170 LEU LEU A . n 
A 1 170 ARG 170 171 171 ARG ARG A . n 
A 1 171 GLU 171 172 172 GLU GLU A . n 
A 1 172 ALA 172 173 173 ALA ALA A . n 
A 1 173 LEU 173 174 174 LEU LEU A . n 
A 1 174 GLN 174 175 175 GLN GLN A . n 
A 1 175 ILE 175 176 176 ILE ILE A . n 
A 1 176 MET 176 177 177 MET MET A . n 
A 1 177 ASP 177 178 178 ASP ASP A . n 
A 1 178 SER 178 179 179 SER SER A . n 
A 1 179 ASP 179 180 180 ASP ASP A . n 
A 1 180 ASP 180 181 181 ASP ASP A . n 
A 1 181 GLY 181 182 182 GLY GLY A . n 
A 1 182 GLU 182 183 183 GLU GLU A . n 
A 1 183 GLN 183 184 184 GLN GLN A . n 
A 1 184 ALA 184 185 185 ALA ALA A . n 
A 1 185 PHE 185 186 186 PHE PHE A . n 
A 1 186 LEU 186 187 187 LEU LEU A . n 
A 1 187 HIS 187 188 188 HIS HIS A . n 
A 1 188 GLY 188 189 189 GLY GLY A . n 
A 1 189 LEU 189 190 190 LEU LEU A . n 
A 1 190 GLU 190 191 191 GLU GLU A . n 
A 1 191 SER 191 192 192 SER SER A . n 
A 1 192 LEU 192 193 193 LEU LEU A . n 
A 1 193 ILE 193 194 194 ILE ILE A . n 
A 1 194 ARG 194 195 195 ARG ARG A . n 
A 1 195 GLY 195 196 196 GLY GLY A . n 
A 1 196 PHE 196 197 197 PHE PHE A . n 
A 1 197 GLU 197 198 198 GLU GLU A . n 
A 1 198 VAL 198 199 199 VAL VAL A . n 
A 1 199 GLN 199 200 200 GLN GLN A . n 
A 1 200 LEU 200 201 201 LEU LEU A . n 
A 1 201 THR 201 202 202 THR THR A . n 
A 1 202 ALA 202 203 203 ALA ALA A . n 
A 1 203 LEU 203 204 204 LEU LEU A . n 
A 1 204 LEU 204 205 205 LEU LEU A . n 
A 1 205 GLN 205 206 206 GLN GLN A . n 
A 1 206 ILE 206 207 207 ILE ILE A . n 
A 1 207 VAL 207 208 208 VAL VAL A . n 
# 
loop_
_pdbx_nonpoly_scheme.asym_id 
_pdbx_nonpoly_scheme.entity_id 
_pdbx_nonpoly_scheme.mon_id 
_pdbx_nonpoly_scheme.ndb_seq_num 
_pdbx_nonpoly_scheme.pdb_seq_num 
_pdbx_nonpoly_scheme.auth_seq_num 
_pdbx_nonpoly_scheme.pdb_mon_id 
_pdbx_nonpoly_scheme.auth_mon_id 
_pdbx_nonpoly_scheme.pdb_strand_id 
_pdbx_nonpoly_scheme.pdb_ins_code 
B 2 HOH 1  301 301 HOH HOH A . 
B 2 HOH 2  302 302 HOH HOH A . 
B 2 HOH 3  303 303 HOH HOH A . 
B 2 HOH 4  304 304 HOH HOH A . 
B 2 HOH 5  305 305 HOH HOH A . 
B 2 HOH 6  306 306 HOH HOH A . 
B 2 HOH 7  307 307 HOH HOH A . 
B 2 HOH 8  308 308 HOH HOH A . 
B 2 HOH 9  309 309 HOH HOH A . 
B 2 HOH 10 310 310 HOH HOH A . 
B 2 HOH 11 311 311 HOH HOH A . 
B 2 HOH 12 312 312 HOH HOH A . 
B 2 HOH 13 313 313 HOH HOH A . 
B 2 HOH 14 314 314 HOH HOH A . 
B 2 HOH 15 315 315 HOH HOH A . 
B 2 HOH 16 316 316 HOH HOH A . 
B 2 HOH 17 317 317 HOH HOH A . 
B 2 HOH 18 318 318 HOH HOH A . 
B 2 HOH 19 319 319 HOH HOH A . 
B 2 HOH 20 320 320 HOH HOH A . 
B 2 HOH 21 321 321 HOH HOH A . 
B 2 HOH 22 322 322 HOH HOH A . 
B 2 HOH 23 323 323 HOH HOH A . 
B 2 HOH 24 324 324 HOH HOH A . 
B 2 HOH 25 325 325 HOH HOH A . 
B 2 HOH 26 326 326 HOH HOH A . 
B 2 HOH 27 327 327 HOH HOH A . 
# 
loop_
_software.name 
_software.classification 
_software.version 
_software.citation_id 
_software.pdbx_ordinal 
X-PLOR    'model building' 3.8 ? 1 
X-PLOR    refinement       3.8 ? 2 
DENZO     'data reduction' .   ? 3 
SCALEPACK 'data scaling'   .   ? 4 
X-PLOR    phasing          3.8 ? 5 
# 
_cell.entry_id           1BJZ 
_cell.length_a           69.100 
_cell.length_b           69.100 
_cell.length_c           182.930 
_cell.angle_alpha        90.00 
_cell.angle_beta         90.00 
_cell.angle_gamma        90.00 
_cell.Z_PDB              16 
_cell.pdbx_unique_axis   ? 
# 
_symmetry.entry_id                         1BJZ 
_symmetry.space_group_name_H-M             'I 41 2 2' 
_symmetry.pdbx_full_space_group_name_H-M   ? 
_symmetry.cell_setting                     ? 
_symmetry.Int_Tables_number                98 
# 
_exptl.entry_id          1BJZ 
_exptl.method            'X-RAY DIFFRACTION' 
_exptl.crystals_number   1 
# 
_exptl_crystal.id                    1 
_exptl_crystal.density_meas          ? 
_exptl_crystal.density_Matthews      2.34 
_exptl_crystal.density_percent_sol   40 
_exptl_crystal.description           ? 
# 
_exptl_crystal_grow.crystal_id      1 
_exptl_crystal_grow.method          ? 
_exptl_crystal_grow.temp            ? 
_exptl_crystal_grow.temp_details    ? 
_exptl_crystal_grow.pH              8.0 
_exptl_crystal_grow.pdbx_pH_range   ? 
_exptl_crystal_grow.pdbx_details    'pH 8.0' 
# 
_diffrn.id                     1 
_diffrn.ambient_temp           287 
_diffrn.ambient_temp_details   ? 
_diffrn.crystal_id             1 
# 
_diffrn_detector.diffrn_id              1 
_diffrn_detector.detector               'IMAGE PLATE' 
_diffrn_detector.type                   MARRESEARCH 
_diffrn_detector.pdbx_collection_date   1996-08 
_diffrn_detector.details                ? 
# 
_diffrn_radiation.diffrn_id                        1 
_diffrn_radiation.wavelength_id                    1 
_diffrn_radiation.pdbx_monochromatic_or_laue_m_l   M 
_diffrn_radiation.monochromator                    ? 
_diffrn_radiation.pdbx_diffrn_protocol             ? 
_diffrn_radiation.pdbx_scattering_type             x-ray 
# 
_diffrn_radiation_wavelength.id           1 
_diffrn_radiation_wavelength.wavelength   0.98 
_diffrn_radiation_wavelength.wt           1.0 
# 
_diffrn_source.diffrn_id                   1 
_diffrn_source.source                      SYNCHROTRON 
_diffrn_source.type                        'SRS BEAMLINE PX9.5' 
_diffrn_source.pdbx_synchrotron_site       SRS 
_diffrn_source.pdbx_synchrotron_beamline   PX9.5 
_diffrn_source.pdbx_wavelength             0.98 
_diffrn_source.pdbx_wavelength_list        ? 
# 
_reflns.entry_id                     1BJZ 
_reflns.observed_criterion_sigma_I   ? 
_reflns.observed_criterion_sigma_F   ? 
_reflns.d_resolution_low             23.6 
_reflns.d_resolution_high            2.2 
_reflns.number_obs                   32245 
_reflns.number_all                   ? 
_reflns.percent_possible_obs         89 
_reflns.pdbx_Rmerge_I_obs            ? 
_reflns.pdbx_Rsym_value              0.0830000 
_reflns.pdbx_netI_over_sigmaI        8.2 
_reflns.B_iso_Wilson_estimate        47.3 
_reflns.pdbx_redundancy              3.1 
_reflns.pdbx_ordinal                 1 
_reflns.pdbx_diffrn_id               1 
# 
_reflns_shell.d_res_high             2.20 
_reflns_shell.d_res_low              2.28 
_reflns_shell.percent_possible_all   93.1 
_reflns_shell.Rmerge_I_obs           ? 
_reflns_shell.pdbx_Rsym_value        0.3600000 
_reflns_shell.meanI_over_sigI_obs    4.1 
_reflns_shell.pdbx_redundancy        ? 
_reflns_shell.pdbx_ordinal           1 
_reflns_shell.pdbx_diffrn_id         1 
# 
_refine.entry_id                                 1BJZ 
_refine.ls_number_reflns_obs                     10487 
_refine.ls_number_reflns_all                     ? 
_refine.pdbx_ls_sigma_I                          ? 
_refine.pdbx_ls_sigma_F                          ? 
_refine.pdbx_data_cutoff_high_absF               10000000.00 
_refine.pdbx_data_cutoff_low_absF                0.001 
_refine.pdbx_data_cutoff_high_rms_absF           ? 
_refine.ls_d_res_low                             23.6 
_refine.ls_d_res_high                            2.2 
_refine.ls_percent_reflns_obs                    89.5 
_refine.ls_R_factor_obs                          0.2320000 
_refine.ls_R_factor_all                          ? 
_refine.ls_R_factor_R_work                       0.2320000 
_refine.ls_R_factor_R_free                       0.2960000 
_refine.ls_R_factor_R_free_error                 ? 
_refine.ls_R_factor_R_free_error_details         ? 
_refine.ls_percent_reflns_R_free                 8.7 
_refine.ls_number_reflns_R_free                  1024 
_refine.ls_number_parameters                     ? 
_refine.ls_number_restraints                     ? 
_refine.occupancy_min                            ? 
_refine.occupancy_max                            ? 
_refine.B_iso_mean                               57.6 
_refine.aniso_B[1][1]                            0.00 
_refine.aniso_B[2][2]                            0.00 
_refine.aniso_B[3][3]                            0.00 
_refine.aniso_B[1][2]                            0.00 
_refine.aniso_B[1][3]                            0.00 
_refine.aniso_B[2][3]                            0.00 
_refine.solvent_model_details                    ? 
_refine.solvent_model_param_ksol                 ? 
_refine.solvent_model_param_bsol                 ? 
_refine.pdbx_ls_cross_valid_method               THROUGHOUT 
_refine.details                                  ? 
_refine.pdbx_starting_model                      'PDB ENTRY 2TCT' 
_refine.pdbx_method_to_determine_struct          'MOLECULAR REPLACEMENT' 
_refine.pdbx_isotropic_thermal_model             RESTRAINED 
_refine.pdbx_stereochemistry_target_values       ? 
_refine.pdbx_stereochem_target_val_spec_case     ? 
_refine.pdbx_R_Free_selection_details            RANDOM 
_refine.pdbx_overall_ESU_R                       ? 
_refine.pdbx_overall_ESU_R_Free                  ? 
_refine.overall_SU_ML                            ? 
_refine.overall_SU_B                             ? 
_refine.pdbx_refine_id                           'X-RAY DIFFRACTION' 
_refine.pdbx_diffrn_id                           1 
_refine.pdbx_TLS_residual_ADP_flag               ? 
_refine.correlation_coeff_Fo_to_Fc               ? 
_refine.correlation_coeff_Fo_to_Fc_free          ? 
_refine.pdbx_solvent_vdw_probe_radii             ? 
_refine.pdbx_solvent_ion_probe_radii             ? 
_refine.pdbx_solvent_shrinkage_radii             ? 
_refine.pdbx_overall_phase_error                 ? 
_refine.overall_SU_R_Cruickshank_DPI             ? 
_refine.pdbx_overall_SU_R_free_Cruickshank_DPI   ? 
_refine.pdbx_overall_SU_R_Blow_DPI               ? 
_refine.pdbx_overall_SU_R_free_Blow_DPI          ? 
# 
_refine_hist.pdbx_refine_id                   'X-RAY DIFFRACTION' 
_refine_hist.cycle_id                         LAST 
_refine_hist.pdbx_number_atoms_protein        1548 
_refine_hist.pdbx_number_atoms_nucleic_acid   0 
_refine_hist.pdbx_number_atoms_ligand         0 
_refine_hist.number_atoms_solvent             27 
_refine_hist.number_atoms_total               1575 
_refine_hist.d_res_high                       2.2 
_refine_hist.d_res_low                        23.6 
# 
loop_
_refine_ls_restr.type 
_refine_ls_restr.dev_ideal 
_refine_ls_restr.dev_ideal_target 
_refine_ls_restr.weight 
_refine_ls_restr.number 
_refine_ls_restr.pdbx_refine_id 
_refine_ls_restr.pdbx_restraint_function 
x_bond_d                0.007 ? ? ? 'X-RAY DIFFRACTION' ? 
x_bond_d_na             ?     ? ? ? 'X-RAY DIFFRACTION' ? 
x_bond_d_prot           ?     ? ? ? 'X-RAY DIFFRACTION' ? 
x_angle_d               ?     ? ? ? 'X-RAY DIFFRACTION' ? 
x_angle_d_na            ?     ? ? ? 'X-RAY DIFFRACTION' ? 
x_angle_d_prot          ?     ? ? ? 'X-RAY DIFFRACTION' ? 
x_angle_deg             1.21  ? ? ? 'X-RAY DIFFRACTION' ? 
x_angle_deg_na          ?     ? ? ? 'X-RAY DIFFRACTION' ? 
x_angle_deg_prot        ?     ? ? ? 'X-RAY DIFFRACTION' ? 
x_dihedral_angle_d      18.6  ? ? ? 'X-RAY DIFFRACTION' ? 
x_dihedral_angle_d_na   ?     ? ? ? 'X-RAY DIFFRACTION' ? 
x_dihedral_angle_d_prot ?     ? ? ? 'X-RAY DIFFRACTION' ? 
x_improper_angle_d      1.18  ? ? ? 'X-RAY DIFFRACTION' ? 
x_improper_angle_d_na   ?     ? ? ? 'X-RAY DIFFRACTION' ? 
x_improper_angle_d_prot ?     ? ? ? 'X-RAY DIFFRACTION' ? 
x_mcbond_it             ?     ? ? ? 'X-RAY DIFFRACTION' ? 
x_mcangle_it            ?     ? ? ? 'X-RAY DIFFRACTION' ? 
x_scbond_it             ?     ? ? ? 'X-RAY DIFFRACTION' ? 
x_scangle_it            ?     ? ? ? 'X-RAY DIFFRACTION' ? 
# 
_refine_ls_shell.pdbx_total_number_of_bins_used   8 
_refine_ls_shell.d_res_high                       2.20 
_refine_ls_shell.d_res_low                        2.28 
_refine_ls_shell.number_reflns_R_work             1201 
_refine_ls_shell.R_factor_R_work                  0.3830000 
_refine_ls_shell.percent_reflns_obs               83.3 
_refine_ls_shell.R_factor_R_free                  0.4080000 
_refine_ls_shell.R_factor_R_free_error            ? 
_refine_ls_shell.percent_reflns_R_free            7.6 
_refine_ls_shell.number_reflns_R_free             110 
_refine_ls_shell.pdbx_refine_id                   'X-RAY DIFFRACTION' 
_refine_ls_shell.number_reflns_all                ? 
_refine_ls_shell.R_factor_all                     ? 
# 
loop_
_pdbx_xplor_file.serial_no 
_pdbx_xplor_file.param_file 
_pdbx_xplor_file.topol_file 
_pdbx_xplor_file.pdbx_refine_id 
1 PARHCSDX.PRO TOPHCSDX.PRO 'X-RAY DIFFRACTION' 
2 PARAM19.SOL  TOPH19.HIS   'X-RAY DIFFRACTION' 
# 
_struct.entry_id                  1BJZ 
_struct.title                     'TETRACYCLINE CHELATED MG2+-ION INITIATES HELIX UNWINDING FOR TET REPRESSOR INDUCTION' 
_struct.pdbx_model_details        ? 
_struct.pdbx_CASP_flag            ? 
_struct.pdbx_model_type_details   ? 
# 
_struct_keywords.entry_id        1BJZ 
_struct_keywords.pdbx_keywords   'TRANSCRIPTION REGULATION' 
_struct_keywords.text            'TRANSCRIPTION REGULATION, DNA-BINDING PROTEIN, HTH-MOTIF' 
# 
loop_
_struct_asym.id 
_struct_asym.pdbx_blank_PDB_chainid_flag 
_struct_asym.pdbx_modified 
_struct_asym.entity_id 
_struct_asym.details 
A N N 1 ? 
B N N 2 ? 
# 
_struct_ref.id                         1 
_struct_ref.db_name                    UNP 
_struct_ref.db_code                    TETR4_ECOLI 
_struct_ref.entity_id                  1 
_struct_ref.pdbx_db_accession          P0ACT4 
_struct_ref.pdbx_align_begin           1 
_struct_ref.pdbx_seq_one_letter_code   
;ARLNRESVIDAALELLNETGIDGLTTRKLAQKLGIEQPTLYWHVKNKRALLDALAVEILARHHDYSLPAAGESWQSFLRN
NAMSFRRALLRYRDGAKVHLGTRPDEKQYDTVETQLRFMTENGFSLRDGLYAISAVSHFTLGAVLEQQEHTAALTDRPAA
PDENLPPLLREALQIMDSDDGEQAFLHGLESLIRGFEVQLTALLQIVGGDKLIIPFC
;
_struct_ref.pdbx_db_isoform            ? 
# 
_struct_ref_seq.align_id                      1 
_struct_ref_seq.ref_id                        1 
_struct_ref_seq.pdbx_PDB_id_code              1BJZ 
_struct_ref_seq.pdbx_strand_id                A 
_struct_ref_seq.seq_align_beg                 2 
_struct_ref_seq.pdbx_seq_align_beg_ins_code   ? 
_struct_ref_seq.seq_align_end                 207 
_struct_ref_seq.pdbx_seq_align_end_ins_code   ? 
_struct_ref_seq.pdbx_db_accession             P0ACT4 
_struct_ref_seq.db_align_beg                  2 
_struct_ref_seq.pdbx_db_align_beg_ins_code    ? 
_struct_ref_seq.db_align_end                  207 
_struct_ref_seq.pdbx_db_align_end_ins_code    ? 
_struct_ref_seq.pdbx_auth_seq_align_beg       3 
_struct_ref_seq.pdbx_auth_seq_align_end       208 
# 
_pdbx_struct_assembly.id                   1 
_pdbx_struct_assembly.details              author_and_software_defined_assembly 
_pdbx_struct_assembly.method_details       PISA,PQS 
_pdbx_struct_assembly.oligomeric_details   dimeric 
_pdbx_struct_assembly.oligomeric_count     2 
# 
loop_
_pdbx_struct_assembly_prop.biol_id 
_pdbx_struct_assembly_prop.type 
_pdbx_struct_assembly_prop.value 
_pdbx_struct_assembly_prop.details 
1 'ABSA (A^2)' 4640  ? 
1 MORE         -38   ? 
1 'SSA (A^2)'  19630 ? 
# 
_pdbx_struct_assembly_gen.assembly_id       1 
_pdbx_struct_assembly_gen.oper_expression   1,2 
_pdbx_struct_assembly_gen.asym_id_list      A,B 
# 
loop_
_pdbx_struct_oper_list.id 
_pdbx_struct_oper_list.type 
_pdbx_struct_oper_list.name 
_pdbx_struct_oper_list.symmetry_operation 
_pdbx_struct_oper_list.matrix[1][1] 
_pdbx_struct_oper_list.matrix[1][2] 
_pdbx_struct_oper_list.matrix[1][3] 
_pdbx_struct_oper_list.vector[1] 
_pdbx_struct_oper_list.matrix[2][1] 
_pdbx_struct_oper_list.matrix[2][2] 
_pdbx_struct_oper_list.matrix[2][3] 
_pdbx_struct_oper_list.vector[2] 
_pdbx_struct_oper_list.matrix[3][1] 
_pdbx_struct_oper_list.matrix[3][2] 
_pdbx_struct_oper_list.matrix[3][3] 
_pdbx_struct_oper_list.vector[3] 
1 'identity operation'         1_555  x,y,z       1.0000000000  0.0000000000 0.0000000000 0.0000000000   0.0000000000 1.0000000000  0.0000000000 0.0000000000  0.0000000000 0.0000000000 1.0000000000 0.0000000000 
2 'crystal symmetry operation' 10_665 -x+1,-y+1,z -0.9079879684 0.2646630755 0.3248250387 -18.9075846135 0.2646630755 -0.2387240855 0.9343255683 -1.4222625826 0.3248250387 0.9343255683 0.1467120539 6.5147245761 
# 
_struct_biol.id   1 
# 
loop_
_struct_conf.conf_type_id 
_struct_conf.id 
_struct_conf.pdbx_PDB_helix_id 
_struct_conf.beg_label_comp_id 
_struct_conf.beg_label_asym_id 
_struct_conf.beg_label_seq_id 
_struct_conf.pdbx_beg_PDB_ins_code 
_struct_conf.end_label_comp_id 
_struct_conf.end_label_asym_id 
_struct_conf.end_label_seq_id 
_struct_conf.pdbx_end_PDB_ins_code 
_struct_conf.beg_auth_comp_id 
_struct_conf.beg_auth_asym_id 
_struct_conf.beg_auth_seq_id 
_struct_conf.end_auth_comp_id 
_struct_conf.end_auth_asym_id 
_struct_conf.end_auth_seq_id 
_struct_conf.pdbx_PDB_helix_class 
_struct_conf.details 
_struct_conf.pdbx_PDB_helix_length 
HELX_P HELX_P1  1  ARG A 5   ? GLY A 23  ? ARG A 6   GLY A 24  1 ? 19 
HELX_P HELX_P2  2  THR A 26  ? LEU A 33  ? THR A 27  LEU A 34  1 ? 8  
HELX_P HELX_P3  3  GLN A 37  ? HIS A 43  ? GLN A 38  HIS A 44  1 ? 7  
HELX_P HELX_P4  4  LYS A 47  ? HIS A 62  ? LYS A 48  HIS A 63  1 ? 16 
HELX_P HELX_P5  5  TRP A 74  ? ARG A 91  ? TRP A 75  ARG A 92  1 ? 18 
HELX_P HELX_P6  6  GLY A 95  ? LEU A 100 ? GLY A 96  LEU A 101 1 ? 6  
HELX_P HELX_P7  7  GLU A 106 ? ASN A 122 ? GLU A 107 ASN A 123 1 ? 17 
HELX_P HELX_P8  8  LEU A 126 ? GLU A 149 ? LEU A 127 GLU A 150 1 ? 24 
HELX_P HELX_P9  9  PRO A 167 ? MET A 176 ? PRO A 168 MET A 177 1 ? 10 
HELX_P HELX_P10 10 GLU A 182 ? LEU A 200 ? GLU A 183 LEU A 201 1 ? 19 
# 
_struct_conf_type.id          HELX_P 
_struct_conf_type.criteria    ? 
_struct_conf_type.reference   ? 
# 
loop_
_pdbx_validate_torsion.id 
_pdbx_validate_torsion.PDB_model_num 
_pdbx_validate_torsion.auth_comp_id 
_pdbx_validate_torsion.auth_asym_id 
_pdbx_validate_torsion.auth_seq_id 
_pdbx_validate_torsion.PDB_ins_code 
_pdbx_validate_torsion.label_alt_id 
_pdbx_validate_torsion.phi 
_pdbx_validate_torsion.psi 
1 1 GLU A 7   ? ? -40.08  -70.85  
2 1 HIS A 64  ? ? -91.81  59.91   
3 1 TYR A 66  ? ? -108.30 54.37   
4 1 LEU A 204 ? ? 57.19   -122.17 
# 
loop_
_pdbx_unobs_or_zero_occ_residues.id 
_pdbx_unobs_or_zero_occ_residues.PDB_model_num 
_pdbx_unobs_or_zero_occ_residues.polymer_flag 
_pdbx_unobs_or_zero_occ_residues.occupancy_flag 
_pdbx_unobs_or_zero_occ_residues.auth_asym_id 
_pdbx_unobs_or_zero_occ_residues.auth_comp_id 
_pdbx_unobs_or_zero_occ_residues.auth_seq_id 
_pdbx_unobs_or_zero_occ_residues.PDB_ins_code 
_pdbx_unobs_or_zero_occ_residues.label_asym_id 
_pdbx_unobs_or_zero_occ_residues.label_comp_id 
_pdbx_unobs_or_zero_occ_residues.label_seq_id 
1  1 Y 1 A THR 152 ? A THR 151 
2  1 Y 1 A ALA 153 ? A ALA 152 
3  1 Y 1 A ALA 154 ? A ALA 153 
4  1 Y 1 A LEU 155 ? A LEU 154 
5  1 Y 1 A THR 156 ? A THR 155 
6  1 Y 1 A ASP 157 ? A ASP 156 
7  1 Y 1 A ARG 158 ? A ARG 157 
8  1 Y 1 A PRO 159 ? A PRO 158 
9  1 Y 1 A ALA 160 ? A ALA 159 
10 1 Y 1 A ALA 161 ? A ALA 160 
11 1 Y 1 A PRO 162 ? A PRO 161 
12 1 Y 1 A ASP 163 ? A ASP 162 
13 1 Y 1 A GLU 164 ? A GLU 163 
# 
loop_
_chem_comp_atom.comp_id 
_chem_comp_atom.atom_id 
_chem_comp_atom.type_symbol 
_chem_comp_atom.pdbx_aromatic_flag 
_chem_comp_atom.pdbx_stereo_config 
_chem_comp_atom.pdbx_ordinal 
ALA N    N N N 1   
ALA CA   C N S 2   
ALA C    C N N 3   
ALA O    O N N 4   
ALA CB   C N N 5   
ALA OXT  O N N 6   
ALA H    H N N 7   
ALA H2   H N N 8   
ALA HA   H N N 9   
ALA HB1  H N N 10  
ALA HB2  H N N 11  
ALA HB3  H N N 12  
ALA HXT  H N N 13  
ARG N    N N N 14  
ARG CA   C N S 15  
ARG C    C N N 16  
ARG O    O N N 17  
ARG CB   C N N 18  
ARG CG   C N N 19  
ARG CD   C N N 20  
ARG NE   N N N 21  
ARG CZ   C N N 22  
ARG NH1  N N N 23  
ARG NH2  N N N 24  
ARG OXT  O N N 25  
ARG H    H N N 26  
ARG H2   H N N 27  
ARG HA   H N N 28  
ARG HB2  H N N 29  
ARG HB3  H N N 30  
ARG HG2  H N N 31  
ARG HG3  H N N 32  
ARG HD2  H N N 33  
ARG HD3  H N N 34  
ARG HE   H N N 35  
ARG HH11 H N N 36  
ARG HH12 H N N 37  
ARG HH21 H N N 38  
ARG HH22 H N N 39  
ARG HXT  H N N 40  
ASN N    N N N 41  
ASN CA   C N S 42  
ASN C    C N N 43  
ASN O    O N N 44  
ASN CB   C N N 45  
ASN CG   C N N 46  
ASN OD1  O N N 47  
ASN ND2  N N N 48  
ASN OXT  O N N 49  
ASN H    H N N 50  
ASN H2   H N N 51  
ASN HA   H N N 52  
ASN HB2  H N N 53  
ASN HB3  H N N 54  
ASN HD21 H N N 55  
ASN HD22 H N N 56  
ASN HXT  H N N 57  
ASP N    N N N 58  
ASP CA   C N S 59  
ASP C    C N N 60  
ASP O    O N N 61  
ASP CB   C N N 62  
ASP CG   C N N 63  
ASP OD1  O N N 64  
ASP OD2  O N N 65  
ASP OXT  O N N 66  
ASP H    H N N 67  
ASP H2   H N N 68  
ASP HA   H N N 69  
ASP HB2  H N N 70  
ASP HB3  H N N 71  
ASP HD2  H N N 72  
ASP HXT  H N N 73  
GLN N    N N N 74  
GLN CA   C N S 75  
GLN C    C N N 76  
GLN O    O N N 77  
GLN CB   C N N 78  
GLN CG   C N N 79  
GLN CD   C N N 80  
GLN OE1  O N N 81  
GLN NE2  N N N 82  
GLN OXT  O N N 83  
GLN H    H N N 84  
GLN H2   H N N 85  
GLN HA   H N N 86  
GLN HB2  H N N 87  
GLN HB3  H N N 88  
GLN HG2  H N N 89  
GLN HG3  H N N 90  
GLN HE21 H N N 91  
GLN HE22 H N N 92  
GLN HXT  H N N 93  
GLU N    N N N 94  
GLU CA   C N S 95  
GLU C    C N N 96  
GLU O    O N N 97  
GLU CB   C N N 98  
GLU CG   C N N 99  
GLU CD   C N N 100 
GLU OE1  O N N 101 
GLU OE2  O N N 102 
GLU OXT  O N N 103 
GLU H    H N N 104 
GLU H2   H N N 105 
GLU HA   H N N 106 
GLU HB2  H N N 107 
GLU HB3  H N N 108 
GLU HG2  H N N 109 
GLU HG3  H N N 110 
GLU HE2  H N N 111 
GLU HXT  H N N 112 
GLY N    N N N 113 
GLY CA   C N N 114 
GLY C    C N N 115 
GLY O    O N N 116 
GLY OXT  O N N 117 
GLY H    H N N 118 
GLY H2   H N N 119 
GLY HA2  H N N 120 
GLY HA3  H N N 121 
GLY HXT  H N N 122 
HIS N    N N N 123 
HIS CA   C N S 124 
HIS C    C N N 125 
HIS O    O N N 126 
HIS CB   C N N 127 
HIS CG   C Y N 128 
HIS ND1  N Y N 129 
HIS CD2  C Y N 130 
HIS CE1  C Y N 131 
HIS NE2  N Y N 132 
HIS OXT  O N N 133 
HIS H    H N N 134 
HIS H2   H N N 135 
HIS HA   H N N 136 
HIS HB2  H N N 137 
HIS HB3  H N N 138 
HIS HD1  H N N 139 
HIS HD2  H N N 140 
HIS HE1  H N N 141 
HIS HE2  H N N 142 
HIS HXT  H N N 143 
HOH O    O N N 144 
HOH H1   H N N 145 
HOH H2   H N N 146 
ILE N    N N N 147 
ILE CA   C N S 148 
ILE C    C N N 149 
ILE O    O N N 150 
ILE CB   C N S 151 
ILE CG1  C N N 152 
ILE CG2  C N N 153 
ILE CD1  C N N 154 
ILE OXT  O N N 155 
ILE H    H N N 156 
ILE H2   H N N 157 
ILE HA   H N N 158 
ILE HB   H N N 159 
ILE HG12 H N N 160 
ILE HG13 H N N 161 
ILE HG21 H N N 162 
ILE HG22 H N N 163 
ILE HG23 H N N 164 
ILE HD11 H N N 165 
ILE HD12 H N N 166 
ILE HD13 H N N 167 
ILE HXT  H N N 168 
LEU N    N N N 169 
LEU CA   C N S 170 
LEU C    C N N 171 
LEU O    O N N 172 
LEU CB   C N N 173 
LEU CG   C N N 174 
LEU CD1  C N N 175 
LEU CD2  C N N 176 
LEU OXT  O N N 177 
LEU H    H N N 178 
LEU H2   H N N 179 
LEU HA   H N N 180 
LEU HB2  H N N 181 
LEU HB3  H N N 182 
LEU HG   H N N 183 
LEU HD11 H N N 184 
LEU HD12 H N N 185 
LEU HD13 H N N 186 
LEU HD21 H N N 187 
LEU HD22 H N N 188 
LEU HD23 H N N 189 
LEU HXT  H N N 190 
LYS N    N N N 191 
LYS CA   C N S 192 
LYS C    C N N 193 
LYS O    O N N 194 
LYS CB   C N N 195 
LYS CG   C N N 196 
LYS CD   C N N 197 
LYS CE   C N N 198 
LYS NZ   N N N 199 
LYS OXT  O N N 200 
LYS H    H N N 201 
LYS H2   H N N 202 
LYS HA   H N N 203 
LYS HB2  H N N 204 
LYS HB3  H N N 205 
LYS HG2  H N N 206 
LYS HG3  H N N 207 
LYS HD2  H N N 208 
LYS HD3  H N N 209 
LYS HE2  H N N 210 
LYS HE3  H N N 211 
LYS HZ1  H N N 212 
LYS HZ2  H N N 213 
LYS HZ3  H N N 214 
LYS HXT  H N N 215 
MET N    N N N 216 
MET CA   C N S 217 
MET C    C N N 218 
MET O    O N N 219 
MET CB   C N N 220 
MET CG   C N N 221 
MET SD   S N N 222 
MET CE   C N N 223 
MET OXT  O N N 224 
MET H    H N N 225 
MET H2   H N N 226 
MET HA   H N N 227 
MET HB2  H N N 228 
MET HB3  H N N 229 
MET HG2  H N N 230 
MET HG3  H N N 231 
MET HE1  H N N 232 
MET HE2  H N N 233 
MET HE3  H N N 234 
MET HXT  H N N 235 
PHE N    N N N 236 
PHE CA   C N S 237 
PHE C    C N N 238 
PHE O    O N N 239 
PHE CB   C N N 240 
PHE CG   C Y N 241 
PHE CD1  C Y N 242 
PHE CD2  C Y N 243 
PHE CE1  C Y N 244 
PHE CE2  C Y N 245 
PHE CZ   C Y N 246 
PHE OXT  O N N 247 
PHE H    H N N 248 
PHE H2   H N N 249 
PHE HA   H N N 250 
PHE HB2  H N N 251 
PHE HB3  H N N 252 
PHE HD1  H N N 253 
PHE HD2  H N N 254 
PHE HE1  H N N 255 
PHE HE2  H N N 256 
PHE HZ   H N N 257 
PHE HXT  H N N 258 
PRO N    N N N 259 
PRO CA   C N S 260 
PRO C    C N N 261 
PRO O    O N N 262 
PRO CB   C N N 263 
PRO CG   C N N 264 
PRO CD   C N N 265 
PRO OXT  O N N 266 
PRO H    H N N 267 
PRO HA   H N N 268 
PRO HB2  H N N 269 
PRO HB3  H N N 270 
PRO HG2  H N N 271 
PRO HG3  H N N 272 
PRO HD2  H N N 273 
PRO HD3  H N N 274 
PRO HXT  H N N 275 
SER N    N N N 276 
SER CA   C N S 277 
SER C    C N N 278 
SER O    O N N 279 
SER CB   C N N 280 
SER OG   O N N 281 
SER OXT  O N N 282 
SER H    H N N 283 
SER H2   H N N 284 
SER HA   H N N 285 
SER HB2  H N N 286 
SER HB3  H N N 287 
SER HG   H N N 288 
SER HXT  H N N 289 
THR N    N N N 290 
THR CA   C N S 291 
THR C    C N N 292 
THR O    O N N 293 
THR CB   C N R 294 
THR OG1  O N N 295 
THR CG2  C N N 296 
THR OXT  O N N 297 
THR H    H N N 298 
THR H2   H N N 299 
THR HA   H N N 300 
THR HB   H N N 301 
THR HG1  H N N 302 
THR HG21 H N N 303 
THR HG22 H N N 304 
THR HG23 H N N 305 
THR HXT  H N N 306 
TRP N    N N N 307 
TRP CA   C N S 308 
TRP C    C N N 309 
TRP O    O N N 310 
TRP CB   C N N 311 
TRP CG   C Y N 312 
TRP CD1  C Y N 313 
TRP CD2  C Y N 314 
TRP NE1  N Y N 315 
TRP CE2  C Y N 316 
TRP CE3  C Y N 317 
TRP CZ2  C Y N 318 
TRP CZ3  C Y N 319 
TRP CH2  C Y N 320 
TRP OXT  O N N 321 
TRP H    H N N 322 
TRP H2   H N N 323 
TRP HA   H N N 324 
TRP HB2  H N N 325 
TRP HB3  H N N 326 
TRP HD1  H N N 327 
TRP HE1  H N N 328 
TRP HE3  H N N 329 
TRP HZ2  H N N 330 
TRP HZ3  H N N 331 
TRP HH2  H N N 332 
TRP HXT  H N N 333 
TYR N    N N N 334 
TYR CA   C N S 335 
TYR C    C N N 336 
TYR O    O N N 337 
TYR CB   C N N 338 
TYR CG   C Y N 339 
TYR CD1  C Y N 340 
TYR CD2  C Y N 341 
TYR CE1  C Y N 342 
TYR CE2  C Y N 343 
TYR CZ   C Y N 344 
TYR OH   O N N 345 
TYR OXT  O N N 346 
TYR H    H N N 347 
TYR H2   H N N 348 
TYR HA   H N N 349 
TYR HB2  H N N 350 
TYR HB3  H N N 351 
TYR HD1  H N N 352 
TYR HD2  H N N 353 
TYR HE1  H N N 354 
TYR HE2  H N N 355 
TYR HH   H N N 356 
TYR HXT  H N N 357 
VAL N    N N N 358 
VAL CA   C N S 359 
VAL C    C N N 360 
VAL O    O N N 361 
VAL CB   C N N 362 
VAL CG1  C N N 363 
VAL CG2  C N N 364 
VAL OXT  O N N 365 
VAL H    H N N 366 
VAL H2   H N N 367 
VAL HA   H N N 368 
VAL HB   H N N 369 
VAL HG11 H N N 370 
VAL HG12 H N N 371 
VAL HG13 H N N 372 
VAL HG21 H N N 373 
VAL HG22 H N N 374 
VAL HG23 H N N 375 
VAL HXT  H N N 376 
# 
loop_
_chem_comp_bond.comp_id 
_chem_comp_bond.atom_id_1 
_chem_comp_bond.atom_id_2 
_chem_comp_bond.value_order 
_chem_comp_bond.pdbx_aromatic_flag 
_chem_comp_bond.pdbx_stereo_config 
_chem_comp_bond.pdbx_ordinal 
ALA N   CA   sing N N 1   
ALA N   H    sing N N 2   
ALA N   H2   sing N N 3   
ALA CA  C    sing N N 4   
ALA CA  CB   sing N N 5   
ALA CA  HA   sing N N 6   
ALA C   O    doub N N 7   
ALA C   OXT  sing N N 8   
ALA CB  HB1  sing N N 9   
ALA CB  HB2  sing N N 10  
ALA CB  HB3  sing N N 11  
ALA OXT HXT  sing N N 12  
ARG N   CA   sing N N 13  
ARG N   H    sing N N 14  
ARG N   H2   sing N N 15  
ARG CA  C    sing N N 16  
ARG CA  CB   sing N N 17  
ARG CA  HA   sing N N 18  
ARG C   O    doub N N 19  
ARG C   OXT  sing N N 20  
ARG CB  CG   sing N N 21  
ARG CB  HB2  sing N N 22  
ARG CB  HB3  sing N N 23  
ARG CG  CD   sing N N 24  
ARG CG  HG2  sing N N 25  
ARG CG  HG3  sing N N 26  
ARG CD  NE   sing N N 27  
ARG CD  HD2  sing N N 28  
ARG CD  HD3  sing N N 29  
ARG NE  CZ   sing N N 30  
ARG NE  HE   sing N N 31  
ARG CZ  NH1  sing N N 32  
ARG CZ  NH2  doub N N 33  
ARG NH1 HH11 sing N N 34  
ARG NH1 HH12 sing N N 35  
ARG NH2 HH21 sing N N 36  
ARG NH2 HH22 sing N N 37  
ARG OXT HXT  sing N N 38  
ASN N   CA   sing N N 39  
ASN N   H    sing N N 40  
ASN N   H2   sing N N 41  
ASN CA  C    sing N N 42  
ASN CA  CB   sing N N 43  
ASN CA  HA   sing N N 44  
ASN C   O    doub N N 45  
ASN C   OXT  sing N N 46  
ASN CB  CG   sing N N 47  
ASN CB  HB2  sing N N 48  
ASN CB  HB3  sing N N 49  
ASN CG  OD1  doub N N 50  
ASN CG  ND2  sing N N 51  
ASN ND2 HD21 sing N N 52  
ASN ND2 HD22 sing N N 53  
ASN OXT HXT  sing N N 54  
ASP N   CA   sing N N 55  
ASP N   H    sing N N 56  
ASP N   H2   sing N N 57  
ASP CA  C    sing N N 58  
ASP CA  CB   sing N N 59  
ASP CA  HA   sing N N 60  
ASP C   O    doub N N 61  
ASP C   OXT  sing N N 62  
ASP CB  CG   sing N N 63  
ASP CB  HB2  sing N N 64  
ASP CB  HB3  sing N N 65  
ASP CG  OD1  doub N N 66  
ASP CG  OD2  sing N N 67  
ASP OD2 HD2  sing N N 68  
ASP OXT HXT  sing N N 69  
GLN N   CA   sing N N 70  
GLN N   H    sing N N 71  
GLN N   H2   sing N N 72  
GLN CA  C    sing N N 73  
GLN CA  CB   sing N N 74  
GLN CA  HA   sing N N 75  
GLN C   O    doub N N 76  
GLN C   OXT  sing N N 77  
GLN CB  CG   sing N N 78  
GLN CB  HB2  sing N N 79  
GLN CB  HB3  sing N N 80  
GLN CG  CD   sing N N 81  
GLN CG  HG2  sing N N 82  
GLN CG  HG3  sing N N 83  
GLN CD  OE1  doub N N 84  
GLN CD  NE2  sing N N 85  
GLN NE2 HE21 sing N N 86  
GLN NE2 HE22 sing N N 87  
GLN OXT HXT  sing N N 88  
GLU N   CA   sing N N 89  
GLU N   H    sing N N 90  
GLU N   H2   sing N N 91  
GLU CA  C    sing N N 92  
GLU CA  CB   sing N N 93  
GLU CA  HA   sing N N 94  
GLU C   O    doub N N 95  
GLU C   OXT  sing N N 96  
GLU CB  CG   sing N N 97  
GLU CB  HB2  sing N N 98  
GLU CB  HB3  sing N N 99  
GLU CG  CD   sing N N 100 
GLU CG  HG2  sing N N 101 
GLU CG  HG3  sing N N 102 
GLU CD  OE1  doub N N 103 
GLU CD  OE2  sing N N 104 
GLU OE2 HE2  sing N N 105 
GLU OXT HXT  sing N N 106 
GLY N   CA   sing N N 107 
GLY N   H    sing N N 108 
GLY N   H2   sing N N 109 
GLY CA  C    sing N N 110 
GLY CA  HA2  sing N N 111 
GLY CA  HA3  sing N N 112 
GLY C   O    doub N N 113 
GLY C   OXT  sing N N 114 
GLY OXT HXT  sing N N 115 
HIS N   CA   sing N N 116 
HIS N   H    sing N N 117 
HIS N   H2   sing N N 118 
HIS CA  C    sing N N 119 
HIS CA  CB   sing N N 120 
HIS CA  HA   sing N N 121 
HIS C   O    doub N N 122 
HIS C   OXT  sing N N 123 
HIS CB  CG   sing N N 124 
HIS CB  HB2  sing N N 125 
HIS CB  HB3  sing N N 126 
HIS CG  ND1  sing Y N 127 
HIS CG  CD2  doub Y N 128 
HIS ND1 CE1  doub Y N 129 
HIS ND1 HD1  sing N N 130 
HIS CD2 NE2  sing Y N 131 
HIS CD2 HD2  sing N N 132 
HIS CE1 NE2  sing Y N 133 
HIS CE1 HE1  sing N N 134 
HIS NE2 HE2  sing N N 135 
HIS OXT HXT  sing N N 136 
HOH O   H1   sing N N 137 
HOH O   H2   sing N N 138 
ILE N   CA   sing N N 139 
ILE N   H    sing N N 140 
ILE N   H2   sing N N 141 
ILE CA  C    sing N N 142 
ILE CA  CB   sing N N 143 
ILE CA  HA   sing N N 144 
ILE C   O    doub N N 145 
ILE C   OXT  sing N N 146 
ILE CB  CG1  sing N N 147 
ILE CB  CG2  sing N N 148 
ILE CB  HB   sing N N 149 
ILE CG1 CD1  sing N N 150 
ILE CG1 HG12 sing N N 151 
ILE CG1 HG13 sing N N 152 
ILE CG2 HG21 sing N N 153 
ILE CG2 HG22 sing N N 154 
ILE CG2 HG23 sing N N 155 
ILE CD1 HD11 sing N N 156 
ILE CD1 HD12 sing N N 157 
ILE CD1 HD13 sing N N 158 
ILE OXT HXT  sing N N 159 
LEU N   CA   sing N N 160 
LEU N   H    sing N N 161 
LEU N   H2   sing N N 162 
LEU CA  C    sing N N 163 
LEU CA  CB   sing N N 164 
LEU CA  HA   sing N N 165 
LEU C   O    doub N N 166 
LEU C   OXT  sing N N 167 
LEU CB  CG   sing N N 168 
LEU CB  HB2  sing N N 169 
LEU CB  HB3  sing N N 170 
LEU CG  CD1  sing N N 171 
LEU CG  CD2  sing N N 172 
LEU CG  HG   sing N N 173 
LEU CD1 HD11 sing N N 174 
LEU CD1 HD12 sing N N 175 
LEU CD1 HD13 sing N N 176 
LEU CD2 HD21 sing N N 177 
LEU CD2 HD22 sing N N 178 
LEU CD2 HD23 sing N N 179 
LEU OXT HXT  sing N N 180 
LYS N   CA   sing N N 181 
LYS N   H    sing N N 182 
LYS N   H2   sing N N 183 
LYS CA  C    sing N N 184 
LYS CA  CB   sing N N 185 
LYS CA  HA   sing N N 186 
LYS C   O    doub N N 187 
LYS C   OXT  sing N N 188 
LYS CB  CG   sing N N 189 
LYS CB  HB2  sing N N 190 
LYS CB  HB3  sing N N 191 
LYS CG  CD   sing N N 192 
LYS CG  HG2  sing N N 193 
LYS CG  HG3  sing N N 194 
LYS CD  CE   sing N N 195 
LYS CD  HD2  sing N N 196 
LYS CD  HD3  sing N N 197 
LYS CE  NZ   sing N N 198 
LYS CE  HE2  sing N N 199 
LYS CE  HE3  sing N N 200 
LYS NZ  HZ1  sing N N 201 
LYS NZ  HZ2  sing N N 202 
LYS NZ  HZ3  sing N N 203 
LYS OXT HXT  sing N N 204 
MET N   CA   sing N N 205 
MET N   H    sing N N 206 
MET N   H2   sing N N 207 
MET CA  C    sing N N 208 
MET CA  CB   sing N N 209 
MET CA  HA   sing N N 210 
MET C   O    doub N N 211 
MET C   OXT  sing N N 212 
MET CB  CG   sing N N 213 
MET CB  HB2  sing N N 214 
MET CB  HB3  sing N N 215 
MET CG  SD   sing N N 216 
MET CG  HG2  sing N N 217 
MET CG  HG3  sing N N 218 
MET SD  CE   sing N N 219 
MET CE  HE1  sing N N 220 
MET CE  HE2  sing N N 221 
MET CE  HE3  sing N N 222 
MET OXT HXT  sing N N 223 
PHE N   CA   sing N N 224 
PHE N   H    sing N N 225 
PHE N   H2   sing N N 226 
PHE CA  C    sing N N 227 
PHE CA  CB   sing N N 228 
PHE CA  HA   sing N N 229 
PHE C   O    doub N N 230 
PHE C   OXT  sing N N 231 
PHE CB  CG   sing N N 232 
PHE CB  HB2  sing N N 233 
PHE CB  HB3  sing N N 234 
PHE CG  CD1  doub Y N 235 
PHE CG  CD2  sing Y N 236 
PHE CD1 CE1  sing Y N 237 
PHE CD1 HD1  sing N N 238 
PHE CD2 CE2  doub Y N 239 
PHE CD2 HD2  sing N N 240 
PHE CE1 CZ   doub Y N 241 
PHE CE1 HE1  sing N N 242 
PHE CE2 CZ   sing Y N 243 
PHE CE2 HE2  sing N N 244 
PHE CZ  HZ   sing N N 245 
PHE OXT HXT  sing N N 246 
PRO N   CA   sing N N 247 
PRO N   CD   sing N N 248 
PRO N   H    sing N N 249 
PRO CA  C    sing N N 250 
PRO CA  CB   sing N N 251 
PRO CA  HA   sing N N 252 
PRO C   O    doub N N 253 
PRO C   OXT  sing N N 254 
PRO CB  CG   sing N N 255 
PRO CB  HB2  sing N N 256 
PRO CB  HB3  sing N N 257 
PRO CG  CD   sing N N 258 
PRO CG  HG2  sing N N 259 
PRO CG  HG3  sing N N 260 
PRO CD  HD2  sing N N 261 
PRO CD  HD3  sing N N 262 
PRO OXT HXT  sing N N 263 
SER N   CA   sing N N 264 
SER N   H    sing N N 265 
SER N   H2   sing N N 266 
SER CA  C    sing N N 267 
SER CA  CB   sing N N 268 
SER CA  HA   sing N N 269 
SER C   O    doub N N 270 
SER C   OXT  sing N N 271 
SER CB  OG   sing N N 272 
SER CB  HB2  sing N N 273 
SER CB  HB3  sing N N 274 
SER OG  HG   sing N N 275 
SER OXT HXT  sing N N 276 
THR N   CA   sing N N 277 
THR N   H    sing N N 278 
THR N   H2   sing N N 279 
THR CA  C    sing N N 280 
THR CA  CB   sing N N 281 
THR CA  HA   sing N N 282 
THR C   O    doub N N 283 
THR C   OXT  sing N N 284 
THR CB  OG1  sing N N 285 
THR CB  CG2  sing N N 286 
THR CB  HB   sing N N 287 
THR OG1 HG1  sing N N 288 
THR CG2 HG21 sing N N 289 
THR CG2 HG22 sing N N 290 
THR CG2 HG23 sing N N 291 
THR OXT HXT  sing N N 292 
TRP N   CA   sing N N 293 
TRP N   H    sing N N 294 
TRP N   H2   sing N N 295 
TRP CA  C    sing N N 296 
TRP CA  CB   sing N N 297 
TRP CA  HA   sing N N 298 
TRP C   O    doub N N 299 
TRP C   OXT  sing N N 300 
TRP CB  CG   sing N N 301 
TRP CB  HB2  sing N N 302 
TRP CB  HB3  sing N N 303 
TRP CG  CD1  doub Y N 304 
TRP CG  CD2  sing Y N 305 
TRP CD1 NE1  sing Y N 306 
TRP CD1 HD1  sing N N 307 
TRP CD2 CE2  doub Y N 308 
TRP CD2 CE3  sing Y N 309 
TRP NE1 CE2  sing Y N 310 
TRP NE1 HE1  sing N N 311 
TRP CE2 CZ2  sing Y N 312 
TRP CE3 CZ3  doub Y N 313 
TRP CE3 HE3  sing N N 314 
TRP CZ2 CH2  doub Y N 315 
TRP CZ2 HZ2  sing N N 316 
TRP CZ3 CH2  sing Y N 317 
TRP CZ3 HZ3  sing N N 318 
TRP CH2 HH2  sing N N 319 
TRP OXT HXT  sing N N 320 
TYR N   CA   sing N N 321 
TYR N   H    sing N N 322 
TYR N   H2   sing N N 323 
TYR CA  C    sing N N 324 
TYR CA  CB   sing N N 325 
TYR CA  HA   sing N N 326 
TYR C   O    doub N N 327 
TYR C   OXT  sing N N 328 
TYR CB  CG   sing N N 329 
TYR CB  HB2  sing N N 330 
TYR CB  HB3  sing N N 331 
TYR CG  CD1  doub Y N 332 
TYR CG  CD2  sing Y N 333 
TYR CD1 CE1  sing Y N 334 
TYR CD1 HD1  sing N N 335 
TYR CD2 CE2  doub Y N 336 
TYR CD2 HD2  sing N N 337 
TYR CE1 CZ   doub Y N 338 
TYR CE1 HE1  sing N N 339 
TYR CE2 CZ   sing Y N 340 
TYR CE2 HE2  sing N N 341 
TYR CZ  OH   sing N N 342 
TYR OH  HH   sing N N 343 
TYR OXT HXT  sing N N 344 
VAL N   CA   sing N N 345 
VAL N   H    sing N N 346 
VAL N   H2   sing N N 347 
VAL CA  C    sing N N 348 
VAL CA  CB   sing N N 349 
VAL CA  HA   sing N N 350 
VAL C   O    doub N N 351 
VAL C   OXT  sing N N 352 
VAL CB  CG1  sing N N 353 
VAL CB  CG2  sing N N 354 
VAL CB  HB   sing N N 355 
VAL CG1 HG11 sing N N 356 
VAL CG1 HG12 sing N N 357 
VAL CG1 HG13 sing N N 358 
VAL CG2 HG21 sing N N 359 
VAL CG2 HG22 sing N N 360 
VAL CG2 HG23 sing N N 361 
VAL OXT HXT  sing N N 362 
# 
_pdbx_initial_refinement_model.id               1 
_pdbx_initial_refinement_model.entity_id_list   ? 
_pdbx_initial_refinement_model.type             'experimental model' 
_pdbx_initial_refinement_model.source_name      PDB 
_pdbx_initial_refinement_model.accession_code   2TCT 
_pdbx_initial_refinement_model.details          'PDB ENTRY 2TCT' 
# 
_atom_sites.entry_id                    1BJZ 
_atom_sites.fract_transf_matrix[1][1]   -0.01107759 
_atom_sites.fract_transf_matrix[1][2]   -0.00543233 
_atom_sites.fract_transf_matrix[1][3]   0.00756410 
_atom_sites.fract_transf_matrix[2][1]   -0.00878011 
_atom_sites.fract_transf_matrix[2][2]   0.01001041 
_atom_sites.fract_transf_matrix[2][3]   -0.00566924 
_atom_sites.fract_transf_matrix[3][1]   -0.00117262 
_atom_sites.fract_transf_matrix[3][2]   -0.00337291 
_atom_sites.fract_transf_matrix[3][3]   -0.00413963 
_atom_sites.fract_transf_vector[1]      0.366780 
_atom_sites.fract_transf_vector[2]      0.442588 
_atom_sites.fract_transf_vector[3]      0.174379 
# 
loop_
_atom_type.symbol 
C 
N 
O 
S 
# 
loop_
_atom_site.group_PDB 
_atom_site.id 
_atom_site.type_symbol 
_atom_site.label_atom_id 
_atom_site.label_alt_id 
_atom_site.label_comp_id 
_atom_site.label_asym_id 
_atom_site.label_entity_id 
_atom_site.label_seq_id 
_atom_site.pdbx_PDB_ins_code 
_atom_site.Cartn_x 
_atom_site.Cartn_y 
_atom_site.Cartn_z 
_atom_site.occupancy 
_atom_site.B_iso_or_equiv 
_atom_site.pdbx_formal_charge 
_atom_site.auth_seq_id 
_atom_site.auth_comp_id 
_atom_site.auth_asym_id 
_atom_site.auth_atom_id 
_atom_site.pdbx_PDB_model_num 
ATOM   1    N N   . SER A 1 1   ? 24.104  14.527  8.195   1.00 90.00  ? 2   SER A N   1 
ATOM   2    C CA  . SER A 1 1   ? 24.576  14.012  9.503   1.00 89.15  ? 2   SER A CA  1 
ATOM   3    C C   . SER A 1 1   ? 23.341  13.698  10.349  1.00 87.31  ? 2   SER A C   1 
ATOM   4    O O   . SER A 1 1   ? 22.511  12.913  9.905   1.00 91.46  ? 2   SER A O   1 
ATOM   5    C CB  . SER A 1 1   ? 25.428  15.074  10.153  1.00 92.93  ? 2   SER A CB  1 
ATOM   6    O OG  . SER A 1 1   ? 24.652  16.229  10.443  1.00 94.96  ? 2   SER A OG  1 
ATOM   7    N N   . ARG A 1 2   ? 23.159  14.334  11.510  1.00 83.64  ? 3   ARG A N   1 
ATOM   8    C CA  . ARG A 1 2   ? 21.963  14.045  12.320  1.00 81.16  ? 3   ARG A CA  1 
ATOM   9    C C   . ARG A 1 2   ? 20.675  14.662  11.811  1.00 81.87  ? 3   ARG A C   1 
ATOM   10   O O   . ARG A 1 2   ? 19.622  14.043  11.933  1.00 87.85  ? 3   ARG A O   1 
ATOM   11   C CB  . ARG A 1 2   ? 22.068  14.499  13.768  1.00 82.95  ? 3   ARG A CB  1 
ATOM   12   C CG  . ARG A 1 2   ? 21.265  13.540  14.736  1.00 78.69  ? 3   ARG A CG  1 
ATOM   13   C CD  . ARG A 1 2   ? 21.587  13.742  16.225  1.00 83.32  ? 3   ARG A CD  1 
ATOM   14   N NE  . ARG A 1 2   ? 23.006  13.732  16.642  1.00 90.10  ? 3   ARG A NE  1 
ATOM   15   C CZ  . ARG A 1 2   ? 24.073  13.357  15.920  1.00 93.01  ? 3   ARG A CZ  1 
ATOM   16   N NH1 . ARG A 1 2   ? 23.976  12.916  14.679  1.00 94.13  ? 3   ARG A NH1 1 
ATOM   17   N NH2 . ARG A 1 2   ? 25.281  13.454  16.444  1.00 93.23  ? 3   ARG A NH2 1 
ATOM   18   N N   . LEU A 1 3   ? 20.714  15.895  11.315  1.00 76.58  ? 4   LEU A N   1 
ATOM   19   C CA  . LEU A 1 3   ? 19.461  16.479  10.846  1.00 68.79  ? 4   LEU A CA  1 
ATOM   20   C C   . LEU A 1 3   ? 19.429  16.794  9.364   1.00 68.94  ? 4   LEU A C   1 
ATOM   21   O O   . LEU A 1 3   ? 19.838  17.865  8.909   1.00 71.10  ? 4   LEU A O   1 
ATOM   22   C CB  . LEU A 1 3   ? 19.078  17.696  11.669  1.00 68.10  ? 4   LEU A CB  1 
ATOM   23   C CG  . LEU A 1 3   ? 18.729  17.440  13.127  1.00 69.23  ? 4   LEU A CG  1 
ATOM   24   C CD1 . LEU A 1 3   ? 18.317  18.751  13.736  1.00 68.26  ? 4   LEU A CD1 1 
ATOM   25   C CD2 . LEU A 1 3   ? 17.610  16.421  13.243  1.00 72.73  ? 4   LEU A CD2 1 
ATOM   26   N N   . ASN A 1 4   ? 18.871  15.845  8.632   1.00 68.68  ? 5   ASN A N   1 
ATOM   27   C CA  . ASN A 1 4   ? 18.735  15.885  7.183   1.00 68.84  ? 5   ASN A CA  1 
ATOM   28   C C   . ASN A 1 4   ? 17.664  14.863  6.841   1.00 65.06  ? 5   ASN A C   1 
ATOM   29   O O   . ASN A 1 4   ? 17.445  13.927  7.613   1.00 64.86  ? 5   ASN A O   1 
ATOM   30   C CB  . ASN A 1 4   ? 20.062  15.511  6.508   1.00 69.31  ? 5   ASN A CB  1 
ATOM   31   C CG  . ASN A 1 4   ? 20.768  14.322  7.172   1.00 70.66  ? 5   ASN A CG  1 
ATOM   32   O OD1 . ASN A 1 4   ? 21.822  13.886  6.706   1.00 74.68  ? 5   ASN A OD1 1 
ATOM   33   N ND2 . ASN A 1 4   ? 20.230  13.835  8.285   1.00 67.05  ? 5   ASN A ND2 1 
ATOM   34   N N   . ARG A 1 5   ? 17.024  15.024  5.685   1.00 62.46  ? 6   ARG A N   1 
ATOM   35   C CA  . ARG A 1 5   ? 15.944  14.132  5.244   1.00 64.69  ? 6   ARG A CA  1 
ATOM   36   C C   . ARG A 1 5   ? 16.195  12.666  5.628   1.00 64.53  ? 6   ARG A C   1 
ATOM   37   O O   . ARG A 1 5   ? 15.417  12.075  6.372   1.00 64.58  ? 6   ARG A O   1 
ATOM   38   C CB  . ARG A 1 5   ? 15.696  14.296  3.732   1.00 65.65  ? 6   ARG A CB  1 
ATOM   39   C CG  . ARG A 1 5   ? 14.273  13.951  3.302   1.00 67.11  ? 6   ARG A CG  1 
ATOM   40   C CD  . ARG A 1 5   ? 13.880  14.547  1.950   1.00 68.40  ? 6   ARG A CD  1 
ATOM   41   N NE  . ARG A 1 5   ? 12.431  14.462  1.752   1.00 73.45  ? 6   ARG A NE  1 
ATOM   42   C CZ  . ARG A 1 5   ? 11.752  15.055  0.772   1.00 75.44  ? 6   ARG A CZ  1 
ATOM   43   N NH1 . ARG A 1 5   ? 12.377  15.787  -0.142  1.00 75.57  ? 6   ARG A NH1 1 
ATOM   44   N NH2 . ARG A 1 5   ? 10.428  14.957  0.740   1.00 75.51  ? 6   ARG A NH2 1 
ATOM   45   N N   . GLU A 1 6   ? 17.347  12.143  5.219   1.00 67.78  ? 7   GLU A N   1 
ATOM   46   C CA  . GLU A 1 6   ? 17.784  10.770  5.500   1.00 69.71  ? 7   GLU A CA  1 
ATOM   47   C C   . GLU A 1 6   ? 17.462  10.284  6.918   1.00 68.24  ? 7   GLU A C   1 
ATOM   48   O O   . GLU A 1 6   ? 16.602  9.428   7.113   1.00 66.23  ? 7   GLU A O   1 
ATOM   49   C CB  . GLU A 1 6   ? 19.303  10.678  5.261   1.00 78.09  ? 7   GLU A CB  1 
ATOM   50   C CG  . GLU A 1 6   ? 20.019  9.465   5.880   1.00 85.39  ? 7   GLU A CG  1 
ATOM   51   C CD  . GLU A 1 6   ? 21.521  9.701   6.091   1.00 90.11  ? 7   GLU A CD  1 
ATOM   52   O OE1 . GLU A 1 6   ? 22.173  10.327  5.216   1.00 87.88  ? 7   GLU A OE1 1 
ATOM   53   O OE2 . GLU A 1 6   ? 22.047  9.264   7.143   1.00 89.99  ? 7   GLU A OE2 1 
ATOM   54   N N   . SER A 1 7   ? 18.169  10.834  7.899   1.00 67.16  ? 8   SER A N   1 
ATOM   55   C CA  . SER A 1 7   ? 17.981  10.456  9.293   1.00 63.40  ? 8   SER A CA  1 
ATOM   56   C C   . SER A 1 7   ? 16.595  10.780  9.815   1.00 60.64  ? 8   SER A C   1 
ATOM   57   O O   . SER A 1 7   ? 15.996  9.965   10.514  1.00 64.05  ? 8   SER A O   1 
ATOM   58   C CB  . SER A 1 7   ? 19.034  11.124  10.178  1.00 61.44  ? 8   SER A CB  1 
ATOM   59   O OG  . SER A 1 7   ? 20.320  10.618  9.881   1.00 66.04  ? 8   SER A OG  1 
ATOM   60   N N   . VAL A 1 8   ? 16.082  11.958  9.471   1.00 52.97  ? 9   VAL A N   1 
ATOM   61   C CA  . VAL A 1 8   ? 14.759  12.355  9.935   1.00 49.14  ? 9   VAL A CA  1 
ATOM   62   C C   . VAL A 1 8   ? 13.735  11.282  9.572   1.00 48.47  ? 9   VAL A C   1 
ATOM   63   O O   . VAL A 1 8   ? 12.919  10.898  10.404  1.00 47.13  ? 9   VAL A O   1 
ATOM   64   C CB  . VAL A 1 8   ? 14.333  13.729  9.372   1.00 49.68  ? 9   VAL A CB  1 
ATOM   65   C CG1 . VAL A 1 8   ? 12.917  14.059  9.813   1.00 44.91  ? 9   VAL A CG1 1 
ATOM   66   C CG2 . VAL A 1 8   ? 15.297  14.814  9.848   1.00 46.31  ? 9   VAL A CG2 1 
ATOM   67   N N   . ILE A 1 9   ? 13.825  10.746  8.362   1.00 44.39  ? 10  ILE A N   1 
ATOM   68   C CA  . ILE A 1 9   ? 12.894  9.706   7.938   1.00 45.55  ? 10  ILE A CA  1 
ATOM   69   C C   . ILE A 1 9   ? 13.197  8.359   8.586   1.00 44.80  ? 10  ILE A C   1 
ATOM   70   O O   . ILE A 1 9   ? 12.276  7.679   9.027   1.00 44.83  ? 10  ILE A O   1 
ATOM   71   C CB  . ILE A 1 9   ? 12.849  9.554   6.410   1.00 41.68  ? 10  ILE A CB  1 
ATOM   72   C CG1 . ILE A 1 9   ? 12.222  10.803  5.792   1.00 39.43  ? 10  ILE A CG1 1 
ATOM   73   C CG2 . ILE A 1 9   ? 12.059  8.315   6.032   1.00 36.06  ? 10  ILE A CG2 1 
ATOM   74   C CD1 . ILE A 1 9   ? 12.243  10.820  4.279   1.00 51.49  ? 10  ILE A CD1 1 
ATOM   75   N N   . ASP A 1 10  ? 14.473  7.972   8.639   1.00 50.46  ? 11  ASP A N   1 
ATOM   76   C CA  . ASP A 1 10  ? 14.866  6.702   9.254   1.00 58.30  ? 11  ASP A CA  1 
ATOM   77   C C   . ASP A 1 10  ? 14.312  6.670   10.665  1.00 55.69  ? 11  ASP A C   1 
ATOM   78   O O   . ASP A 1 10  ? 13.621  5.729   11.064  1.00 55.36  ? 11  ASP A O   1 
ATOM   79   C CB  . ASP A 1 10  ? 16.394  6.564   9.318   1.00 71.63  ? 11  ASP A CB  1 
ATOM   80   C CG  . ASP A 1 10  ? 17.005  6.017   8.027   1.00 83.12  ? 11  ASP A CG  1 
ATOM   81   O OD1 . ASP A 1 10  ? 16.255  5.530   7.152   1.00 87.67  ? 11  ASP A OD1 1 
ATOM   82   O OD2 . ASP A 1 10  ? 18.251  6.060   7.898   1.00 88.11  ? 11  ASP A OD2 1 
ATOM   83   N N   . ALA A 1 11  ? 14.596  7.734   11.403  1.00 57.23  ? 12  ALA A N   1 
ATOM   84   C CA  . ALA A 1 11  ? 14.146  7.880   12.775  1.00 58.09  ? 12  ALA A CA  1 
ATOM   85   C C   . ALA A 1 11  ? 12.618  7.878   12.851  1.00 56.50  ? 12  ALA A C   1 
ATOM   86   O O   . ALA A 1 11  ? 12.043  7.282   13.765  1.00 58.25  ? 12  ALA A O   1 
ATOM   87   C CB  . ALA A 1 11  ? 14.716  9.162   13.375  1.00 50.40  ? 12  ALA A CB  1 
ATOM   88   N N   . ALA A 1 12  ? 11.962  8.495   11.867  1.00 53.03  ? 13  ALA A N   1 
ATOM   89   C CA  . ALA A 1 12  ? 10.495  8.561   11.834  1.00 44.32  ? 13  ALA A CA  1 
ATOM   90   C C   . ALA A 1 12  ? 9.850   7.194   11.617  1.00 41.02  ? 13  ALA A C   1 
ATOM   91   O O   . ALA A 1 12  ? 8.896   6.842   12.309  1.00 36.68  ? 13  ALA A O   1 
ATOM   92   C CB  . ALA A 1 12  ? 10.031  9.536   10.777  1.00 40.02  ? 13  ALA A CB  1 
ATOM   93   N N   . LEU A 1 13  ? 10.374  6.425   10.667  1.00 40.64  ? 14  LEU A N   1 
ATOM   94   C CA  . LEU A 1 13  ? 9.850   5.090   10.395  1.00 42.94  ? 14  LEU A CA  1 
ATOM   95   C C   . LEU A 1 13  ? 10.045  4.227   11.637  1.00 44.06  ? 14  LEU A C   1 
ATOM   96   O O   . LEU A 1 13  ? 9.137   3.517   12.068  1.00 50.53  ? 14  LEU A O   1 
ATOM   97   C CB  . LEU A 1 13  ? 10.560  4.467   9.189   1.00 40.52  ? 14  LEU A CB  1 
ATOM   98   C CG  . LEU A 1 13  ? 10.251  5.073   7.813   1.00 36.94  ? 14  LEU A CG  1 
ATOM   99   C CD1 . LEU A 1 13  ? 11.064  4.398   6.729   1.00 31.75  ? 14  LEU A CD1 1 
ATOM   100  C CD2 . LEU A 1 13  ? 8.781   4.917   7.538   1.00 31.73  ? 14  LEU A CD2 1 
ATOM   101  N N   . GLU A 1 14  ? 11.222  4.346   12.241  1.00 45.92  ? 15  GLU A N   1 
ATOM   102  C CA  . GLU A 1 14  ? 11.575  3.605   13.449  1.00 46.68  ? 15  GLU A CA  1 
ATOM   103  C C   . GLU A 1 14  ? 10.651  3.995   14.603  1.00 45.31  ? 15  GLU A C   1 
ATOM   104  O O   . GLU A 1 14  ? 10.157  3.137   15.337  1.00 50.65  ? 15  GLU A O   1 
ATOM   105  C CB  . GLU A 1 14  ? 13.033  3.884   13.806  1.00 41.68  ? 15  GLU A CB  1 
ATOM   106  C CG  . GLU A 1 14  ? 13.542  3.155   15.011  1.00 49.01  ? 15  GLU A CG  1 
ATOM   107  C CD  . GLU A 1 14  ? 15.031  3.322   15.178  1.00 51.60  ? 15  GLU A CD  1 
ATOM   108  O OE1 . GLU A 1 14  ? 15.547  4.429   14.907  1.00 57.81  ? 15  GLU A OE1 1 
ATOM   109  O OE2 . GLU A 1 14  ? 15.687  2.333   15.566  1.00 48.93  ? 15  GLU A OE2 1 
ATOM   110  N N   . LEU A 1 15  ? 10.392  5.289   14.739  1.00 46.04  ? 16  LEU A N   1 
ATOM   111  C CA  . LEU A 1 15  ? 9.505   5.783   15.787  1.00 46.23  ? 16  LEU A CA  1 
ATOM   112  C C   . LEU A 1 15  ? 8.093   5.284   15.483  1.00 47.42  ? 16  LEU A C   1 
ATOM   113  O O   . LEU A 1 15  ? 7.358   4.882   16.387  1.00 48.17  ? 16  LEU A O   1 
ATOM   114  C CB  . LEU A 1 15  ? 9.533   7.316   15.834  1.00 39.42  ? 16  LEU A CB  1 
ATOM   115  C CG  . LEU A 1 15  ? 8.673   8.043   16.874  1.00 41.90  ? 16  LEU A CG  1 
ATOM   116  C CD1 . LEU A 1 15  ? 9.067   7.639   18.280  1.00 42.75  ? 16  LEU A CD1 1 
ATOM   117  C CD2 . LEU A 1 15  ? 8.825   9.537   16.700  1.00 43.46  ? 16  LEU A CD2 1 
ATOM   118  N N   . LEU A 1 16  ? 7.736   5.277   14.202  1.00 46.06  ? 17  LEU A N   1 
ATOM   119  C CA  . LEU A 1 16  ? 6.423   4.822   13.770  1.00 43.07  ? 17  LEU A CA  1 
ATOM   120  C C   . LEU A 1 16  ? 6.159   3.427   14.314  1.00 41.68  ? 17  LEU A C   1 
ATOM   121  O O   . LEU A 1 16  ? 5.097   3.166   14.880  1.00 42.59  ? 17  LEU A O   1 
ATOM   122  C CB  . LEU A 1 16  ? 6.340   4.811   12.242  1.00 44.54  ? 17  LEU A CB  1 
ATOM   123  C CG  . LEU A 1 16  ? 5.096   4.219   11.574  1.00 37.42  ? 17  LEU A CG  1 
ATOM   124  C CD1 . LEU A 1 16  ? 3.830   4.931   12.032  1.00 28.95  ? 17  LEU A CD1 1 
ATOM   125  C CD2 . LEU A 1 16  ? 5.256   4.329   10.075  1.00 37.51  ? 17  LEU A CD2 1 
ATOM   126  N N   . ASN A 1 17  ? 7.137   2.538   14.184  1.00 41.00  ? 18  ASN A N   1 
ATOM   127  C CA  . ASN A 1 17  ? 6.961   1.177   14.674  1.00 49.21  ? 18  ASN A CA  1 
ATOM   128  C C   . ASN A 1 17  ? 6.783   1.133   16.181  1.00 54.52  ? 18  ASN A C   1 
ATOM   129  O O   . ASN A 1 17  ? 6.024   0.309   16.689  1.00 61.28  ? 18  ASN A O   1 
ATOM   130  C CB  . ASN A 1 17  ? 8.117   0.271   14.248  1.00 45.52  ? 18  ASN A CB  1 
ATOM   131  C CG  . ASN A 1 17  ? 7.978   -0.222  12.815  1.00 48.44  ? 18  ASN A CG  1 
ATOM   132  O OD1 . ASN A 1 17  ? 6.868   -0.414  12.315  1.00 47.84  ? 18  ASN A OD1 1 
ATOM   133  N ND2 . ASN A 1 17  ? 9.107   -0.438  12.151  1.00 47.03  ? 18  ASN A ND2 1 
ATOM   134  N N   . GLU A 1 18  ? 7.442   2.049   16.888  1.00 58.25  ? 19  GLU A N   1 
ATOM   135  C CA  . GLU A 1 18  ? 7.357   2.106   18.347  1.00 57.32  ? 19  GLU A CA  1 
ATOM   136  C C   . GLU A 1 18  ? 6.042   2.634   18.913  1.00 56.15  ? 19  GLU A C   1 
ATOM   137  O O   . GLU A 1 18  ? 5.557   2.108   19.911  1.00 63.58  ? 19  GLU A O   1 
ATOM   138  C CB  . GLU A 1 18  ? 8.500   2.937   18.927  1.00 53.95  ? 19  GLU A CB  1 
ATOM   139  C CG  . GLU A 1 18  ? 9.870   2.316   18.803  1.00 56.59  ? 19  GLU A CG  1 
ATOM   140  C CD  . GLU A 1 18  ? 10.975  3.267   19.236  1.00 62.99  ? 19  GLU A CD  1 
ATOM   141  O OE1 . GLU A 1 18  ? 10.676  4.283   19.907  1.00 66.41  ? 19  GLU A OE1 1 
ATOM   142  O OE2 . GLU A 1 18  ? 12.147  3.000   18.897  1.00 61.16  ? 19  GLU A OE2 1 
ATOM   143  N N   . THR A 1 19  ? 5.465   3.665   18.294  1.00 54.33  ? 20  THR A N   1 
ATOM   144  C CA  . THR A 1 19  ? 4.224   4.260   18.808  1.00 51.16  ? 20  THR A CA  1 
ATOM   145  C C   . THR A 1 19  ? 3.018   4.406   17.858  1.00 50.07  ? 20  THR A C   1 
ATOM   146  O O   . THR A 1 19  ? 2.008   5.031   18.211  1.00 47.52  ? 20  THR A O   1 
ATOM   147  C CB  . THR A 1 19  ? 4.513   5.640   19.456  1.00 50.47  ? 20  THR A CB  1 
ATOM   148  O OG1 . THR A 1 19  ? 5.209   6.481   18.525  1.00 44.90  ? 20  THR A OG1 1 
ATOM   149  C CG2 . THR A 1 19  ? 5.358   5.478   20.712  1.00 51.88  ? 20  THR A CG2 1 
ATOM   150  N N   . GLY A 1 20  ? 3.106   3.835   16.664  1.00 50.05  ? 21  GLY A N   1 
ATOM   151  C CA  . GLY A 1 20  ? 1.999   3.931   15.724  1.00 49.33  ? 21  GLY A CA  1 
ATOM   152  C C   . GLY A 1 20  ? 1.812   5.306   15.113  1.00 44.86  ? 21  GLY A C   1 
ATOM   153  O O   . GLY A 1 20  ? 2.458   6.269   15.516  1.00 48.87  ? 21  GLY A O   1 
ATOM   154  N N   . ILE A 1 21  ? 0.883   5.411   14.175  1.00 45.00  ? 22  ILE A N   1 
ATOM   155  C CA  . ILE A 1 21  ? 0.630   6.677   13.501  1.00 48.10  ? 22  ILE A CA  1 
ATOM   156  C C   . ILE A 1 21  ? 0.017   7.743   14.410  1.00 51.64  ? 22  ILE A C   1 
ATOM   157  O O   . ILE A 1 21  ? 0.168   8.929   14.150  1.00 53.40  ? 22  ILE A O   1 
ATOM   158  C CB  . ILE A 1 21  ? -0.251  6.490   12.224  1.00 44.16  ? 22  ILE A CB  1 
ATOM   159  C CG1 . ILE A 1 21  ? -0.234  7.764   11.377  1.00 45.50  ? 22  ILE A CG1 1 
ATOM   160  C CG2 . ILE A 1 21  ? -1.689  6.138   12.597  1.00 43.11  ? 22  ILE A CG2 1 
ATOM   161  C CD1 . ILE A 1 21  ? -1.093  7.688   10.141  1.00 42.69  ? 22  ILE A CD1 1 
ATOM   162  N N   . ASP A 1 22  ? -0.677  7.333   15.466  1.00 56.52  ? 23  ASP A N   1 
ATOM   163  C CA  . ASP A 1 22  ? -1.283  8.312   16.366  1.00 62.84  ? 23  ASP A CA  1 
ATOM   164  C C   . ASP A 1 22  ? -0.314  8.836   17.411  1.00 65.41  ? 23  ASP A C   1 
ATOM   165  O O   . ASP A 1 22  ? -0.297  10.035  17.708  1.00 59.98  ? 23  ASP A O   1 
ATOM   166  C CB  . ASP A 1 22  ? -2.533  7.746   17.037  1.00 67.08  ? 23  ASP A CB  1 
ATOM   167  C CG  . ASP A 1 22  ? -3.751  7.833   16.145  1.00 75.08  ? 23  ASP A CG  1 
ATOM   168  O OD1 . ASP A 1 22  ? -3.990  8.925   15.577  1.00 78.47  ? 23  ASP A OD1 1 
ATOM   169  O OD2 . ASP A 1 22  ? -4.467  6.815   16.006  1.00 74.16  ? 23  ASP A OD2 1 
ATOM   170  N N   . GLY A 1 23  ? 0.490   7.932   17.966  1.00 63.14  ? 24  GLY A N   1 
ATOM   171  C CA  . GLY A 1 23  ? 1.464   8.323   18.971  1.00 65.71  ? 24  GLY A CA  1 
ATOM   172  C C   . GLY A 1 23  ? 2.626   9.113   18.394  1.00 64.79  ? 24  GLY A C   1 
ATOM   173  O O   . GLY A 1 23  ? 3.431   9.672   19.140  1.00 67.92  ? 24  GLY A O   1 
ATOM   174  N N   . LEU A 1 24  ? 2.714   9.146   17.066  1.00 63.03  ? 25  LEU A N   1 
ATOM   175  C CA  . LEU A 1 24  ? 3.771   9.860   16.356  1.00 58.97  ? 25  LEU A CA  1 
ATOM   176  C C   . LEU A 1 24  ? 3.554   11.382  16.400  1.00 60.63  ? 25  LEU A C   1 
ATOM   177  O O   . LEU A 1 24  ? 2.650   11.920  15.760  1.00 58.16  ? 25  LEU A O   1 
ATOM   178  C CB  . LEU A 1 24  ? 3.839   9.375   14.900  1.00 53.25  ? 25  LEU A CB  1 
ATOM   179  C CG  . LEU A 1 24  ? 5.074   9.680   14.046  1.00 53.64  ? 25  LEU A CG  1 
ATOM   180  C CD1 . LEU A 1 24  ? 6.143   8.622   14.264  1.00 47.98  ? 25  LEU A CD1 1 
ATOM   181  C CD2 . LEU A 1 24  ? 4.680   9.713   12.578  1.00 53.76  ? 25  LEU A CD2 1 
ATOM   182  N N   . THR A 1 25  ? 4.402   12.065  17.163  1.00 61.04  ? 26  THR A N   1 
ATOM   183  C CA  . THR A 1 25  ? 4.348   13.516  17.312  1.00 56.97  ? 26  THR A CA  1 
ATOM   184  C C   . THR A 1 25  ? 5.715   14.093  16.921  1.00 56.36  ? 26  THR A C   1 
ATOM   185  O O   . THR A 1 25  ? 6.739   13.420  17.071  1.00 51.62  ? 26  THR A O   1 
ATOM   186  C CB  . THR A 1 25  ? 4.080   13.910  18.794  1.00 53.87  ? 26  THR A CB  1 
ATOM   187  O OG1 . THR A 1 25  ? 4.951   13.167  19.657  1.00 51.80  ? 26  THR A OG1 1 
ATOM   188  C CG2 . THR A 1 25  ? 2.632   13.678  19.188  1.00 48.94  ? 26  THR A CG2 1 
ATOM   189  N N   . THR A 1 26  ? 5.746   15.335  16.446  1.00 55.52  ? 27  THR A N   1 
ATOM   190  C CA  . THR A 1 26  ? 7.022   15.964  16.104  1.00 53.05  ? 27  THR A CA  1 
ATOM   191  C C   . THR A 1 26  ? 7.818   16.123  17.400  1.00 56.45  ? 27  THR A C   1 
ATOM   192  O O   . THR A 1 26  ? 9.047   16.088  17.393  1.00 55.56  ? 27  THR A O   1 
ATOM   193  C CB  . THR A 1 26  ? 6.824   17.335  15.470  1.00 46.06  ? 27  THR A CB  1 
ATOM   194  O OG1 . THR A 1 26  ? 5.856   18.067  16.223  1.00 50.40  ? 27  THR A OG1 1 
ATOM   195  C CG2 . THR A 1 26  ? 6.347   17.196  14.041  1.00 50.00  ? 27  THR A CG2 1 
ATOM   196  N N   . ARG A 1 27  ? 7.092   16.223  18.515  1.00 59.74  ? 28  ARG A N   1 
ATOM   197  C CA  . ARG A 1 27  ? 7.676   16.362  19.850  1.00 59.86  ? 28  ARG A CA  1 
ATOM   198  C C   . ARG A 1 27  ? 8.533   15.154  20.186  1.00 58.14  ? 28  ARG A C   1 
ATOM   199  O O   . ARG A 1 27  ? 9.714   15.299  20.490  1.00 59.17  ? 28  ARG A O   1 
ATOM   200  C CB  . ARG A 1 27  ? 6.573   16.520  20.903  1.00 66.10  ? 28  ARG A CB  1 
ATOM   201  C CG  . ARG A 1 27  ? 7.060   16.645  22.355  1.00 71.37  ? 28  ARG A CG  1 
ATOM   202  C CD  . ARG A 1 27  ? 6.022   17.372  23.207  1.00 73.53  ? 28  ARG A CD  1 
ATOM   203  N NE  . ARG A 1 27  ? 5.660   18.640  22.572  1.00 76.97  ? 28  ARG A NE  1 
ATOM   204  C CZ  . ARG A 1 27  ? 4.563   19.344  22.832  1.00 73.79  ? 28  ARG A CZ  1 
ATOM   205  N NH1 . ARG A 1 27  ? 3.691   18.921  23.741  1.00 71.22  ? 28  ARG A NH1 1 
ATOM   206  N NH2 . ARG A 1 27  ? 4.318   20.450  22.140  1.00 69.03  ? 28  ARG A NH2 1 
ATOM   207  N N   . LYS A 1 28  ? 7.947   13.960  20.142  1.00 59.41  ? 29  LYS A N   1 
ATOM   208  C CA  . LYS A 1 28  ? 8.722   12.759  20.444  1.00 64.95  ? 29  LYS A CA  1 
ATOM   209  C C   . LYS A 1 28  ? 9.782   12.498  19.364  1.00 65.79  ? 29  LYS A C   1 
ATOM   210  O O   . LYS A 1 28  ? 10.831  11.918  19.664  1.00 68.85  ? 29  LYS A O   1 
ATOM   211  C CB  . LYS A 1 28  ? 7.837   11.517  20.657  1.00 71.43  ? 29  LYS A CB  1 
ATOM   212  C CG  . LYS A 1 28  ? 8.623   10.310  21.236  1.00 77.41  ? 29  LYS A CG  1 
ATOM   213  C CD  . LYS A 1 28  ? 7.783   9.037   21.393  1.00 81.65  ? 29  LYS A CD  1 
ATOM   214  C CE  . LYS A 1 28  ? 6.941   9.022   22.671  1.00 84.88  ? 29  LYS A CE  1 
ATOM   215  N NZ  . LYS A 1 28  ? 7.742   8.787   23.907  1.00 79.62  ? 29  LYS A NZ  1 
ATOM   216  N N   . LEU A 1 29  ? 9.532   12.934  18.125  1.00 57.37  ? 30  LEU A N   1 
ATOM   217  C CA  . LEU A 1 29  ? 10.522  12.745  17.061  1.00 49.91  ? 30  LEU A CA  1 
ATOM   218  C C   . LEU A 1 29  ? 11.761  13.561  17.418  1.00 48.57  ? 30  LEU A C   1 
ATOM   219  O O   . LEU A 1 29  ? 12.889  13.067  17.330  1.00 45.22  ? 30  LEU A O   1 
ATOM   220  C CB  . LEU A 1 29  ? 9.983   13.166  15.693  1.00 48.98  ? 30  LEU A CB  1 
ATOM   221  C CG  . LEU A 1 29  ? 11.022  13.101  14.558  1.00 51.81  ? 30  LEU A CG  1 
ATOM   222  C CD1 . LEU A 1 29  ? 11.618  11.698  14.399  1.00 41.76  ? 30  LEU A CD1 1 
ATOM   223  C CD2 . LEU A 1 29  ? 10.389  13.558  13.264  1.00 55.76  ? 30  LEU A CD2 1 
ATOM   224  N N   . ALA A 1 30  ? 11.535  14.793  17.872  1.00 46.31  ? 31  ALA A N   1 
ATOM   225  C CA  . ALA A 1 30  ? 12.616  15.682  18.287  1.00 47.91  ? 31  ALA A CA  1 
ATOM   226  C C   . ALA A 1 30  ? 13.443  14.983  19.371  1.00 53.35  ? 31  ALA A C   1 
ATOM   227  O O   . ALA A 1 30  ? 14.665  14.867  19.249  1.00 58.24  ? 31  ALA A O   1 
ATOM   228  C CB  . ALA A 1 30  ? 12.042  16.994  18.823  1.00 42.96  ? 31  ALA A CB  1 
ATOM   229  N N   . GLN A 1 31  ? 12.757  14.459  20.389  1.00 56.31  ? 32  GLN A N   1 
ATOM   230  C CA  . GLN A 1 31  ? 13.402  13.758  21.508  1.00 60.59  ? 32  GLN A CA  1 
ATOM   231  C C   . GLN A 1 31  ? 14.201  12.536  21.073  1.00 59.07  ? 32  GLN A C   1 
ATOM   232  O O   . GLN A 1 31  ? 15.297  12.296  21.579  1.00 63.99  ? 32  GLN A O   1 
ATOM   233  C CB  . GLN A 1 31  ? 12.369  13.343  22.561  1.00 61.32  ? 32  GLN A CB  1 
ATOM   234  C CG  . GLN A 1 31  ? 11.655  14.516  23.223  1.00 75.82  ? 32  GLN A CG  1 
ATOM   235  C CD  . GLN A 1 31  ? 10.613  14.084  24.242  1.00 81.26  ? 32  GLN A CD  1 
ATOM   236  O OE1 . GLN A 1 31  ? 10.937  13.432  25.237  1.00 84.09  ? 32  GLN A OE1 1 
ATOM   237  N NE2 . GLN A 1 31  ? 9.354   14.455  24.001  1.00 83.77  ? 32  GLN A NE2 1 
ATOM   238  N N   . LYS A 1 32  ? 13.658  11.768  20.138  1.00 53.31  ? 33  LYS A N   1 
ATOM   239  C CA  . LYS A 1 32  ? 14.342  10.582  19.653  1.00 52.95  ? 33  LYS A CA  1 
ATOM   240  C C   . LYS A 1 32  ? 15.642  11.007  18.990  1.00 54.46  ? 33  LYS A C   1 
ATOM   241  O O   . LYS A 1 32  ? 16.690  10.388  19.198  1.00 54.58  ? 33  LYS A O   1 
ATOM   242  C CB  . LYS A 1 32  ? 13.465  9.839   18.648  1.00 55.29  ? 33  LYS A CB  1 
ATOM   243  C CG  . LYS A 1 32  ? 13.976  8.460   18.291  1.00 52.93  ? 33  LYS A CG  1 
ATOM   244  C CD  . LYS A 1 32  ? 13.044  7.790   17.307  1.00 58.16  ? 33  LYS A CD  1 
ATOM   245  C CE  . LYS A 1 32  ? 13.443  6.346   17.055  1.00 64.06  ? 33  LYS A CE  1 
ATOM   246  N NZ  . LYS A 1 32  ? 13.203  5.482   18.243  1.00 65.60  ? 33  LYS A NZ  1 
ATOM   247  N N   . LEU A 1 33  ? 15.561  12.086  18.210  1.00 55.83  ? 34  LEU A N   1 
ATOM   248  C CA  . LEU A 1 33  ? 16.715  12.622  17.491  1.00 58.84  ? 34  LEU A CA  1 
ATOM   249  C C   . LEU A 1 33  ? 17.711  13.299  18.427  1.00 60.65  ? 34  LEU A C   1 
ATOM   250  O O   . LEU A 1 33  ? 18.904  13.389  18.121  1.00 61.24  ? 34  LEU A O   1 
ATOM   251  C CB  . LEU A 1 33  ? 16.253  13.582  16.388  1.00 54.87  ? 34  LEU A CB  1 
ATOM   252  C CG  . LEU A 1 33  ? 15.614  12.909  15.161  1.00 53.79  ? 34  LEU A CG  1 
ATOM   253  C CD1 . LEU A 1 33  ? 14.907  13.928  14.279  1.00 45.74  ? 34  LEU A CD1 1 
ATOM   254  C CD2 . LEU A 1 33  ? 16.675  12.141  14.375  1.00 47.55  ? 34  LEU A CD2 1 
ATOM   255  N N   . GLY A 1 34  ? 17.215  13.746  19.577  1.00 62.33  ? 35  GLY A N   1 
ATOM   256  C CA  . GLY A 1 34  ? 18.056  14.397  20.563  1.00 58.82  ? 35  GLY A CA  1 
ATOM   257  C C   . GLY A 1 34  ? 18.278  15.873  20.304  1.00 57.09  ? 35  GLY A C   1 
ATOM   258  O O   . GLY A 1 34  ? 19.367  16.391  20.543  1.00 62.70  ? 35  GLY A O   1 
ATOM   259  N N   . ILE A 1 35  ? 17.248  16.562  19.830  1.00 53.16  ? 36  ILE A N   1 
ATOM   260  C CA  . ILE A 1 35  ? 17.363  17.986  19.544  1.00 51.39  ? 36  ILE A CA  1 
ATOM   261  C C   . ILE A 1 35  ? 16.154  18.762  20.071  1.00 50.48  ? 36  ILE A C   1 
ATOM   262  O O   . ILE A 1 35  ? 15.160  18.190  20.489  1.00 50.84  ? 36  ILE A O   1 
ATOM   263  C CB  . ILE A 1 35  ? 17.474  18.257  18.021  1.00 53.25  ? 36  ILE A CB  1 
ATOM   264  C CG1 . ILE A 1 35  ? 16.185  17.830  17.331  1.00 53.10  ? 36  ILE A CG1 1 
ATOM   265  C CG2 . ILE A 1 35  ? 18.657  17.508  17.413  1.00 44.08  ? 36  ILE A CG2 1 
ATOM   266  C CD1 . ILE A 1 35  ? 15.969  18.495  16.018  1.00 60.92  ? 36  ILE A CD1 1 
ATOM   267  N N   . GLU A 1 36  ? 16.259  20.080  20.043  1.00 49.62  ? 37  GLU A N   1 
ATOM   268  C CA  . GLU A 1 36  ? 15.191  20.961  20.480  1.00 51.98  ? 37  GLU A CA  1 
ATOM   269  C C   . GLU A 1 36  ? 14.121  20.986  19.405  1.00 49.30  ? 37  GLU A C   1 
ATOM   270  O O   . GLU A 1 36  ? 14.418  20.913  18.206  1.00 41.17  ? 37  GLU A O   1 
ATOM   271  C CB  . GLU A 1 36  ? 15.722  22.383  20.699  1.00 57.34  ? 37  GLU A CB  1 
ATOM   272  C CG  . GLU A 1 36  ? 16.651  22.532  21.888  1.00 59.67  ? 37  GLU A CG  1 
ATOM   273  C CD  . GLU A 1 36  ? 15.953  22.270  23.204  1.00 66.84  ? 37  GLU A CD  1 
ATOM   274  O OE1 . GLU A 1 36  ? 14.982  22.999  23.517  1.00 70.57  ? 37  GLU A OE1 1 
ATOM   275  O OE2 . GLU A 1 36  ? 16.374  21.336  23.922  1.00 70.54  ? 37  GLU A OE2 1 
ATOM   276  N N   . GLN A 1 37  ? 12.876  21.151  19.827  1.00 50.40  ? 38  GLN A N   1 
ATOM   277  C CA  . GLN A 1 37  ? 11.774  21.190  18.877  1.00 57.16  ? 38  GLN A CA  1 
ATOM   278  C C   . GLN A 1 37  ? 11.953  22.203  17.738  1.00 56.04  ? 38  GLN A C   1 
ATOM   279  O O   . GLN A 1 37  ? 11.676  21.876  16.589  1.00 62.87  ? 38  GLN A O   1 
ATOM   280  C CB  . GLN A 1 37  ? 10.435  21.363  19.595  1.00 57.29  ? 38  GLN A CB  1 
ATOM   281  C CG  . GLN A 1 37  ? 10.040  20.139  20.407  1.00 61.07  ? 38  GLN A CG  1 
ATOM   282  C CD  . GLN A 1 37  ? 8.687   20.277  21.053  1.00 64.56  ? 38  GLN A CD  1 
ATOM   283  O OE1 . GLN A 1 37  ? 8.500   19.893  22.203  1.00 69.85  ? 38  GLN A OE1 1 
ATOM   284  N NE2 . GLN A 1 37  ? 7.729   20.829  20.316  1.00 65.43  ? 38  GLN A NE2 1 
ATOM   285  N N   . PRO A 1 38  ? 12.429  23.434  18.028  1.00 53.32  ? 39  PRO A N   1 
ATOM   286  C CA  . PRO A 1 38  ? 12.614  24.418  16.952  1.00 48.36  ? 39  PRO A CA  1 
ATOM   287  C C   . PRO A 1 38  ? 13.686  24.007  15.934  1.00 48.19  ? 39  PRO A C   1 
ATOM   288  O O   . PRO A 1 38  ? 13.624  24.396  14.768  1.00 47.72  ? 39  PRO A O   1 
ATOM   289  C CB  . PRO A 1 38  ? 13.008  25.677  17.711  1.00 44.93  ? 39  PRO A CB  1 
ATOM   290  C CG  . PRO A 1 38  ? 12.261  25.532  18.981  1.00 46.06  ? 39  PRO A CG  1 
ATOM   291  C CD  . PRO A 1 38  ? 12.548  24.097  19.337  1.00 48.57  ? 39  PRO A CD  1 
ATOM   292  N N   . THR A 1 39  ? 14.677  23.237  16.377  1.00 47.02  ? 40  THR A N   1 
ATOM   293  C CA  . THR A 1 39  ? 15.720  22.766  15.465  1.00 47.23  ? 40  THR A CA  1 
ATOM   294  C C   . THR A 1 39  ? 15.057  21.811  14.472  1.00 45.67  ? 40  THR A C   1 
ATOM   295  O O   . THR A 1 39  ? 15.284  21.882  13.253  1.00 37.56  ? 40  THR A O   1 
ATOM   296  C CB  . THR A 1 39  ? 16.811  22.013  16.226  1.00 46.68  ? 40  THR A CB  1 
ATOM   297  O OG1 . THR A 1 39  ? 17.336  22.864  17.249  1.00 55.29  ? 40  THR A OG1 1 
ATOM   298  C CG2 . THR A 1 39  ? 17.928  21.599  15.297  1.00 44.90  ? 40  THR A CG2 1 
ATOM   299  N N   . LEU A 1 40  ? 14.202  20.940  15.008  1.00 45.23  ? 41  LEU A N   1 
ATOM   300  C CA  . LEU A 1 40  ? 13.468  19.980  14.196  1.00 48.35  ? 41  LEU A CA  1 
ATOM   301  C C   . LEU A 1 40  ? 12.541  20.727  13.228  1.00 46.84  ? 41  LEU A C   1 
ATOM   302  O O   . LEU A 1 40  ? 12.643  20.548  12.015  1.00 45.81  ? 41  LEU A O   1 
ATOM   303  C CB  . LEU A 1 40  ? 12.663  19.034  15.088  1.00 43.10  ? 41  LEU A CB  1 
ATOM   304  C CG  . LEU A 1 40  ? 11.973  17.874  14.365  1.00 44.88  ? 41  LEU A CG  1 
ATOM   305  C CD1 . LEU A 1 40  ? 13.002  17.006  13.665  1.00 41.98  ? 41  LEU A CD1 1 
ATOM   306  C CD2 . LEU A 1 40  ? 11.167  17.055  15.348  1.00 44.15  ? 41  LEU A CD2 1 
ATOM   307  N N   . TYR A 1 41  ? 11.701  21.613  13.768  1.00 49.08  ? 42  TYR A N   1 
ATOM   308  C CA  . TYR A 1 41  ? 10.748  22.423  12.986  1.00 52.75  ? 42  TYR A CA  1 
ATOM   309  C C   . TYR A 1 41  ? 11.356  22.982  11.690  1.00 51.14  ? 42  TYR A C   1 
ATOM   310  O O   . TYR A 1 41  ? 10.699  23.032  10.644  1.00 48.39  ? 42  TYR A O   1 
ATOM   311  C CB  . TYR A 1 41  ? 10.200  23.584  13.849  1.00 53.57  ? 42  TYR A CB  1 
ATOM   312  C CG  . TYR A 1 41  ? 9.297   24.549  13.108  1.00 57.31  ? 42  TYR A CG  1 
ATOM   313  C CD1 . TYR A 1 41  ? 7.928   24.302  12.998  1.00 64.05  ? 42  TYR A CD1 1 
ATOM   314  C CD2 . TYR A 1 41  ? 9.817   25.693  12.484  1.00 60.62  ? 42  TYR A CD2 1 
ATOM   315  C CE1 . TYR A 1 41  ? 7.092   25.160  12.281  1.00 66.98  ? 42  TYR A CE1 1 
ATOM   316  C CE2 . TYR A 1 41  ? 8.990   26.562  11.760  1.00 61.01  ? 42  TYR A CE2 1 
ATOM   317  C CZ  . TYR A 1 41  ? 7.626   26.283  11.666  1.00 64.55  ? 42  TYR A CZ  1 
ATOM   318  O OH  . TYR A 1 41  ? 6.795   27.116  10.950  1.00 66.22  ? 42  TYR A OH  1 
ATOM   319  N N   . TRP A 1 42  ? 12.608  23.415  11.777  1.00 48.46  ? 43  TRP A N   1 
ATOM   320  C CA  . TRP A 1 42  ? 13.309  23.966  10.637  1.00 45.80  ? 43  TRP A CA  1 
ATOM   321  C C   . TRP A 1 42  ? 13.338  22.931  9.503   1.00 45.01  ? 43  TRP A C   1 
ATOM   322  O O   . TRP A 1 42  ? 13.169  23.280  8.338   1.00 45.91  ? 43  TRP A O   1 
ATOM   323  C CB  . TRP A 1 42  ? 14.728  24.349  11.070  1.00 42.45  ? 43  TRP A CB  1 
ATOM   324  C CG  . TRP A 1 42  ? 15.489  25.160  10.073  1.00 40.52  ? 43  TRP A CG  1 
ATOM   325  C CD1 . TRP A 1 42  ? 15.542  26.521  9.996   1.00 45.78  ? 43  TRP A CD1 1 
ATOM   326  C CD2 . TRP A 1 42  ? 16.314  24.667  9.011   1.00 39.16  ? 43  TRP A CD2 1 
ATOM   327  N NE1 . TRP A 1 42  ? 16.344  26.907  8.949   1.00 37.79  ? 43  TRP A NE1 1 
ATOM   328  C CE2 . TRP A 1 42  ? 16.826  25.791  8.326   1.00 42.90  ? 43  TRP A CE2 1 
ATOM   329  C CE3 . TRP A 1 42  ? 16.657  23.387  8.565   1.00 37.39  ? 43  TRP A CE3 1 
ATOM   330  C CZ2 . TRP A 1 42  ? 17.675  25.668  7.222   1.00 42.71  ? 43  TRP A CZ2 1 
ATOM   331  C CZ3 . TRP A 1 42  ? 17.497  23.266  7.470   1.00 35.28  ? 43  TRP A CZ3 1 
ATOM   332  C CH2 . TRP A 1 42  ? 17.993  24.401  6.808   1.00 40.98  ? 43  TRP A CH2 1 
ATOM   333  N N   . HIS A 1 43  ? 13.543  21.665  9.862   1.00 41.37  ? 44  HIS A N   1 
ATOM   334  C CA  . HIS A 1 43  ? 13.608  20.562  8.901   1.00 47.48  ? 44  HIS A CA  1 
ATOM   335  C C   . HIS A 1 43  ? 12.272  19.910  8.560   1.00 49.28  ? 44  HIS A C   1 
ATOM   336  O O   . HIS A 1 43  ? 12.105  19.374  7.468   1.00 49.24  ? 44  HIS A O   1 
ATOM   337  C CB  . HIS A 1 43  ? 14.556  19.484  9.413   1.00 44.47  ? 44  HIS A CB  1 
ATOM   338  C CG  . HIS A 1 43  ? 15.965  19.955  9.572   1.00 54.32  ? 44  HIS A CG  1 
ATOM   339  N ND1 . HIS A 1 43  ? 16.924  19.766  8.598   1.00 57.05  ? 44  HIS A ND1 1 
ATOM   340  C CD2 . HIS A 1 43  ? 16.572  20.626  10.574  1.00 52.41  ? 44  HIS A CD2 1 
ATOM   341  C CE1 . HIS A 1 43  ? 18.062  20.303  8.994   1.00 55.85  ? 44  HIS A CE1 1 
ATOM   342  N NE2 . HIS A 1 43  ? 17.878  20.833  10.189  1.00 58.05  ? 44  HIS A NE2 1 
ATOM   343  N N   . VAL A 1 44  ? 11.357  19.884  9.526   1.00 49.40  ? 45  VAL A N   1 
ATOM   344  C CA  . VAL A 1 44  ? 10.035  19.287  9.350   1.00 41.86  ? 45  VAL A CA  1 
ATOM   345  C C   . VAL A 1 44  ? 9.042   20.242  9.993   1.00 40.32  ? 45  VAL A C   1 
ATOM   346  O O   . VAL A 1 44  ? 9.007   20.375  11.213  1.00 37.84  ? 45  VAL A O   1 
ATOM   347  C CB  . VAL A 1 44  ? 9.931   17.896  10.035  1.00 40.38  ? 45  VAL A CB  1 
ATOM   348  C CG1 . VAL A 1 44  ? 8.608   17.251  9.697   1.00 40.83  ? 45  VAL A CG1 1 
ATOM   349  C CG2 . VAL A 1 44  ? 11.073  16.987  9.608   1.00 37.29  ? 45  VAL A CG2 1 
ATOM   350  N N   . LYS A 1 45  ? 8.243   20.909  9.168   1.00 41.01  ? 46  LYS A N   1 
ATOM   351  C CA  . LYS A 1 45  ? 7.261   21.884  9.620   1.00 43.74  ? 46  LYS A CA  1 
ATOM   352  C C   . LYS A 1 45  ? 6.144   21.323  10.496  1.00 50.12  ? 46  LYS A C   1 
ATOM   353  O O   . LYS A 1 45  ? 5.662   22.020  11.394  1.00 55.64  ? 46  LYS A O   1 
ATOM   354  C CB  . LYS A 1 45  ? 6.671   22.648  8.423   1.00 42.58  ? 46  LYS A CB  1 
ATOM   355  C CG  . LYS A 1 45  ? 7.668   23.572  7.710   1.00 48.67  ? 46  LYS A CG  1 
ATOM   356  C CD  . LYS A 1 45  ? 8.122   24.707  8.619   1.00 55.05  ? 46  LYS A CD  1 
ATOM   357  C CE  . LYS A 1 45  ? 9.382   25.397  8.115   1.00 54.75  ? 46  LYS A CE  1 
ATOM   358  N NZ  . LYS A 1 45  ? 10.566  24.492  8.149   1.00 55.79  ? 46  LYS A NZ  1 
ATOM   359  N N   . ASN A 1 46  ? 5.733   20.079  10.257  1.00 51.50  ? 47  ASN A N   1 
ATOM   360  C CA  . ASN A 1 46  ? 4.654   19.488  11.054  1.00 51.24  ? 47  ASN A CA  1 
ATOM   361  C C   . ASN A 1 46  ? 4.445   18.004  10.786  1.00 49.75  ? 47  ASN A C   1 
ATOM   362  O O   . ASN A 1 46  ? 5.107   17.420  9.926   1.00 53.91  ? 47  ASN A O   1 
ATOM   363  C CB  . ASN A 1 46  ? 3.345   20.235  10.791  1.00 52.21  ? 47  ASN A CB  1 
ATOM   364  C CG  . ASN A 1 46  ? 3.003   20.286  9.321   1.00 56.10  ? 47  ASN A CG  1 
ATOM   365  O OD1 . ASN A 1 46  ? 2.944   19.257  8.657   1.00 67.81  ? 47  ASN A OD1 1 
ATOM   366  N ND2 . ASN A 1 46  ? 2.814   21.482  8.795   1.00 58.60  ? 47  ASN A ND2 1 
ATOM   367  N N   . LYS A 1 47  ? 3.485   17.414  11.491  1.00 47.14  ? 48  LYS A N   1 
ATOM   368  C CA  . LYS A 1 47  ? 3.187   15.998  11.339  1.00 48.32  ? 48  LYS A CA  1 
ATOM   369  C C   . LYS A 1 47  ? 2.733   15.637  9.926   1.00 49.31  ? 48  LYS A C   1 
ATOM   370  O O   . LYS A 1 47  ? 3.161   14.625  9.384   1.00 48.78  ? 48  LYS A O   1 
ATOM   371  C CB  . LYS A 1 47  ? 2.147   15.555  12.366  1.00 53.60  ? 48  LYS A CB  1 
ATOM   372  C CG  . LYS A 1 47  ? 1.902   14.058  12.357  1.00 57.99  ? 48  LYS A CG  1 
ATOM   373  C CD  . LYS A 1 47  ? 1.048   13.602  13.527  1.00 57.86  ? 48  LYS A CD  1 
ATOM   374  C CE  . LYS A 1 47  ? 0.767   12.111  13.430  1.00 50.85  ? 48  LYS A CE  1 
ATOM   375  N NZ  . LYS A 1 47  ? 0.046   11.619  14.626  1.00 49.35  ? 48  LYS A NZ  1 
ATOM   376  N N   . ARG A 1 48  ? 1.874   16.461  9.333   1.00 45.34  ? 49  ARG A N   1 
ATOM   377  C CA  . ARG A 1 48  ? 1.380   16.221  7.975   1.00 45.70  ? 49  ARG A CA  1 
ATOM   378  C C   . ARG A 1 48  ? 2.562   16.061  7.011   1.00 46.10  ? 49  ARG A C   1 
ATOM   379  O O   . ARG A 1 48  ? 2.639   15.078  6.275   1.00 44.35  ? 49  ARG A O   1 
ATOM   380  C CB  . ARG A 1 48  ? 0.473   17.383  7.538   1.00 48.58  ? 49  ARG A CB  1 
ATOM   381  C CG  . ARG A 1 48  ? -0.075  17.330  6.109   1.00 56.64  ? 49  ARG A CG  1 
ATOM   382  C CD  . ARG A 1 48  ? -1.106  16.225  5.915   1.00 68.51  ? 49  ARG A CD  1 
ATOM   383  N NE  . ARG A 1 48  ? -0.474  14.941  5.620   1.00 80.63  ? 49  ARG A NE  1 
ATOM   384  C CZ  . ARG A 1 48  ? -0.972  13.753  5.958   1.00 85.29  ? 49  ARG A CZ  1 
ATOM   385  N NH1 . ARG A 1 48  ? -2.124  13.669  6.616   1.00 86.02  ? 49  ARG A NH1 1 
ATOM   386  N NH2 . ARG A 1 48  ? -0.313  12.642  5.636   1.00 84.09  ? 49  ARG A NH2 1 
ATOM   387  N N   . ALA A 1 49  ? 3.511   16.994  7.069   1.00 46.58  ? 50  ALA A N   1 
ATOM   388  C CA  . ALA A 1 49  ? 4.701   16.965  6.216   1.00 43.91  ? 50  ALA A CA  1 
ATOM   389  C C   . ALA A 1 49  ? 5.463   15.667  6.450   1.00 46.80  ? 50  ALA A C   1 
ATOM   390  O O   . ALA A 1 49  ? 5.921   15.013  5.510   1.00 49.70  ? 50  ALA A O   1 
ATOM   391  C CB  . ALA A 1 49  ? 5.600   18.156  6.524   1.00 42.34  ? 50  ALA A CB  1 
ATOM   392  N N   . LEU A 1 50  ? 5.571   15.295  7.721   1.00 44.02  ? 51  LEU A N   1 
ATOM   393  C CA  . LEU A 1 50  ? 6.261   14.084  8.127   1.00 45.51  ? 51  LEU A CA  1 
ATOM   394  C C   . LEU A 1 50  ? 5.597   12.840  7.538   1.00 44.27  ? 51  LEU A C   1 
ATOM   395  O O   . LEU A 1 50  ? 6.252   12.022  6.897   1.00 44.09  ? 51  LEU A O   1 
ATOM   396  C CB  . LEU A 1 50  ? 6.277   13.999  9.649   1.00 44.02  ? 51  LEU A CB  1 
ATOM   397  C CG  . LEU A 1 50  ? 7.041   12.828  10.247  1.00 46.77  ? 51  LEU A CG  1 
ATOM   398  C CD1 . LEU A 1 50  ? 8.488   12.879  9.765   1.00 42.86  ? 51  LEU A CD1 1 
ATOM   399  C CD2 . LEU A 1 50  ? 6.945   12.894  11.765  1.00 44.18  ? 51  LEU A CD2 1 
ATOM   400  N N   . LEU A 1 51  ? 4.294   12.706  7.749   1.00 44.41  ? 52  LEU A N   1 
ATOM   401  C CA  . LEU A 1 51  ? 3.555   11.567  7.233   1.00 41.64  ? 52  LEU A CA  1 
ATOM   402  C C   . LEU A 1 51  ? 3.696   11.481  5.725   1.00 44.24  ? 52  LEU A C   1 
ATOM   403  O O   . LEU A 1 51  ? 3.973   10.411  5.194   1.00 46.34  ? 52  LEU A O   1 
ATOM   404  C CB  . LEU A 1 51  ? 2.086   11.664  7.630   1.00 40.59  ? 52  LEU A CB  1 
ATOM   405  C CG  . LEU A 1 51  ? 1.795   11.475  9.125   1.00 45.30  ? 52  LEU A CG  1 
ATOM   406  C CD1 . LEU A 1 51  ? 0.335   11.793  9.444   1.00 48.46  ? 52  LEU A CD1 1 
ATOM   407  C CD2 . LEU A 1 51  ? 2.137   10.054  9.548   1.00 46.97  ? 52  LEU A CD2 1 
ATOM   408  N N   . ASP A 1 52  ? 3.567   12.619  5.045   1.00 48.89  ? 53  ASP A N   1 
ATOM   409  C CA  . ASP A 1 52  ? 3.688   12.675  3.586   1.00 50.73  ? 53  ASP A CA  1 
ATOM   410  C C   . ASP A 1 52  ? 4.998   12.058  3.114   1.00 49.28  ? 53  ASP A C   1 
ATOM   411  O O   . ASP A 1 52  ? 5.032   11.270  2.166   1.00 44.54  ? 53  ASP A O   1 
ATOM   412  C CB  . ASP A 1 52  ? 3.613   14.127  3.089   1.00 60.94  ? 53  ASP A CB  1 
ATOM   413  C CG  . ASP A 1 52  ? 2.214   14.732  3.206   1.00 71.15  ? 53  ASP A CG  1 
ATOM   414  O OD1 . ASP A 1 52  ? 1.217   13.999  3.027   1.00 72.81  ? 53  ASP A OD1 1 
ATOM   415  O OD2 . ASP A 1 52  ? 2.114   15.955  3.461   1.00 79.93  ? 53  ASP A OD2 1 
ATOM   416  N N   . ALA A 1 53  ? 6.077   12.408  3.802   1.00 48.99  ? 54  ALA A N   1 
ATOM   417  C CA  . ALA A 1 53  ? 7.401   11.908  3.462   1.00 47.82  ? 54  ALA A CA  1 
ATOM   418  C C   . ALA A 1 53  ? 7.535   10.425  3.782   1.00 43.40  ? 54  ALA A C   1 
ATOM   419  O O   . ALA A 1 53  ? 8.230   9.694   3.079   1.00 46.55  ? 54  ALA A O   1 
ATOM   420  C CB  . ALA A 1 53  ? 8.476   12.714  4.196   1.00 43.92  ? 54  ALA A CB  1 
ATOM   421  N N   . LEU A 1 54  ? 6.871   9.983   4.842   1.00 40.23  ? 55  LEU A N   1 
ATOM   422  C CA  . LEU A 1 54  ? 6.937   8.581   5.227   1.00 41.41  ? 55  LEU A CA  1 
ATOM   423  C C   . LEU A 1 54  ? 6.192   7.698   4.229   1.00 39.96  ? 55  LEU A C   1 
ATOM   424  O O   . LEU A 1 54  ? 6.678   6.640   3.855   1.00 34.95  ? 55  LEU A O   1 
ATOM   425  C CB  . LEU A 1 54  ? 6.389   8.370   6.645   1.00 41.32  ? 55  LEU A CB  1 
ATOM   426  C CG  . LEU A 1 54  ? 7.195   8.951   7.814   1.00 37.57  ? 55  LEU A CG  1 
ATOM   427  C CD1 . LEU A 1 54  ? 6.654   8.416   9.126   1.00 37.48  ? 55  LEU A CD1 1 
ATOM   428  C CD2 . LEU A 1 54  ? 8.655   8.592   7.676   1.00 31.46  ? 55  LEU A CD2 1 
ATOM   429  N N   . ALA A 1 55  ? 5.037   8.161   3.764   1.00 40.16  ? 56  ALA A N   1 
ATOM   430  C CA  . ALA A 1 55  ? 4.227   7.411   2.806   1.00 41.49  ? 56  ALA A CA  1 
ATOM   431  C C   . ALA A 1 55  ? 5.012   7.107   1.538   1.00 44.81  ? 56  ALA A C   1 
ATOM   432  O O   . ALA A 1 55  ? 5.176   5.946   1.170   1.00 52.15  ? 56  ALA A O   1 
ATOM   433  C CB  . ALA A 1 55  ? 2.962   8.180   2.467   1.00 34.67  ? 56  ALA A CB  1 
ATOM   434  N N   . VAL A 1 56  ? 5.526   8.145   0.888   1.00 48.61  ? 57  VAL A N   1 
ATOM   435  C CA  . VAL A 1 56  ? 6.296   7.953   -0.335  1.00 52.33  ? 57  VAL A CA  1 
ATOM   436  C C   . VAL A 1 56  ? 7.559   7.121   -0.074  1.00 53.09  ? 57  VAL A C   1 
ATOM   437  O O   . VAL A 1 56  ? 7.926   6.264   -0.877  1.00 52.66  ? 57  VAL A O   1 
ATOM   438  C CB  . VAL A 1 56  ? 6.651   9.312   -1.031  1.00 50.23  ? 57  VAL A CB  1 
ATOM   439  C CG1 . VAL A 1 56  ? 5.371   10.057  -1.391  1.00 47.63  ? 57  VAL A CG1 1 
ATOM   440  C CG2 . VAL A 1 56  ? 7.554   10.172  -0.151  1.00 42.82  ? 57  VAL A CG2 1 
ATOM   441  N N   . GLU A 1 57  ? 8.176   7.328   1.083   1.00 53.55  ? 58  GLU A N   1 
ATOM   442  C CA  . GLU A 1 57  ? 9.383   6.598   1.434   1.00 53.30  ? 58  GLU A CA  1 
ATOM   443  C C   . GLU A 1 57  ? 9.078   5.122   1.659   1.00 54.02  ? 58  GLU A C   1 
ATOM   444  O O   . GLU A 1 57  ? 9.842   4.252   1.251   1.00 52.02  ? 58  GLU A O   1 
ATOM   445  C CB  . GLU A 1 57  ? 10.026  7.203   2.676   1.00 62.43  ? 58  GLU A CB  1 
ATOM   446  C CG  . GLU A 1 57  ? 11.417  6.661   2.974   1.00 68.98  ? 58  GLU A CG  1 
ATOM   447  C CD  . GLU A 1 57  ? 12.393  6.857   1.824   1.00 69.93  ? 58  GLU A CD  1 
ATOM   448  O OE1 . GLU A 1 57  ? 12.200  7.796   1.008   1.00 67.75  ? 58  GLU A OE1 1 
ATOM   449  O OE2 . GLU A 1 57  ? 13.352  6.057   1.747   1.00 64.80  ? 58  GLU A OE2 1 
ATOM   450  N N   . ILE A 1 58  ? 7.950   4.847   2.299   1.00 52.89  ? 59  ILE A N   1 
ATOM   451  C CA  . ILE A 1 58  ? 7.519   3.481   2.560   1.00 53.31  ? 59  ILE A CA  1 
ATOM   452  C C   . ILE A 1 58  ? 7.369   2.738   1.225   1.00 57.34  ? 59  ILE A C   1 
ATOM   453  O O   . ILE A 1 58  ? 7.846   1.605   1.085   1.00 56.21  ? 59  ILE A O   1 
ATOM   454  C CB  . ILE A 1 58  ? 6.175   3.467   3.343   1.00 55.07  ? 59  ILE A CB  1 
ATOM   455  C CG1 . ILE A 1 58  ? 6.429   3.724   4.831   1.00 52.35  ? 59  ILE A CG1 1 
ATOM   456  C CG2 . ILE A 1 58  ? 5.426   2.153   3.139   1.00 53.18  ? 59  ILE A CG2 1 
ATOM   457  C CD1 . ILE A 1 58  ? 5.182   4.029   5.620   1.00 50.32  ? 59  ILE A CD1 1 
ATOM   458  N N   . LEU A 1 59  ? 6.746   3.397   0.243   1.00 53.27  ? 60  LEU A N   1 
ATOM   459  C CA  . LEU A 1 59  ? 6.532   2.813   -1.085  1.00 54.50  ? 60  LEU A CA  1 
ATOM   460  C C   . LEU A 1 59  ? 7.793   2.696   -1.926  1.00 53.40  ? 60  LEU A C   1 
ATOM   461  O O   . LEU A 1 59  ? 8.088   1.647   -2.478  1.00 56.10  ? 60  LEU A O   1 
ATOM   462  C CB  . LEU A 1 59  ? 5.506   3.615   -1.884  1.00 53.23  ? 60  LEU A CB  1 
ATOM   463  C CG  . LEU A 1 59  ? 4.015   3.415   -1.600  1.00 50.31  ? 60  LEU A CG  1 
ATOM   464  C CD1 . LEU A 1 59  ? 3.685   1.943   -1.482  1.00 54.61  ? 60  LEU A CD1 1 
ATOM   465  C CD2 . LEU A 1 59  ? 3.647   4.106   -0.330  1.00 45.28  ? 60  LEU A CD2 1 
ATOM   466  N N   . ALA A 1 60  ? 8.504   3.800   -2.079  1.00 56.88  ? 61  ALA A N   1 
ATOM   467  C CA  . ALA A 1 60  ? 9.728   3.807   -2.860  1.00 59.85  ? 61  ALA A CA  1 
ATOM   468  C C   . ALA A 1 60  ? 10.702  2.753   -2.323  1.00 59.69  ? 61  ALA A C   1 
ATOM   469  O O   . ALA A 1 60  ? 11.208  1.915   -3.069  1.00 64.90  ? 61  ALA A O   1 
ATOM   470  C CB  . ALA A 1 60  ? 10.362  5.192   -2.810  1.00 57.00  ? 61  ALA A CB  1 
ATOM   471  N N   . ARG A 1 61  ? 10.869  2.748   -1.008  1.00 61.11  ? 62  ARG A N   1 
ATOM   472  C CA  . ARG A 1 61  ? 11.777  1.839   -0.322  1.00 62.59  ? 62  ARG A CA  1 
ATOM   473  C C   . ARG A 1 61  ? 11.368  0.361   -0.312  1.00 65.62  ? 62  ARG A C   1 
ATOM   474  O O   . ARG A 1 61  ? 12.226  -0.524  -0.212  1.00 65.45  ? 62  ARG A O   1 
ATOM   475  C CB  . ARG A 1 61  ? 11.973  2.331   1.120   1.00 64.67  ? 62  ARG A CB  1 
ATOM   476  C CG  . ARG A 1 61  ? 13.069  1.638   1.921   1.00 73.53  ? 62  ARG A CG  1 
ATOM   477  C CD  . ARG A 1 61  ? 13.184  2.201   3.342   1.00 72.37  ? 62  ARG A CD  1 
ATOM   478  N NE  . ARG A 1 61  ? 13.546  3.621   3.361   1.00 71.84  ? 62  ARG A NE  1 
ATOM   479  C CZ  . ARG A 1 61  ? 14.145  4.232   4.383   1.00 71.45  ? 62  ARG A CZ  1 
ATOM   480  N NH1 . ARG A 1 61  ? 14.461  3.553   5.485   1.00 62.93  ? 62  ARG A NH1 1 
ATOM   481  N NH2 . ARG A 1 61  ? 14.420  5.530   4.306   1.00 65.50  ? 62  ARG A NH2 1 
ATOM   482  N N   . HIS A 1 62  ? 10.074  0.077   -0.417  1.00 65.65  ? 63  HIS A N   1 
ATOM   483  C CA  . HIS A 1 62  ? 9.640   -1.313  -0.350  1.00 65.68  ? 63  HIS A CA  1 
ATOM   484  C C   . HIS A 1 62  ? 8.678   -1.839  -1.412  1.00 65.88  ? 63  HIS A C   1 
ATOM   485  O O   . HIS A 1 62  ? 8.454   -3.049  -1.492  1.00 66.14  ? 63  HIS A O   1 
ATOM   486  C CB  . HIS A 1 62  ? 9.101   -1.616  1.052   1.00 66.49  ? 63  HIS A CB  1 
ATOM   487  C CG  . HIS A 1 62  ? 10.147  -1.572  2.123   1.00 69.93  ? 63  HIS A CG  1 
ATOM   488  N ND1 . HIS A 1 62  ? 11.403  -2.113  1.962   1.00 73.11  ? 63  HIS A ND1 1 
ATOM   489  C CD2 . HIS A 1 62  ? 10.115  -1.070  3.382   1.00 71.19  ? 63  HIS A CD2 1 
ATOM   490  C CE1 . HIS A 1 62  ? 12.102  -1.949  3.071   1.00 74.05  ? 63  HIS A CE1 1 
ATOM   491  N NE2 . HIS A 1 62  ? 11.339  -1.319  3.948   1.00 76.98  ? 63  HIS A NE2 1 
ATOM   492  N N   . HIS A 1 63  ? 8.096   -0.953  -2.212  1.00 64.30  ? 64  HIS A N   1 
ATOM   493  C CA  . HIS A 1 63  ? 7.179   -1.375  -3.268  1.00 62.38  ? 64  HIS A CA  1 
ATOM   494  C C   . HIS A 1 63  ? 7.993   -1.574  -4.549  1.00 67.88  ? 64  HIS A C   1 
ATOM   495  O O   . HIS A 1 63  ? 7.728   -0.950  -5.586  1.00 69.19  ? 64  HIS A O   1 
ATOM   496  C CB  . HIS A 1 63  ? 6.066   -0.339  -3.475  1.00 55.82  ? 64  HIS A CB  1 
ATOM   497  C CG  . HIS A 1 63  ? 4.935   -0.806  -4.351  1.00 51.30  ? 64  HIS A CG  1 
ATOM   498  N ND1 . HIS A 1 63  ? 4.764   -2.126  -4.717  1.00 48.01  ? 64  HIS A ND1 1 
ATOM   499  C CD2 . HIS A 1 63  ? 3.917   -0.126  -4.922  1.00 43.91  ? 64  HIS A CD2 1 
ATOM   500  C CE1 . HIS A 1 63  ? 3.688   -2.234  -5.474  1.00 45.79  ? 64  HIS A CE1 1 
ATOM   501  N NE2 . HIS A 1 63  ? 3.154   -1.038  -5.616  1.00 38.51  ? 64  HIS A NE2 1 
ATOM   502  N N   . ASP A 1 64  ? 8.959   -2.486  -4.469  1.00 72.56  ? 65  ASP A N   1 
ATOM   503  C CA  . ASP A 1 64  ? 9.846   -2.815  -5.581  1.00 75.41  ? 65  ASP A CA  1 
ATOM   504  C C   . ASP A 1 64  ? 9.153   -3.220  -6.889  1.00 74.51  ? 65  ASP A C   1 
ATOM   505  O O   . ASP A 1 64  ? 9.747   -3.113  -7.959  1.00 71.46  ? 65  ASP A O   1 
ATOM   506  C CB  . ASP A 1 64  ? 10.876  -3.874  -5.157  1.00 79.25  ? 65  ASP A CB  1 
ATOM   507  C CG  . ASP A 1 64  ? 10.337  -4.841  -4.114  1.00 84.37  ? 65  ASP A CG  1 
ATOM   508  O OD1 . ASP A 1 64  ? 9.289   -5.478  -4.363  1.00 89.22  ? 65  ASP A OD1 1 
ATOM   509  O OD2 . ASP A 1 64  ? 10.968  -4.952  -3.039  1.00 88.09  ? 65  ASP A OD2 1 
ATOM   510  N N   . TYR A 1 65  ? 7.906   -3.676  -6.818  1.00 74.09  ? 66  TYR A N   1 
ATOM   511  C CA  . TYR A 1 65  ? 7.194   -4.045  -8.036  1.00 72.40  ? 66  TYR A CA  1 
ATOM   512  C C   . TYR A 1 65  ? 6.097   -3.027  -8.358  1.00 72.96  ? 66  TYR A C   1 
ATOM   513  O O   . TYR A 1 65  ? 4.921   -3.369  -8.494  1.00 72.00  ? 66  TYR A O   1 
ATOM   514  C CB  . TYR A 1 65  ? 6.620   -5.461  -7.950  1.00 71.59  ? 66  TYR A CB  1 
ATOM   515  C CG  . TYR A 1 65  ? 6.630   -6.148  -9.292  1.00 75.12  ? 66  TYR A CG  1 
ATOM   516  C CD1 . TYR A 1 65  ? 5.778   -5.733  -10.326 1.00 72.85  ? 66  TYR A CD1 1 
ATOM   517  C CD2 . TYR A 1 65  ? 7.557   -7.149  -9.564  1.00 76.36  ? 66  TYR A CD2 1 
ATOM   518  C CE1 . TYR A 1 65  ? 5.862   -6.293  -11.597 1.00 72.57  ? 66  TYR A CE1 1 
ATOM   519  C CE2 . TYR A 1 65  ? 7.650   -7.716  -10.829 1.00 79.47  ? 66  TYR A CE2 1 
ATOM   520  C CZ  . TYR A 1 65  ? 6.805   -7.284  -11.840 1.00 77.38  ? 66  TYR A CZ  1 
ATOM   521  O OH  . TYR A 1 65  ? 6.938   -7.835  -13.091 1.00 81.05  ? 66  TYR A OH  1 
ATOM   522  N N   . SER A 1 66  ? 6.490   -1.763  -8.437  1.00 73.36  ? 67  SER A N   1 
ATOM   523  C CA  . SER A 1 66  ? 5.566   -0.678  -8.737  1.00 72.44  ? 67  SER A CA  1 
ATOM   524  C C   . SER A 1 66  ? 5.217   -0.588  -10.228 1.00 74.89  ? 67  SER A C   1 
ATOM   525  O O   . SER A 1 66  ? 4.085   -0.275  -10.586 1.00 72.10  ? 67  SER A O   1 
ATOM   526  C CB  . SER A 1 66  ? 6.147   0.645   -8.227  1.00 73.20  ? 67  SER A CB  1 
ATOM   527  O OG  . SER A 1 66  ? 7.548   0.710   -8.455  1.00 77.66  ? 67  SER A OG  1 
ATOM   528  N N   . LEU A 1 67  ? 6.190   -0.863  -11.091 1.00 79.52  ? 68  LEU A N   1 
ATOM   529  C CA  . LEU A 1 67  ? 5.978   -0.810  -12.541 1.00 81.42  ? 68  LEU A CA  1 
ATOM   530  C C   . LEU A 1 67  ? 6.274   -2.176  -13.177 1.00 84.77  ? 68  LEU A C   1 
ATOM   531  O O   . LEU A 1 67  ? 7.101   -2.939  -12.671 1.00 87.01  ? 68  LEU A O   1 
ATOM   532  C CB  . LEU A 1 67  ? 6.832   0.306   -13.164 1.00 79.97  ? 68  LEU A CB  1 
ATOM   533  C CG  . LEU A 1 67  ? 6.444   1.726   -12.716 1.00 77.97  ? 68  LEU A CG  1 
ATOM   534  C CD1 . LEU A 1 67  ? 7.505   2.737   -13.099 1.00 76.37  ? 68  LEU A CD1 1 
ATOM   535  C CD2 . LEU A 1 67  ? 5.095   2.113   -13.300 1.00 76.45  ? 68  LEU A CD2 1 
ATOM   536  N N   . PRO A 1 68  ? 5.571   -2.510  -14.273 1.00 83.93  ? 69  PRO A N   1 
ATOM   537  C CA  . PRO A 1 68  ? 5.713   -3.775  -15.005 1.00 82.96  ? 69  PRO A CA  1 
ATOM   538  C C   . PRO A 1 68  ? 7.041   -4.028  -15.713 1.00 82.88  ? 69  PRO A C   1 
ATOM   539  O O   . PRO A 1 68  ? 7.830   -3.113  -15.942 1.00 81.38  ? 69  PRO A O   1 
ATOM   540  C CB  . PRO A 1 68  ? 4.560   -3.713  -15.999 1.00 84.65  ? 69  PRO A CB  1 
ATOM   541  C CG  . PRO A 1 68  ? 4.457   -2.257  -16.286 1.00 82.63  ? 69  PRO A CG  1 
ATOM   542  C CD  . PRO A 1 68  ? 4.555   -1.656  -14.912 1.00 80.35  ? 69  PRO A CD  1 
ATOM   543  N N   . ALA A 1 69  ? 7.255   -5.291  -16.073 1.00 83.05  ? 70  ALA A N   1 
ATOM   544  C CA  . ALA A 1 69  ? 8.459   -5.732  -16.771 1.00 83.99  ? 70  ALA A CA  1 
ATOM   545  C C   . ALA A 1 69  ? 8.091   -5.939  -18.232 1.00 86.90  ? 70  ALA A C   1 
ATOM   546  O O   . ALA A 1 69  ? 7.051   -6.533  -18.516 1.00 88.52  ? 70  ALA A O   1 
ATOM   547  C CB  . ALA A 1 69  ? 8.950   -7.050  -16.170 1.00 78.86  ? 70  ALA A CB  1 
ATOM   548  N N   . ALA A 1 70  ? 8.905   -5.451  -19.165 1.00 88.68  ? 71  ALA A N   1 
ATOM   549  C CA  . ALA A 1 70  ? 8.591   -5.655  -20.580 1.00 87.88  ? 71  ALA A CA  1 
ATOM   550  C C   . ALA A 1 70  ? 8.333   -7.147  -20.850 1.00 84.63  ? 71  ALA A C   1 
ATOM   551  O O   . ALA A 1 70  ? 9.108   -8.002  -20.403 1.00 82.92  ? 71  ALA A O   1 
ATOM   552  C CB  . ALA A 1 70  ? 9.740   -5.139  -21.460 1.00 87.58  ? 71  ALA A CB  1 
ATOM   553  N N   . GLY A 1 71  ? 7.214   -7.452  -21.508 1.00 79.38  ? 72  GLY A N   1 
ATOM   554  C CA  . GLY A 1 71  ? 6.880   -8.832  -21.826 1.00 74.49  ? 72  GLY A CA  1 
ATOM   555  C C   . GLY A 1 71  ? 6.159   -9.612  -20.743 1.00 72.03  ? 72  GLY A C   1 
ATOM   556  O O   . GLY A 1 71  ? 6.253   -10.838 -20.669 1.00 74.79  ? 72  GLY A O   1 
ATOM   557  N N   . GLU A 1 72  ? 5.397   -8.900  -19.926 1.00 65.89  ? 73  GLU A N   1 
ATOM   558  C CA  . GLU A 1 72  ? 4.668   -9.527  -18.838 1.00 58.50  ? 73  GLU A CA  1 
ATOM   559  C C   . GLU A 1 72  ? 3.185   -9.326  -19.040 1.00 50.32  ? 73  GLU A C   1 
ATOM   560  O O   . GLU A 1 72  ? 2.751   -8.297  -19.549 1.00 45.10  ? 73  GLU A O   1 
ATOM   561  C CB  . GLU A 1 72  ? 5.104   -8.916  -17.511 1.00 62.99  ? 73  GLU A CB  1 
ATOM   562  C CG  . GLU A 1 72  ? 4.352   -9.422  -16.303 1.00 72.47  ? 73  GLU A CG  1 
ATOM   563  C CD  . GLU A 1 72  ? 4.874   -8.822  -15.015 1.00 73.79  ? 73  GLU A CD  1 
ATOM   564  O OE1 . GLU A 1 72  ? 5.040   -7.581  -14.955 1.00 71.48  ? 73  GLU A OE1 1 
ATOM   565  O OE2 . GLU A 1 72  ? 5.124   -9.593  -14.064 1.00 70.52  ? 73  GLU A OE2 1 
ATOM   566  N N   . SER A 1 73  ? 2.410   -10.325 -18.660 1.00 46.12  ? 74  SER A N   1 
ATOM   567  C CA  . SER A 1 73  ? 0.978   -10.247 -18.816 1.00 43.02  ? 74  SER A CA  1 
ATOM   568  C C   . SER A 1 73  ? 0.414   -9.306  -17.785 1.00 39.62  ? 74  SER A C   1 
ATOM   569  O O   . SER A 1 73  ? 0.948   -9.200  -16.686 1.00 43.79  ? 74  SER A O   1 
ATOM   570  C CB  . SER A 1 73  ? 0.386   -11.614 -18.621 1.00 45.91  ? 74  SER A CB  1 
ATOM   571  O OG  . SER A 1 73  ? 0.742   -12.151 -17.357 1.00 52.80  ? 74  SER A OG  1 
ATOM   572  N N   . TRP A 1 74  ? -0.708  -8.679  -18.113 1.00 37.40  ? 75  TRP A N   1 
ATOM   573  C CA  . TRP A 1 74  ? -1.340  -7.742  -17.195 1.00 42.41  ? 75  TRP A CA  1 
ATOM   574  C C   . TRP A 1 74  ? -1.801  -8.435  -15.920 1.00 41.39  ? 75  TRP A C   1 
ATOM   575  O O   . TRP A 1 74  ? -1.842  -7.815  -14.859 1.00 36.66  ? 75  TRP A O   1 
ATOM   576  C CB  . TRP A 1 74  ? -2.497  -7.002  -17.873 1.00 38.99  ? 75  TRP A CB  1 
ATOM   577  C CG  . TRP A 1 74  ? -3.668  -7.864  -18.238 1.00 47.23  ? 75  TRP A CG  1 
ATOM   578  C CD1 . TRP A 1 74  ? -3.935  -8.414  -19.460 1.00 48.63  ? 75  TRP A CD1 1 
ATOM   579  C CD2 . TRP A 1 74  ? -4.756  -8.240  -17.386 1.00 51.65  ? 75  TRP A CD2 1 
ATOM   580  N NE1 . TRP A 1 74  ? -5.122  -9.108  -19.420 1.00 43.99  ? 75  TRP A NE1 1 
ATOM   581  C CE2 . TRP A 1 74  ? -5.643  -9.024  -18.158 1.00 46.67  ? 75  TRP A CE2 1 
ATOM   582  C CE3 . TRP A 1 74  ? -5.061  -8.003  -16.039 1.00 53.08  ? 75  TRP A CE3 1 
ATOM   583  C CZ2 . TRP A 1 74  ? -6.819  -9.559  -17.635 1.00 47.43  ? 75  TRP A CZ2 1 
ATOM   584  C CZ3 . TRP A 1 74  ? -6.232  -8.537  -15.517 1.00 53.68  ? 75  TRP A CZ3 1 
ATOM   585  C CH2 . TRP A 1 74  ? -7.093  -9.313  -16.315 1.00 52.42  ? 75  TRP A CH2 1 
ATOM   586  N N   . GLN A 1 75  ? -2.121  -9.726  -16.029 1.00 41.93  ? 76  GLN A N   1 
ATOM   587  C CA  . GLN A 1 75  ? -2.551  -10.508 -14.876 1.00 39.89  ? 76  GLN A CA  1 
ATOM   588  C C   . GLN A 1 75  ? -1.362  -10.619 -13.938 1.00 40.74  ? 76  GLN A C   1 
ATOM   589  O O   . GLN A 1 75  ? -1.451  -10.288 -12.755 1.00 44.42  ? 76  GLN A O   1 
ATOM   590  C CB  . GLN A 1 75  ? -2.998  -11.918 -15.277 1.00 34.94  ? 76  GLN A CB  1 
ATOM   591  C CG  . GLN A 1 75  ? -4.261  -11.992 -16.110 1.00 37.56  ? 76  GLN A CG  1 
ATOM   592  C CD  . GLN A 1 75  ? -3.974  -12.045 -17.599 1.00 43.70  ? 76  GLN A CD  1 
ATOM   593  O OE1 . GLN A 1 75  ? -2.985  -11.486 -18.078 1.00 45.40  ? 76  GLN A OE1 1 
ATOM   594  N NE2 . GLN A 1 75  ? -4.814  -12.757 -18.331 1.00 40.00  ? 76  GLN A NE2 1 
ATOM   595  N N   . SER A 1 76  ? -0.239  -11.072 -14.477 1.00 45.50  ? 77  SER A N   1 
ATOM   596  C CA  . SER A 1 76  ? 0.967   -11.219 -13.678 1.00 49.35  ? 77  SER A CA  1 
ATOM   597  C C   . SER A 1 76  ? 1.326   -9.883  -13.073 1.00 45.90  ? 77  SER A C   1 
ATOM   598  O O   . SER A 1 76  ? 1.699   -9.809  -11.904 1.00 46.16  ? 77  SER A O   1 
ATOM   599  C CB  . SER A 1 76  ? 2.126   -11.735 -14.527 1.00 54.28  ? 77  SER A CB  1 
ATOM   600  O OG  . SER A 1 76  ? 1.874   -13.066 -14.948 1.00 70.05  ? 77  SER A OG  1 
ATOM   601  N N   . PHE A 1 77  ? 1.169   -8.817  -13.848 1.00 42.96  ? 78  PHE A N   1 
ATOM   602  C CA  . PHE A 1 77  ? 1.493   -7.510  -13.330 1.00 43.49  ? 78  PHE A CA  1 
ATOM   603  C C   . PHE A 1 77  ? 0.612   -7.155  -12.143 1.00 44.53  ? 78  PHE A C   1 
ATOM   604  O O   . PHE A 1 77  ? 1.122   -6.916  -11.054 1.00 49.07  ? 78  PHE A O   1 
ATOM   605  C CB  . PHE A 1 77  ? 1.390   -6.424  -14.392 1.00 45.12  ? 78  PHE A CB  1 
ATOM   606  C CG  . PHE A 1 77  ? 1.499   -5.047  -13.822 1.00 51.17  ? 78  PHE A CG  1 
ATOM   607  C CD1 . PHE A 1 77  ? 2.658   -4.652  -13.153 1.00 53.87  ? 78  PHE A CD1 1 
ATOM   608  C CD2 . PHE A 1 77  ? 0.417   -4.175  -13.865 1.00 46.32  ? 78  PHE A CD2 1 
ATOM   609  C CE1 . PHE A 1 77  ? 2.732   -3.408  -12.528 1.00 53.11  ? 78  PHE A CE1 1 
ATOM   610  C CE2 . PHE A 1 77  ? 0.484   -2.931  -13.246 1.00 54.63  ? 78  PHE A CE2 1 
ATOM   611  C CZ  . PHE A 1 77  ? 1.646   -2.548  -12.573 1.00 49.29  ? 78  PHE A CZ  1 
ATOM   612  N N   . LEU A 1 78  ? -0.701  -7.123  -12.339 1.00 38.99  ? 79  LEU A N   1 
ATOM   613  C CA  . LEU A 1 78  ? -1.605  -6.781  -11.250 1.00 40.59  ? 79  LEU A CA  1 
ATOM   614  C C   . LEU A 1 78  ? -1.382  -7.636  -10.002 1.00 43.77  ? 79  LEU A C   1 
ATOM   615  O O   . LEU A 1 78  ? -1.424  -7.130  -8.885  1.00 50.13  ? 79  LEU A O   1 
ATOM   616  C CB  . LEU A 1 78  ? -3.056  -6.906  -11.691 1.00 33.37  ? 79  LEU A CB  1 
ATOM   617  C CG  . LEU A 1 78  ? -3.508  -6.024  -12.844 1.00 34.67  ? 79  LEU A CG  1 
ATOM   618  C CD1 . LEU A 1 78  ? -5.010  -6.150  -12.962 1.00 40.24  ? 79  LEU A CD1 1 
ATOM   619  C CD2 . LEU A 1 78  ? -3.121  -4.577  -12.604 1.00 37.32  ? 79  LEU A CD2 1 
ATOM   620  N N   . ARG A 1 79  ? -1.125  -8.925  -10.199 1.00 46.54  ? 80  ARG A N   1 
ATOM   621  C CA  . ARG A 1 79  ? -0.898  -9.856  -9.101  1.00 42.22  ? 80  ARG A CA  1 
ATOM   622  C C   . ARG A 1 79  ? 0.359   -9.460  -8.340  1.00 42.37  ? 80  ARG A C   1 
ATOM   623  O O   . ARG A 1 79  ? 0.308   -9.176  -7.144  1.00 46.78  ? 80  ARG A O   1 
ATOM   624  C CB  . ARG A 1 79  ? -0.743  -11.272 -9.649  1.00 45.04  ? 80  ARG A CB  1 
ATOM   625  C CG  . ARG A 1 79  ? -0.999  -12.386 -8.652  1.00 48.93  ? 80  ARG A CG  1 
ATOM   626  C CD  . ARG A 1 79  ? -0.667  -13.744 -9.258  1.00 48.72  ? 80  ARG A CD  1 
ATOM   627  N NE  . ARG A 1 79  ? -1.323  -13.961 -10.550 1.00 53.02  ? 80  ARG A NE  1 
ATOM   628  C CZ  . ARG A 1 79  ? -0.681  -14.031 -11.717 1.00 57.85  ? 80  ARG A CZ  1 
ATOM   629  N NH1 . ARG A 1 79  ? 0.644   -13.905 -11.772 1.00 57.60  ? 80  ARG A NH1 1 
ATOM   630  N NH2 . ARG A 1 79  ? -1.362  -14.228 -12.837 1.00 58.11  ? 80  ARG A NH2 1 
ATOM   631  N N   . ASN A 1 80  ? 1.480   -9.409  -9.047  1.00 40.05  ? 81  ASN A N   1 
ATOM   632  C CA  . ASN A 1 80  ? 2.766   -9.049  -8.450  1.00 45.32  ? 81  ASN A CA  1 
ATOM   633  C C   . ASN A 1 80  ? 2.744   -7.656  -7.845  1.00 43.65  ? 81  ASN A C   1 
ATOM   634  O O   . ASN A 1 80  ? 3.342   -7.415  -6.794  1.00 43.73  ? 81  ASN A O   1 
ATOM   635  C CB  . ASN A 1 80  ? 3.886   -9.120  -9.489  1.00 50.11  ? 81  ASN A CB  1 
ATOM   636  C CG  . ASN A 1 80  ? 4.197   -10.538 -9.925  1.00 54.24  ? 81  ASN A CG  1 
ATOM   637  O OD1 . ASN A 1 80  ? 4.081   -11.481 -9.146  1.00 57.57  ? 81  ASN A OD1 1 
ATOM   638  N ND2 . ASN A 1 80  ? 4.602   -10.692 -11.179 1.00 54.74  ? 81  ASN A ND2 1 
ATOM   639  N N   . ASN A 1 81  ? 2.059   -6.742  -8.524  1.00 41.90  ? 82  ASN A N   1 
ATOM   640  C CA  . ASN A 1 81  ? 1.933   -5.357  -8.085  1.00 43.14  ? 82  ASN A CA  1 
ATOM   641  C C   . ASN A 1 81  ? 1.152   -5.273  -6.769  1.00 44.26  ? 82  ASN A C   1 
ATOM   642  O O   . ASN A 1 81  ? 1.518   -4.516  -5.861  1.00 40.72  ? 82  ASN A O   1 
ATOM   643  C CB  . ASN A 1 81  ? 1.234   -4.533  -9.171  1.00 46.04  ? 82  ASN A CB  1 
ATOM   644  C CG  . ASN A 1 81  ? 1.083   -3.066  -8.797  1.00 50.68  ? 82  ASN A CG  1 
ATOM   645  O OD1 . ASN A 1 81  ? -0.031  -2.567  -8.663  1.00 48.33  ? 82  ASN A OD1 1 
ATOM   646  N ND2 . ASN A 1 81  ? 2.206   -2.367  -8.644  1.00 55.23  ? 82  ASN A ND2 1 
ATOM   647  N N   . ALA A 1 82  ? 0.105   -6.084  -6.654  1.00 36.70  ? 83  ALA A N   1 
ATOM   648  C CA  . ALA A 1 82  ? -0.724  -6.108  -5.459  1.00 30.77  ? 83  ALA A CA  1 
ATOM   649  C C   . ALA A 1 82  ? 0.041   -6.708  -4.284  1.00 36.94  ? 83  ALA A C   1 
ATOM   650  O O   . ALA A 1 82  ? -0.052  -6.211  -3.158  1.00 39.28  ? 83  ALA A O   1 
ATOM   651  C CB  . ALA A 1 82  ? -1.996  -6.901  -5.711  1.00 29.54  ? 83  ALA A CB  1 
ATOM   652  N N   . MET A 1 83  ? 0.814   -7.758  -4.543  1.00 39.01  ? 84  MET A N   1 
ATOM   653  C CA  . MET A 1 83  ? 1.587   -8.416  -3.494  1.00 41.88  ? 84  MET A CA  1 
ATOM   654  C C   . MET A 1 83  ? 2.648   -7.477  -2.941  1.00 43.00  ? 84  MET A C   1 
ATOM   655  O O   . MET A 1 83  ? 2.804   -7.352  -1.727  1.00 44.00  ? 84  MET A O   1 
ATOM   656  C CB  . MET A 1 83  ? 2.243   -9.695  -4.017  1.00 46.27  ? 84  MET A CB  1 
ATOM   657  C CG  . MET A 1 83  ? 1.254   -10.793 -4.409  1.00 50.51  ? 84  MET A CG  1 
ATOM   658  S SD  . MET A 1 83  ? 2.085   -12.322 -4.909  1.00 56.95  ? 84  MET A SD  1 
ATOM   659  C CE  . MET A 1 83  ? 2.227   -12.091 -6.662  1.00 49.11  ? 84  MET A CE  1 
ATOM   660  N N   . SER A 1 84  ? 3.341   -6.785  -3.839  1.00 44.48  ? 85  SER A N   1 
ATOM   661  C CA  . SER A 1 84  ? 4.385   -5.838  -3.463  1.00 44.79  ? 85  SER A CA  1 
ATOM   662  C C   . SER A 1 84  ? 3.804   -4.666  -2.655  1.00 43.89  ? 85  SER A C   1 
ATOM   663  O O   . SER A 1 84  ? 4.437   -4.181  -1.723  1.00 45.05  ? 85  SER A O   1 
ATOM   664  C CB  . SER A 1 84  ? 5.095   -5.338  -4.723  1.00 42.78  ? 85  SER A CB  1 
ATOM   665  O OG  . SER A 1 84  ? 6.273   -4.617  -4.420  1.00 44.85  ? 85  SER A OG  1 
ATOM   666  N N   . PHE A 1 85  ? 2.606   -4.212  -3.021  1.00 38.29  ? 86  PHE A N   1 
ATOM   667  C CA  . PHE A 1 85  ? 1.933   -3.117  -2.320  1.00 38.85  ? 86  PHE A CA  1 
ATOM   668  C C   . PHE A 1 85  ? 1.587   -3.560  -0.891  1.00 41.77  ? 86  PHE A C   1 
ATOM   669  O O   . PHE A 1 85  ? 1.830   -2.833  0.075   1.00 42.61  ? 86  PHE A O   1 
ATOM   670  C CB  . PHE A 1 85  ? 0.651   -2.736  -3.074  1.00 35.34  ? 86  PHE A CB  1 
ATOM   671  C CG  . PHE A 1 85  ? -0.080  -1.542  -2.504  1.00 36.88  ? 86  PHE A CG  1 
ATOM   672  C CD1 . PHE A 1 85  ? 0.614   -0.407  -2.092  1.00 44.21  ? 86  PHE A CD1 1 
ATOM   673  C CD2 . PHE A 1 85  ? -1.471  -1.532  -2.436  1.00 35.62  ? 86  PHE A CD2 1 
ATOM   674  C CE1 . PHE A 1 85  ? -0.069  0.720   -1.625  1.00 44.14  ? 86  PHE A CE1 1 
ATOM   675  C CE2 . PHE A 1 85  ? -2.165  -0.411  -1.971  1.00 41.54  ? 86  PHE A CE2 1 
ATOM   676  C CZ  . PHE A 1 85  ? -1.461  0.716   -1.568  1.00 43.28  ? 86  PHE A CZ  1 
ATOM   677  N N   . ARG A 1 86  ? 1.047   -4.771  -0.773  1.00 37.54  ? 87  ARG A N   1 
ATOM   678  C CA  . ARG A 1 86  ? 0.652   -5.340  0.512   1.00 35.05  ? 87  ARG A CA  1 
ATOM   679  C C   . ARG A 1 86  ? 1.868   -5.516  1.413   1.00 33.84  ? 87  ARG A C   1 
ATOM   680  O O   . ARG A 1 86  ? 1.857   -5.074  2.558   1.00 39.51  ? 87  ARG A O   1 
ATOM   681  C CB  . ARG A 1 86  ? -0.044  -6.683  0.286   1.00 37.88  ? 87  ARG A CB  1 
ATOM   682  C CG  . ARG A 1 86  ? -0.416  -7.425  1.545   1.00 39.62  ? 87  ARG A CG  1 
ATOM   683  C CD  . ARG A 1 86  ? -1.157  -8.707  1.226   1.00 32.45  ? 87  ARG A CD  1 
ATOM   684  N NE  . ARG A 1 86  ? -1.270  -9.539  2.414   1.00 36.13  ? 87  ARG A NE  1 
ATOM   685  C CZ  . ARG A 1 86  ? -0.339  -10.399 2.803   1.00 35.72  ? 87  ARG A CZ  1 
ATOM   686  N NH1 . ARG A 1 86  ? 0.772   -10.551 2.091   1.00 32.70  ? 87  ARG A NH1 1 
ATOM   687  N NH2 . ARG A 1 86  ? -0.498  -11.074 3.927   1.00 35.42  ? 87  ARG A NH2 1 
ATOM   688  N N   . ARG A 1 87  ? 2.914   -6.149  0.891   1.00 32.74  ? 88  ARG A N   1 
ATOM   689  C CA  . ARG A 1 87  ? 4.137   -6.361  1.654   1.00 39.98  ? 88  ARG A CA  1 
ATOM   690  C C   . ARG A 1 87  ? 4.727   -5.015  2.085   1.00 40.16  ? 88  ARG A C   1 
ATOM   691  O O   . ARG A 1 87  ? 5.175   -4.858  3.220   1.00 46.32  ? 88  ARG A O   1 
ATOM   692  C CB  . ARG A 1 87  ? 5.167   -7.140  0.832   1.00 46.41  ? 88  ARG A CB  1 
ATOM   693  C CG  . ARG A 1 87  ? 4.763   -8.567  0.510   1.00 61.18  ? 88  ARG A CG  1 
ATOM   694  C CD  . ARG A 1 87  ? 5.888   -9.318  -0.193  1.00 69.82  ? 88  ARG A CD  1 
ATOM   695  N NE  . ARG A 1 87  ? 5.404   -10.553 -0.811  1.00 78.43  ? 88  ARG A NE  1 
ATOM   696  C CZ  . ARG A 1 87  ? 5.407   -11.751 -0.228  1.00 80.63  ? 88  ARG A CZ  1 
ATOM   697  N NH1 . ARG A 1 87  ? 5.878   -11.902 1.005   1.00 79.39  ? 88  ARG A NH1 1 
ATOM   698  N NH2 . ARG A 1 87  ? 4.920   -12.801 -0.882  1.00 80.87  ? 88  ARG A NH2 1 
ATOM   699  N N   . ALA A 1 88  ? 4.697   -4.042  1.181   1.00 34.88  ? 89  ALA A N   1 
ATOM   700  C CA  . ALA A 1 88  ? 5.220   -2.717  1.461   1.00 34.56  ? 89  ALA A CA  1 
ATOM   701  C C   . ALA A 1 88  ? 4.440   -2.089  2.605   1.00 39.04  ? 89  ALA A C   1 
ATOM   702  O O   . ALA A 1 88  ? 5.027   -1.586  3.565   1.00 42.26  ? 89  ALA A O   1 
ATOM   703  C CB  . ALA A 1 88  ? 5.129   -1.846  0.225   1.00 31.45  ? 89  ALA A CB  1 
ATOM   704  N N   . LEU A 1 89  ? 3.119   -2.157  2.520   1.00 36.98  ? 90  LEU A N   1 
ATOM   705  C CA  . LEU A 1 89  ? 2.268   -1.589  3.546   1.00 35.03  ? 90  LEU A CA  1 
ATOM   706  C C   . LEU A 1 89  ? 2.413   -2.304  4.885   1.00 37.23  ? 90  LEU A C   1 
ATOM   707  O O   . LEU A 1 89  ? 2.255   -1.684  5.938   1.00 42.40  ? 90  LEU A O   1 
ATOM   708  C CB  . LEU A 1 89  ? 0.807   -1.587  3.089   1.00 33.97  ? 90  LEU A CB  1 
ATOM   709  C CG  . LEU A 1 89  ? 0.437   -0.642  1.941   1.00 34.29  ? 90  LEU A CG  1 
ATOM   710  C CD1 . LEU A 1 89  ? -1.017  -0.814  1.586   1.00 30.23  ? 90  LEU A CD1 1 
ATOM   711  C CD2 . LEU A 1 89  ? 0.704   0.798   2.341   1.00 37.07  ? 90  LEU A CD2 1 
ATOM   712  N N   . LEU A 1 90  ? 2.750   -3.590  4.851   1.00 39.77  ? 91  LEU A N   1 
ATOM   713  C CA  . LEU A 1 90  ? 2.897   -4.376  6.079   1.00 43.02  ? 91  LEU A CA  1 
ATOM   714  C C   . LEU A 1 90  ? 4.245   -4.240  6.768   1.00 47.02  ? 91  LEU A C   1 
ATOM   715  O O   . LEU A 1 90  ? 4.399   -4.673  7.912   1.00 51.78  ? 91  LEU A O   1 
ATOM   716  C CB  . LEU A 1 90  ? 2.645   -5.863  5.820   1.00 40.26  ? 91  LEU A CB  1 
ATOM   717  C CG  . LEU A 1 90  ? 1.241   -6.387  5.531   1.00 42.00  ? 91  LEU A CG  1 
ATOM   718  C CD1 . LEU A 1 90  ? 1.325   -7.892  5.339   1.00 43.56  ? 91  LEU A CD1 1 
ATOM   719  C CD2 . LEU A 1 90  ? 0.287   -6.059  6.663   1.00 36.14  ? 91  LEU A CD2 1 
ATOM   720  N N   . ARG A 1 91  ? 5.219   -3.657  6.078   1.00 49.16  ? 92  ARG A N   1 
ATOM   721  C CA  . ARG A 1 91  ? 6.556   -3.496  6.639   1.00 51.29  ? 92  ARG A CA  1 
ATOM   722  C C   . ARG A 1 91  ? 6.583   -2.589  7.869   1.00 48.46  ? 92  ARG A C   1 
ATOM   723  O O   . ARG A 1 91  ? 7.415   -2.768  8.755   1.00 55.63  ? 92  ARG A O   1 
ATOM   724  C CB  . ARG A 1 91  ? 7.514   -2.962  5.572   1.00 55.18  ? 92  ARG A CB  1 
ATOM   725  C CG  . ARG A 1 91  ? 8.985   -3.191  5.876   1.00 64.00  ? 92  ARG A CG  1 
ATOM   726  C CD  . ARG A 1 91  ? 9.316   -4.680  6.007   1.00 76.78  ? 92  ARG A CD  1 
ATOM   727  N NE  . ARG A 1 91  ? 9.094   -5.432  4.770   1.00 83.64  ? 92  ARG A NE  1 
ATOM   728  C CZ  . ARG A 1 91  ? 8.146   -6.353  4.601   1.00 85.04  ? 92  ARG A CZ  1 
ATOM   729  N NH1 . ARG A 1 91  ? 7.310   -6.649  5.590   1.00 81.57  ? 92  ARG A NH1 1 
ATOM   730  N NH2 . ARG A 1 91  ? 8.041   -6.989  3.440   1.00 84.61  ? 92  ARG A NH2 1 
ATOM   731  N N   . TYR A 1 92  ? 5.681   -1.613  7.918   1.00 45.81  ? 93  TYR A N   1 
ATOM   732  C CA  . TYR A 1 92  ? 5.625   -0.683  9.040   1.00 38.81  ? 93  TYR A CA  1 
ATOM   733  C C   . TYR A 1 92  ? 4.268   -0.642  9.727   1.00 36.87  ? 93  TYR A C   1 
ATOM   734  O O   . TYR A 1 92  ? 3.213   -0.771  9.095   1.00 36.16  ? 93  TYR A O   1 
ATOM   735  C CB  . TYR A 1 92  ? 6.041   0.735   8.597   1.00 43.71  ? 93  TYR A CB  1 
ATOM   736  C CG  . TYR A 1 92  ? 7.477   0.825   8.117   1.00 44.64  ? 93  TYR A CG  1 
ATOM   737  C CD1 . TYR A 1 92  ? 8.530   0.893   9.027   1.00 42.63  ? 93  TYR A CD1 1 
ATOM   738  C CD2 . TYR A 1 92  ? 7.786   0.757   6.756   1.00 46.72  ? 93  TYR A CD2 1 
ATOM   739  C CE1 . TYR A 1 92  ? 9.860   0.882   8.598   1.00 45.72  ? 93  TYR A CE1 1 
ATOM   740  C CE2 . TYR A 1 92  ? 9.116   0.743   6.314   1.00 49.91  ? 93  TYR A CE2 1 
ATOM   741  C CZ  . TYR A 1 92  ? 10.149  0.803   7.241   1.00 51.48  ? 93  TYR A CZ  1 
ATOM   742  O OH  . TYR A 1 92  ? 11.464  0.763   6.808   1.00 53.06  ? 93  TYR A OH  1 
ATOM   743  N N   . ARG A 1 93  ? 4.309   -0.485  11.042  1.00 34.52  ? 94  ARG A N   1 
ATOM   744  C CA  . ARG A 1 93  ? 3.114   -0.415  11.860  1.00 34.83  ? 94  ARG A CA  1 
ATOM   745  C C   . ARG A 1 93  ? 2.255   0.720   11.319  1.00 36.53  ? 94  ARG A C   1 
ATOM   746  O O   . ARG A 1 93  ? 2.763   1.810   11.099  1.00 41.76  ? 94  ARG A O   1 
ATOM   747  C CB  . ARG A 1 93  ? 3.529   -0.145  13.306  1.00 34.85  ? 94  ARG A CB  1 
ATOM   748  C CG  . ARG A 1 93  ? 2.393   0.003   14.273  1.00 43.23  ? 94  ARG A CG  1 
ATOM   749  C CD  . ARG A 1 93  ? 2.921   0.133   15.688  1.00 44.45  ? 94  ARG A CD  1 
ATOM   750  N NE  . ARG A 1 93  ? 1.869   0.555   16.606  1.00 52.86  ? 94  ARG A NE  1 
ATOM   751  C CZ  . ARG A 1 93  ? 2.032   0.720   17.914  1.00 46.09  ? 94  ARG A CZ  1 
ATOM   752  N NH1 . ARG A 1 93  ? 3.208   0.500   18.481  1.00 47.14  ? 94  ARG A NH1 1 
ATOM   753  N NH2 . ARG A 1 93  ? 1.010   1.114   18.656  1.00 47.35  ? 94  ARG A NH2 1 
ATOM   754  N N   . ASP A 1 94  ? 0.975   0.443   11.056  1.00 38.82  ? 95  ASP A N   1 
ATOM   755  C CA  . ASP A 1 94  ? 0.034   1.435   10.518  1.00 37.84  ? 95  ASP A CA  1 
ATOM   756  C C   . ASP A 1 94  ? 0.381   1.906   9.095   1.00 38.51  ? 95  ASP A C   1 
ATOM   757  O O   . ASP A 1 94  ? -0.171  2.901   8.605   1.00 37.33  ? 95  ASP A O   1 
ATOM   758  C CB  . ASP A 1 94  ? -0.072  2.656   11.447  1.00 42.80  ? 95  ASP A CB  1 
ATOM   759  C CG  . ASP A 1 94  ? -0.715  2.332   12.775  1.00 45.44  ? 95  ASP A CG  1 
ATOM   760  O OD1 . ASP A 1 94  ? -1.875  1.883   12.779  1.00 55.82  ? 95  ASP A OD1 1 
ATOM   761  O OD2 . ASP A 1 94  ? -0.072  2.543   13.821  1.00 51.22  ? 95  ASP A OD2 1 
ATOM   762  N N   . GLY A 1 95  ? 1.241   1.159   8.410   1.00 36.80  ? 96  GLY A N   1 
ATOM   763  C CA  . GLY A 1 95  ? 1.648   1.532   7.063   1.00 33.40  ? 96  GLY A CA  1 
ATOM   764  C C   . GLY A 1 95  ? 0.494   1.885   6.148   1.00 32.94  ? 96  GLY A C   1 
ATOM   765  O O   . GLY A 1 95  ? 0.522   2.901   5.454   1.00 34.89  ? 96  GLY A O   1 
ATOM   766  N N   . ALA A 1 96  ? -0.550  1.067   6.196   1.00 32.74  ? 97  ALA A N   1 
ATOM   767  C CA  . ALA A 1 96  ? -1.722  1.274   5.372   1.00 31.07  ? 97  ALA A CA  1 
ATOM   768  C C   . ALA A 1 96  ? -2.372  2.599   5.713   1.00 32.99  ? 97  ALA A C   1 
ATOM   769  O O   . ALA A 1 96  ? -2.724  3.358   4.818   1.00 34.63  ? 97  ALA A O   1 
ATOM   770  C CB  . ALA A 1 96  ? -2.700  0.134   5.568   1.00 32.99  ? 97  ALA A CB  1 
ATOM   771  N N   . LYS A 1 97  ? -2.500  2.893   7.005   1.00 38.37  ? 98  LYS A N   1 
ATOM   772  C CA  . LYS A 1 97  ? -3.111  4.149   7.441   1.00 38.10  ? 98  LYS A CA  1 
ATOM   773  C C   . LYS A 1 97  ? -2.262  5.347   7.034   1.00 33.61  ? 98  LYS A C   1 
ATOM   774  O O   . LYS A 1 97  ? -2.789  6.404   6.697   1.00 29.21  ? 98  LYS A O   1 
ATOM   775  C CB  . LYS A 1 97  ? -3.346  4.156   8.955   1.00 45.61  ? 98  LYS A CB  1 
ATOM   776  C CG  . LYS A 1 97  ? -4.582  3.389   9.401   1.00 49.55  ? 98  LYS A CG  1 
ATOM   777  C CD  . LYS A 1 97  ? -4.706  3.391   10.915  1.00 59.68  ? 98  LYS A CD  1 
ATOM   778  C CE  . LYS A 1 97  ? -5.962  2.669   11.386  1.00 63.56  ? 98  LYS A CE  1 
ATOM   779  N NZ  . LYS A 1 97  ? -6.013  2.580   12.878  1.00 63.30  ? 98  LYS A NZ  1 
ATOM   780  N N   . VAL A 1 98  ? -0.946  5.175   7.045   1.00 34.12  ? 99  VAL A N   1 
ATOM   781  C CA  . VAL A 1 98  ? -0.062  6.258   6.646   1.00 36.82  ? 99  VAL A CA  1 
ATOM   782  C C   . VAL A 1 98  ? -0.305  6.555   5.156   1.00 38.38  ? 99  VAL A C   1 
ATOM   783  O O   . VAL A 1 98  ? -0.415  7.709   4.749   1.00 40.65  ? 99  VAL A O   1 
ATOM   784  C CB  . VAL A 1 98  ? 1.418   5.903   6.890   1.00 30.83  ? 99  VAL A CB  1 
ATOM   785  C CG1 . VAL A 1 98  ? 2.299   7.085   6.546   1.00 37.55  ? 99  VAL A CG1 1 
ATOM   786  C CG2 . VAL A 1 98  ? 1.630   5.496   8.328   1.00 27.49  ? 99  VAL A CG2 1 
ATOM   787  N N   . HIS A 1 99  ? -0.451  5.500   4.365   1.00 38.41  ? 100 HIS A N   1 
ATOM   788  C CA  . HIS A 1 99  ? -0.707  5.626   2.936   1.00 39.16  ? 100 HIS A CA  1 
ATOM   789  C C   . HIS A 1 99  ? -2.053  6.294   2.692   1.00 34.86  ? 100 HIS A C   1 
ATOM   790  O O   . HIS A 1 99  ? -2.152  7.273   1.970   1.00 41.61  ? 100 HIS A O   1 
ATOM   791  C CB  . HIS A 1 99  ? -0.701  4.232   2.279   1.00 44.86  ? 100 HIS A CB  1 
ATOM   792  C CG  . HIS A 1 99  ? -1.112  4.238   0.835   1.00 52.75  ? 100 HIS A CG  1 
ATOM   793  N ND1 . HIS A 1 99  ? -0.224  4.489   -0.193  1.00 52.88  ? 100 HIS A ND1 1 
ATOM   794  C CD2 . HIS A 1 99  ? -2.319  4.048   0.248   1.00 49.55  ? 100 HIS A CD2 1 
ATOM   795  C CE1 . HIS A 1 99  ? -0.868  4.458   -1.347  1.00 50.08  ? 100 HIS A CE1 1 
ATOM   796  N NE2 . HIS A 1 99  ? -2.139  4.193   -1.108  1.00 51.79  ? 100 HIS A NE2 1 
ATOM   797  N N   . LEU A 1 100 ? -3.087  5.720   3.283   1.00 36.29  ? 101 LEU A N   1 
ATOM   798  C CA  . LEU A 1 100 ? -4.454  6.195   3.146   1.00 38.12  ? 101 LEU A CA  1 
ATOM   799  C C   . LEU A 1 100 ? -4.572  7.705   3.323   1.00 38.88  ? 101 LEU A C   1 
ATOM   800  O O   . LEU A 1 100 ? -5.243  8.384   2.547   1.00 41.91  ? 101 LEU A O   1 
ATOM   801  C CB  . LEU A 1 100 ? -5.328  5.499   4.198   1.00 43.47  ? 101 LEU A CB  1 
ATOM   802  C CG  . LEU A 1 100 ? -6.613  4.779   3.801   1.00 45.70  ? 101 LEU A CG  1 
ATOM   803  C CD1 . LEU A 1 100 ? -7.535  4.749   5.009   1.00 45.10  ? 101 LEU A CD1 1 
ATOM   804  C CD2 . LEU A 1 100 ? -7.287  5.489   2.663   1.00 43.57  ? 101 LEU A CD2 1 
ATOM   805  N N   . GLY A 1 101 ? -3.887  8.227   4.333   1.00 39.45  ? 102 GLY A N   1 
ATOM   806  C CA  . GLY A 1 101 ? -3.966  9.645   4.631   1.00 43.26  ? 102 GLY A CA  1 
ATOM   807  C C   . GLY A 1 101 ? -3.144  10.601  3.797   1.00 47.30  ? 102 GLY A C   1 
ATOM   808  O O   . GLY A 1 101 ? -3.158  11.802  4.058   1.00 46.92  ? 102 GLY A O   1 
ATOM   809  N N   . THR A 1 102 ? -2.431  10.094  2.801   1.00 52.81  ? 103 THR A N   1 
ATOM   810  C CA  . THR A 1 102 ? -1.613  10.968  1.981   1.00 57.83  ? 103 THR A CA  1 
ATOM   811  C C   . THR A 1 102 ? -2.159  11.167  0.593   1.00 60.42  ? 103 THR A C   1 
ATOM   812  O O   . THR A 1 102 ? -2.633  10.228  -0.058  1.00 62.71  ? 103 THR A O   1 
ATOM   813  C CB  . THR A 1 102 ? -0.150  10.476  1.864   1.00 61.09  ? 103 THR A CB  1 
ATOM   814  O OG1 . THR A 1 102 ? -0.102  9.229   1.155   1.00 64.53  ? 103 THR A OG1 1 
ATOM   815  C CG2 . THR A 1 102 ? 0.456   10.308  3.252   1.00 59.80  ? 103 THR A CG2 1 
ATOM   816  N N   . ARG A 1 103 ? -2.119  12.420  0.151   1.00 70.25  ? 104 ARG A N   1 
ATOM   817  C CA  . ARG A 1 103 ? -2.562  12.770  -1.182  1.00 76.16  ? 104 ARG A CA  1 
ATOM   818  C C   . ARG A 1 103 ? -1.430  12.334  -2.100  1.00 79.88  ? 104 ARG A C   1 
ATOM   819  O O   . ARG A 1 103 ? -0.261  12.651  -1.865  1.00 81.57  ? 104 ARG A O   1 
ATOM   820  C CB  . ARG A 1 103 ? -2.880  14.282  -1.268  1.00 78.60  ? 104 ARG A CB  1 
ATOM   821  C CG  . ARG A 1 103 ? -1.871  15.223  -0.605  1.00 88.10  ? 104 ARG A CG  1 
ATOM   822  C CD  . ARG A 1 103 ? -2.380  16.664  -0.628  1.00 94.58  ? 104 ARG A CD  1 
ATOM   823  N NE  . ARG A 1 103 ? -1.614  17.528  -1.532  1.00 99.99  ? 104 ARG A NE  1 
ATOM   824  C CZ  . ARG A 1 103 ? -2.077  18.649  -2.079  1.00 99.98  ? 104 ARG A CZ  1 
ATOM   825  N NH1 . ARG A 1 103 ? -3.316  19.059  -1.833  1.00 99.99  ? 104 ARG A NH1 1 
ATOM   826  N NH2 . ARG A 1 103 ? -1.281  19.394  -2.835  1.00 99.98  ? 104 ARG A NH2 1 
ATOM   827  N N   . PRO A 1 104 ? -1.759  11.530  -3.129  1.00 83.16  ? 105 PRO A N   1 
ATOM   828  C CA  . PRO A 1 104 ? -0.793  11.013  -4.094  1.00 84.60  ? 105 PRO A CA  1 
ATOM   829  C C   . PRO A 1 104 ? 0.261   11.993  -4.612  1.00 86.76  ? 105 PRO A C   1 
ATOM   830  O O   . PRO A 1 104 ? -0.042  13.095  -5.060  1.00 88.66  ? 105 PRO A O   1 
ATOM   831  C CB  . PRO A 1 104 ? -1.689  10.417  -5.203  1.00 84.91  ? 105 PRO A CB  1 
ATOM   832  C CG  . PRO A 1 104 ? -2.977  11.153  -5.049  1.00 87.05  ? 105 PRO A CG  1 
ATOM   833  C CD  . PRO A 1 104 ? -3.137  11.267  -3.566  1.00 86.00  ? 105 PRO A CD  1 
ATOM   834  N N   . ASP A 1 105 ? 1.518   11.595  -4.419  1.00 89.22  ? 106 ASP A N   1 
ATOM   835  C CA  . ASP A 1 105 ? 2.687   12.363  -4.822  1.00 89.81  ? 106 ASP A CA  1 
ATOM   836  C C   . ASP A 1 105 ? 2.876   12.147  -6.312  1.00 87.72  ? 106 ASP A C   1 
ATOM   837  O O   . ASP A 1 105 ? 2.466   11.118  -6.847  1.00 89.21  ? 106 ASP A O   1 
ATOM   838  C CB  . ASP A 1 105 ? 3.932   11.867  -4.058  1.00 93.76  ? 106 ASP A CB  1 
ATOM   839  C CG  . ASP A 1 105 ? 5.136   12.804  -4.199  1.00 99.19  ? 106 ASP A CG  1 
ATOM   840  O OD1 . ASP A 1 105 ? 4.982   14.024  -3.970  1.00 99.99  ? 106 ASP A OD1 1 
ATOM   841  O OD2 . ASP A 1 105 ? 6.245   12.317  -4.510  1.00 97.06  ? 106 ASP A OD2 1 
ATOM   842  N N   . GLU A 1 106 ? 3.561   13.072  -6.971  1.00 86.96  ? 107 GLU A N   1 
ATOM   843  C CA  . GLU A 1 106 ? 3.787   12.959  -8.403  1.00 86.64  ? 107 GLU A CA  1 
ATOM   844  C C   . GLU A 1 106 ? 4.578   11.712  -8.785  1.00 84.59  ? 107 GLU A C   1 
ATOM   845  O O   . GLU A 1 106 ? 4.526   11.276  -9.932  1.00 85.77  ? 107 GLU A O   1 
ATOM   846  C CB  . GLU A 1 106 ? 4.447   14.217  -8.943  1.00 90.84  ? 107 GLU A CB  1 
ATOM   847  C CG  . GLU A 1 106 ? 3.897   14.638  -10.290 1.00 92.83  ? 107 GLU A CG  1 
ATOM   848  C CD  . GLU A 1 106 ? 4.104   16.110  -10.548 1.00 97.66  ? 107 GLU A CD  1 
ATOM   849  O OE1 . GLU A 1 106 ? 3.271   16.910  -10.073 1.00 99.70  ? 107 GLU A OE1 1 
ATOM   850  O OE2 . GLU A 1 106 ? 5.103   16.470  -11.207 1.00 100.00 ? 107 GLU A OE2 1 
ATOM   851  N N   . LYS A 1 107 ? 5.299   11.132  -7.826  1.00 84.40  ? 108 LYS A N   1 
ATOM   852  C CA  . LYS A 1 107 ? 6.043   9.897   -8.081  1.00 85.47  ? 108 LYS A CA  1 
ATOM   853  C C   . LYS A 1 107 ? 4.975   8.858   -8.416  1.00 85.10  ? 108 LYS A C   1 
ATOM   854  O O   . LYS A 1 107 ? 5.122   8.078   -9.355  1.00 86.63  ? 108 LYS A O   1 
ATOM   855  C CB  . LYS A 1 107 ? 6.808   9.440   -6.833  1.00 87.45  ? 108 LYS A CB  1 
ATOM   856  C CG  . LYS A 1 107 ? 8.029   10.277  -6.454  1.00 85.63  ? 108 LYS A CG  1 
ATOM   857  C CD  . LYS A 1 107 ? 8.794   9.612   -5.309  1.00 79.81  ? 108 LYS A CD  1 
ATOM   858  C CE  . LYS A 1 107 ? 10.106  10.311  -4.999  1.00 74.02  ? 108 LYS A CE  1 
ATOM   859  N NZ  . LYS A 1 107 ? 10.925  9.490   -4.063  1.00 66.44  ? 108 LYS A NZ  1 
ATOM   860  N N   . GLN A 1 108 ? 3.891   8.885   -7.641  1.00 84.78  ? 109 GLN A N   1 
ATOM   861  C CA  . GLN A 1 108 ? 2.759   7.987   -7.830  1.00 82.26  ? 109 GLN A CA  1 
ATOM   862  C C   . GLN A 1 108 ? 2.079   8.276   -9.165  1.00 78.97  ? 109 GLN A C   1 
ATOM   863  O O   . GLN A 1 108 ? 1.664   7.357   -9.855  1.00 78.48  ? 109 GLN A O   1 
ATOM   864  C CB  . GLN A 1 108 ? 1.740   8.152   -6.697  1.00 86.52  ? 109 GLN A CB  1 
ATOM   865  C CG  . GLN A 1 108 ? 2.229   7.708   -5.328  1.00 93.51  ? 109 GLN A CG  1 
ATOM   866  C CD  . GLN A 1 108 ? 1.167   7.868   -4.244  1.00 96.49  ? 109 GLN A CD  1 
ATOM   867  O OE1 . GLN A 1 108 ? 0.042   7.383   -4.379  1.00 95.01  ? 109 GLN A OE1 1 
ATOM   868  N NE2 . GLN A 1 108 ? 1.527   8.544   -3.161  1.00 99.99  ? 109 GLN A NE2 1 
ATOM   869  N N   . TYR A 1 109 ? 1.983   9.551   -9.534  1.00 79.39  ? 110 TYR A N   1 
ATOM   870  C CA  . TYR A 1 109 ? 1.353   9.944   -10.798 1.00 78.22  ? 110 TYR A CA  1 
ATOM   871  C C   . TYR A 1 109 ? 1.978   9.313   -12.037 1.00 71.64  ? 110 TYR A C   1 
ATOM   872  O O   . TYR A 1 109 ? 1.274   8.714   -12.843 1.00 66.84  ? 110 TYR A O   1 
ATOM   873  C CB  . TYR A 1 109 ? 1.316   11.469  -10.943 1.00 83.74  ? 110 TYR A CB  1 
ATOM   874  C CG  . TYR A 1 109 ? 0.254   12.112  -10.089 1.00 82.62  ? 110 TYR A CG  1 
ATOM   875  C CD1 . TYR A 1 109 ? -0.887  11.400  -9.726  1.00 78.35  ? 110 TYR A CD1 1 
ATOM   876  C CD2 . TYR A 1 109 ? 0.392   13.422  -9.631  1.00 85.26  ? 110 TYR A CD2 1 
ATOM   877  C CE1 . TYR A 1 109 ? -1.861  11.966  -8.935  1.00 81.85  ? 110 TYR A CE1 1 
ATOM   878  C CE2 . TYR A 1 109 ? -0.582  14.002  -8.833  1.00 85.18  ? 110 TYR A CE2 1 
ATOM   879  C CZ  . TYR A 1 109 ? -1.708  13.265  -8.488  1.00 84.76  ? 110 TYR A CZ  1 
ATOM   880  O OH  . TYR A 1 109 ? -2.693  13.814  -7.701  1.00 88.34  ? 110 TYR A OH  1 
ATOM   881  N N   . ASP A 1 110 ? 3.288   9.449   -12.199 1.00 71.08  ? 111 ASP A N   1 
ATOM   882  C CA  . ASP A 1 110 ? 3.953   8.855   -13.350 1.00 74.91  ? 111 ASP A CA  1 
ATOM   883  C C   . ASP A 1 110 ? 3.819   7.339   -13.276 1.00 71.61  ? 111 ASP A C   1 
ATOM   884  O O   . ASP A 1 110 ? 3.734   6.666   -14.303 1.00 65.55  ? 111 ASP A O   1 
ATOM   885  C CB  . ASP A 1 110 ? 5.422   9.280   -13.412 1.00 82.23  ? 111 ASP A CB  1 
ATOM   886  C CG  . ASP A 1 110 ? 5.598   10.707  -13.919 1.00 86.02  ? 111 ASP A CG  1 
ATOM   887  O OD1 . ASP A 1 110 ? 4.933   11.626  -13.391 1.00 87.06  ? 111 ASP A OD1 1 
ATOM   888  O OD2 . ASP A 1 110 ? 6.402   10.908  -14.853 1.00 84.52  ? 111 ASP A OD2 1 
ATOM   889  N N   . THR A 1 111 ? 3.741   6.819   -12.051 1.00 68.18  ? 112 THR A N   1 
ATOM   890  C CA  . THR A 1 111 ? 3.584   5.385   -11.811 1.00 65.03  ? 112 THR A CA  1 
ATOM   891  C C   . THR A 1 111 ? 2.214   4.917   -12.336 1.00 61.91  ? 112 THR A C   1 
ATOM   892  O O   . THR A 1 111 ? 2.144   4.018   -13.181 1.00 64.93  ? 112 THR A O   1 
ATOM   893  C CB  . THR A 1 111 ? 3.732   5.044   -10.293 1.00 62.30  ? 112 THR A CB  1 
ATOM   894  O OG1 . THR A 1 111 ? 5.062   5.360   -9.854  1.00 61.75  ? 112 THR A OG1 1 
ATOM   895  C CG2 . THR A 1 111 ? 3.459   3.568   -10.027 1.00 56.22  ? 112 THR A CG2 1 
ATOM   896  N N   . VAL A 1 112 ? 1.141   5.570   -11.888 1.00 57.70  ? 113 VAL A N   1 
ATOM   897  C CA  . VAL A 1 112 ? -0.213  5.221   -12.314 1.00 55.24  ? 113 VAL A CA  1 
ATOM   898  C C   . VAL A 1 112 ? -0.336  5.365   -13.821 1.00 57.78  ? 113 VAL A C   1 
ATOM   899  O O   . VAL A 1 112 ? -0.911  4.506   -14.480 1.00 64.63  ? 113 VAL A O   1 
ATOM   900  C CB  . VAL A 1 112 ? -1.286  6.115   -11.647 1.00 51.59  ? 113 VAL A CB  1 
ATOM   901  C CG1 . VAL A 1 112 ? -2.683  5.644   -12.038 1.00 51.29  ? 113 VAL A CG1 1 
ATOM   902  C CG2 . VAL A 1 112 ? -1.143  6.084   -10.143 1.00 55.74  ? 113 VAL A CG2 1 
ATOM   903  N N   . GLU A 1 113 ? 0.232   6.440   -14.359 1.00 60.13  ? 114 GLU A N   1 
ATOM   904  C CA  . GLU A 1 113 ? 0.199   6.710   -15.797 1.00 57.30  ? 114 GLU A CA  1 
ATOM   905  C C   . GLU A 1 113 ? 0.744   5.523   -16.567 1.00 56.55  ? 114 GLU A C   1 
ATOM   906  O O   . GLU A 1 113 ? 0.064   4.969   -17.428 1.00 55.13  ? 114 GLU A O   1 
ATOM   907  C CB  . GLU A 1 113 ? 1.037   7.947   -16.129 1.00 55.78  ? 114 GLU A CB  1 
ATOM   908  C CG  . GLU A 1 113 ? 1.096   8.288   -17.613 1.00 52.15  ? 114 GLU A CG  1 
ATOM   909  C CD  . GLU A 1 113 ? -0.223  8.801   -18.161 1.00 52.96  ? 114 GLU A CD  1 
ATOM   910  O OE1 . GLU A 1 113 ? -1.195  8.958   -17.392 1.00 50.62  ? 114 GLU A OE1 1 
ATOM   911  O OE2 . GLU A 1 113 ? -0.280  9.061   -19.375 1.00 59.43  ? 114 GLU A OE2 1 
ATOM   912  N N   . THR A 1 114 ? 1.973   5.139   -16.238 1.00 56.59  ? 115 THR A N   1 
ATOM   913  C CA  . THR A 1 114 ? 2.634   4.011   -16.875 1.00 55.74  ? 115 THR A CA  1 
ATOM   914  C C   . THR A 1 114 ? 1.727   2.778   -16.815 1.00 57.31  ? 115 THR A C   1 
ATOM   915  O O   . THR A 1 114 ? 1.325   2.243   -17.846 1.00 62.95  ? 115 THR A O   1 
ATOM   916  C CB  . THR A 1 114 ? 3.970   3.707   -16.186 1.00 53.41  ? 115 THR A CB  1 
ATOM   917  O OG1 . THR A 1 114 ? 4.731   4.917   -16.071 1.00 51.62  ? 115 THR A OG1 1 
ATOM   918  C CG2 . THR A 1 114 ? 4.757   2.699   -16.991 1.00 56.41  ? 115 THR A CG2 1 
ATOM   919  N N   . GLN A 1 115 ? 1.356   2.376   -15.604 1.00 57.75  ? 116 GLN A N   1 
ATOM   920  C CA  . GLN A 1 115 ? 0.483   1.222   -15.393 1.00 53.81  ? 116 GLN A CA  1 
ATOM   921  C C   . GLN A 1 115 ? -0.767  1.305   -16.264 1.00 52.89  ? 116 GLN A C   1 
ATOM   922  O O   . GLN A 1 115 ? -1.198  0.314   -16.849 1.00 53.17  ? 116 GLN A O   1 
ATOM   923  C CB  . GLN A 1 115 ? 0.054   1.151   -13.930 1.00 49.51  ? 116 GLN A CB  1 
ATOM   924  C CG  . GLN A 1 115 ? 1.199   1.053   -12.944 1.00 48.73  ? 116 GLN A CG  1 
ATOM   925  C CD  . GLN A 1 115 ? 0.723   1.110   -11.510 1.00 47.07  ? 116 GLN A CD  1 
ATOM   926  O OE1 . GLN A 1 115 ? -0.364  1.607   -11.224 1.00 50.18  ? 116 GLN A OE1 1 
ATOM   927  N NE2 . GLN A 1 115 ? 1.536   0.603   -10.598 1.00 47.03  ? 116 GLN A NE2 1 
ATOM   928  N N   . LEU A 1 116 ? -1.329  2.505   -16.358 1.00 52.49  ? 117 LEU A N   1 
ATOM   929  C CA  . LEU A 1 116 ? -2.536  2.749   -17.135 1.00 54.56  ? 117 LEU A CA  1 
ATOM   930  C C   . LEU A 1 116 ? -2.266  2.630   -18.625 1.00 55.40  ? 117 LEU A C   1 
ATOM   931  O O   . LEU A 1 116 ? -3.119  2.171   -19.375 1.00 58.34  ? 117 LEU A O   1 
ATOM   932  C CB  . LEU A 1 116 ? -3.093  4.134   -16.802 1.00 53.87  ? 117 LEU A CB  1 
ATOM   933  C CG  . LEU A 1 116 ? -4.513  4.484   -17.233 1.00 53.72  ? 117 LEU A CG  1 
ATOM   934  C CD1 . LEU A 1 116 ? -5.477  3.391   -16.789 1.00 52.73  ? 117 LEU A CD1 1 
ATOM   935  C CD2 . LEU A 1 116 ? -4.891  5.827   -16.623 1.00 47.08  ? 117 LEU A CD2 1 
ATOM   936  N N   . ARG A 1 117 ? -1.072  3.027   -19.049 1.00 52.37  ? 118 ARG A N   1 
ATOM   937  C CA  . ARG A 1 117 ? -0.706  2.948   -20.455 1.00 58.20  ? 118 ARG A CA  1 
ATOM   938  C C   . ARG A 1 117 ? -0.601  1.459   -20.794 1.00 57.91  ? 118 ARG A C   1 
ATOM   939  O O   . ARG A 1 117 ? -1.029  1.013   -21.863 1.00 65.15  ? 118 ARG A O   1 
ATOM   940  C CB  . ARG A 1 117 ? 0.641   3.630   -20.698 1.00 59.65  ? 118 ARG A CB  1 
ATOM   941  C CG  . ARG A 1 117 ? 0.906   3.965   -22.149 1.00 69.42  ? 118 ARG A CG  1 
ATOM   942  C CD  . ARG A 1 117 ? 2.315   4.494   -22.364 1.00 81.34  ? 118 ARG A CD  1 
ATOM   943  N NE  . ARG A 1 117 ? 3.362   3.622   -21.798 1.00 94.87  ? 118 ARG A NE  1 
ATOM   944  C CZ  . ARG A 1 117 ? 4.644   3.663   -22.130 1.00 98.95  ? 118 ARG A CZ  1 
ATOM   945  N NH1 . ARG A 1 117 ? 5.063   4.535   -23.036 1.00 100.00 ? 118 ARG A NH1 1 
ATOM   946  N NH2 . ARG A 1 117 ? 5.523   2.841   -21.566 1.00 99.33  ? 118 ARG A NH2 1 
ATOM   947  N N   . PHE A 1 118 ? -0.075  0.709   -19.834 1.00 53.42  ? 119 PHE A N   1 
ATOM   948  C CA  . PHE A 1 118 ? 0.124   -0.742  -19.922 1.00 53.34  ? 119 PHE A CA  1 
ATOM   949  C C   . PHE A 1 118 ? -1.203  -1.461  -20.147 1.00 52.94  ? 119 PHE A C   1 
ATOM   950  O O   . PHE A 1 118 ? -1.333  -2.276  -21.064 1.00 54.92  ? 119 PHE A O   1 
ATOM   951  C CB  . PHE A 1 118 ? 0.765   -1.238  -18.614 1.00 50.02  ? 119 PHE A CB  1 
ATOM   952  C CG  . PHE A 1 118 ? 1.108   -2.709  -18.616 1.00 50.13  ? 119 PHE A CG  1 
ATOM   953  C CD1 . PHE A 1 118 ? 2.195   -3.181  -19.341 1.00 47.71  ? 119 PHE A CD1 1 
ATOM   954  C CD2 . PHE A 1 118 ? 0.352   -3.618  -17.881 1.00 46.64  ? 119 PHE A CD2 1 
ATOM   955  C CE1 . PHE A 1 118 ? 2.533   -4.538  -19.340 1.00 41.76  ? 119 PHE A CE1 1 
ATOM   956  C CE2 . PHE A 1 118 ? 0.681   -4.978  -17.871 1.00 38.90  ? 119 PHE A CE2 1 
ATOM   957  C CZ  . PHE A 1 118 ? 1.773   -5.433  -18.606 1.00 37.47  ? 119 PHE A CZ  1 
ATOM   958  N N   . MET A 1 119 ? -2.172  -1.151  -19.306 1.00 54.48  ? 120 MET A N   1 
ATOM   959  C CA  . MET A 1 119 ? -3.501  -1.745  -19.376 1.00 50.40  ? 120 MET A CA  1 
ATOM   960  C C   . MET A 1 119 ? -4.176  -1.444  -20.708 1.00 51.30  ? 120 MET A C   1 
ATOM   961  O O   . MET A 1 119 ? -4.766  -2.336  -21.322 1.00 49.37  ? 120 MET A O   1 
ATOM   962  C CB  . MET A 1 119 ? -4.364  -1.209  -18.230 1.00 48.44  ? 120 MET A CB  1 
ATOM   963  C CG  . MET A 1 119 ? -3.836  -1.485  -16.842 1.00 41.44  ? 120 MET A CG  1 
ATOM   964  S SD  . MET A 1 119 ? -3.739  -3.266  -16.455 1.00 40.60  ? 120 MET A SD  1 
ATOM   965  C CE  . MET A 1 119 ? -5.453  -3.732  -16.156 1.00 31.19  ? 120 MET A CE  1 
ATOM   966  N N   . THR A 1 120 ? -4.092  -0.201  -21.145 1.00 55.36  ? 121 THR A N   1 
ATOM   967  C CA  . THR A 1 120 ? -4.704  0.193   -22.404 1.00 54.23  ? 121 THR A CA  1 
ATOM   968  C C   . THR A 1 120 ? -4.045  -0.577  -23.533 1.00 51.92  ? 121 THR A C   1 
ATOM   969  O O   . THR A 1 120 ? -4.719  -1.045  -24.451 1.00 51.85  ? 121 THR A O   1 
ATOM   970  C CB  . THR A 1 120 ? -4.606  1.714   -22.662 1.00 52.43  ? 121 THR A CB  1 
ATOM   971  O OG1 . THR A 1 120 ? -3.233  2.124   -22.672 1.00 52.62  ? 121 THR A OG1 1 
ATOM   972  C CG2 . THR A 1 120 ? -5.347  2.482   -21.588 1.00 55.79  ? 121 THR A CG2 1 
ATOM   973  N N   . GLU A 1 121 ? -2.731  -0.755  -23.429 1.00 51.88  ? 122 GLU A N   1 
ATOM   974  C CA  . GLU A 1 121 ? -1.993  -1.488  -24.444 1.00 58.96  ? 122 GLU A CA  1 
ATOM   975  C C   . GLU A 1 121 ? -2.441  -2.944  -24.480 1.00 59.95  ? 122 GLU A C   1 
ATOM   976  O O   . GLU A 1 121 ? -2.219  -3.639  -25.467 1.00 71.31  ? 122 GLU A O   1 
ATOM   977  C CB  . GLU A 1 121 ? -0.477  -1.381  -24.232 1.00 62.83  ? 122 GLU A CB  1 
ATOM   978  C CG  . GLU A 1 121 ? 0.097   0.006   -24.561 1.00 73.98  ? 122 GLU A CG  1 
ATOM   979  C CD  . GLU A 1 121 ? 1.614   0.017   -24.703 1.00 79.39  ? 122 GLU A CD  1 
ATOM   980  O OE1 . GLU A 1 121 ? 2.319   -0.280  -23.711 1.00 79.41  ? 122 GLU A OE1 1 
ATOM   981  O OE2 . GLU A 1 121 ? 2.101   0.336   -25.811 1.00 83.81  ? 122 GLU A OE2 1 
ATOM   982  N N   . ASN A 1 122 ? -3.103  -3.400  -23.419 1.00 60.70  ? 123 ASN A N   1 
ATOM   983  C CA  . ASN A 1 122 ? -3.595  -4.776  -23.375 1.00 54.04  ? 123 ASN A CA  1 
ATOM   984  C C   . ASN A 1 122 ? -5.058  -4.889  -23.764 1.00 47.70  ? 123 ASN A C   1 
ATOM   985  O O   . ASN A 1 122 ? -5.716  -5.862  -23.424 1.00 48.23  ? 123 ASN A O   1 
ATOM   986  C CB  . ASN A 1 122 ? -3.371  -5.404  -22.003 1.00 55.06  ? 123 ASN A CB  1 
ATOM   987  C CG  . ASN A 1 122 ? -2.008  -6.040  -21.877 1.00 57.44  ? 123 ASN A CG  1 
ATOM   988  O OD1 . ASN A 1 122 ? -1.884  -7.265  -21.856 1.00 59.63  ? 123 ASN A OD1 1 
ATOM   989  N ND2 . ASN A 1 122 ? -0.973  -5.213  -21.793 1.00 56.39  ? 123 ASN A ND2 1 
ATOM   990  N N   . GLY A 1 123 ? -5.565  -3.892  -24.476 1.00 48.09  ? 124 GLY A N   1 
ATOM   991  C CA  . GLY A 1 123 ? -6.950  -3.926  -24.908 1.00 51.88  ? 124 GLY A CA  1 
ATOM   992  C C   . GLY A 1 123 ? -7.918  -3.425  -23.861 1.00 54.47  ? 124 GLY A C   1 
ATOM   993  O O   . GLY A 1 123 ? -9.130  -3.639  -23.977 1.00 54.76  ? 124 GLY A O   1 
ATOM   994  N N   . PHE A 1 124 ? -7.384  -2.770  -22.832 1.00 52.85  ? 125 PHE A N   1 
ATOM   995  C CA  . PHE A 1 124 ? -8.216  -2.223  -21.764 1.00 54.29  ? 125 PHE A CA  1 
ATOM   996  C C   . PHE A 1 124 ? -8.532  -0.758  -22.007 1.00 53.92  ? 125 PHE A C   1 
ATOM   997  O O   . PHE A 1 124 ? -7.637  0.048   -22.275 1.00 48.50  ? 125 PHE A O   1 
ATOM   998  C CB  . PHE A 1 124 ? -7.533  -2.346  -20.389 1.00 53.45  ? 125 PHE A CB  1 
ATOM   999  C CG  . PHE A 1 124 ? -7.651  -3.710  -19.756 1.00 47.14  ? 125 PHE A CG  1 
ATOM   1000 C CD1 . PHE A 1 124 ? -8.868  -4.163  -19.270 1.00 40.78  ? 125 PHE A CD1 1 
ATOM   1001 C CD2 . PHE A 1 124 ? -6.531  -4.528  -19.622 1.00 41.64  ? 125 PHE A CD2 1 
ATOM   1002 C CE1 . PHE A 1 124 ? -8.970  -5.399  -18.664 1.00 38.25  ? 125 PHE A CE1 1 
ATOM   1003 C CE2 . PHE A 1 124 ? -6.629  -5.766  -19.015 1.00 34.51  ? 125 PHE A CE2 1 
ATOM   1004 C CZ  . PHE A 1 124 ? -7.850  -6.200  -18.534 1.00 37.92  ? 125 PHE A CZ  1 
ATOM   1005 N N   . SER A 1 125 ? -9.814  -0.429  -21.931 1.00 53.97  ? 126 SER A N   1 
ATOM   1006 C CA  . SER A 1 125 ? -10.226 0.941   -22.080 1.00 54.71  ? 126 SER A CA  1 
ATOM   1007 C C   . SER A 1 125 ? -9.681  1.713   -20.874 1.00 55.96  ? 126 SER A C   1 
ATOM   1008 O O   . SER A 1 125 ? -9.413  1.109   -19.845 1.00 57.68  ? 126 SER A O   1 
ATOM   1009 C CB  . SER A 1 125 ? -11.750 1.061   -22.168 1.00 51.61  ? 126 SER A CB  1 
ATOM   1010 O OG  . SER A 1 125 ? -12.359 0.618   -20.983 1.00 53.01  ? 126 SER A OG  1 
ATOM   1011 N N   . LEU A 1 126 ? -9.503  3.030   -21.002 1.00 53.04  ? 127 LEU A N   1 
ATOM   1012 C CA  . LEU A 1 126 ? -9.002  3.844   -19.902 1.00 50.23  ? 127 LEU A CA  1 
ATOM   1013 C C   . LEU A 1 126 ? -9.867  3.636   -18.658 1.00 49.76  ? 127 LEU A C   1 
ATOM   1014 O O   . LEU A 1 126 ? -9.351  3.469   -17.554 1.00 49.54  ? 127 LEU A O   1 
ATOM   1015 C CB  . LEU A 1 126 ? -8.987  5.327   -20.296 1.00 50.81  ? 127 LEU A CB  1 
ATOM   1016 C CG  . LEU A 1 126 ? -7.896  5.773   -21.279 1.00 59.84  ? 127 LEU A CG  1 
ATOM   1017 C CD1 . LEU A 1 126 ? -8.071  7.243   -21.666 1.00 56.66  ? 127 LEU A CD1 1 
ATOM   1018 C CD2 . LEU A 1 126 ? -6.520  5.556   -20.654 1.00 60.89  ? 127 LEU A CD2 1 
ATOM   1019 N N   . ARG A 1 127 ? -11.181 3.599   -18.858 1.00 40.62  ? 128 ARG A N   1 
ATOM   1020 C CA  . ARG A 1 127 ? -12.129 3.414   -17.771 1.00 43.93  ? 128 ARG A CA  1 
ATOM   1021 C C   . ARG A 1 127 ? -11.924 2.086   -17.045 1.00 47.49  ? 128 ARG A C   1 
ATOM   1022 O O   . ARG A 1 127 ? -11.597 2.060   -15.861 1.00 47.98  ? 128 ARG A O   1 
ATOM   1023 C CB  . ARG A 1 127 ? -13.554 3.486   -18.316 1.00 43.48  ? 128 ARG A CB  1 
ATOM   1024 C CG  . ARG A 1 127 ? -14.632 3.139   -17.315 1.00 47.98  ? 128 ARG A CG  1 
ATOM   1025 C CD  . ARG A 1 127 ? -15.937 2.822   -18.024 1.00 55.60  ? 128 ARG A CD  1 
ATOM   1026 N NE  . ARG A 1 127 ? -17.031 3.655   -17.539 1.00 64.82  ? 128 ARG A NE  1 
ATOM   1027 C CZ  . ARG A 1 127 ? -17.208 4.930   -17.876 1.00 68.35  ? 128 ARG A CZ  1 
ATOM   1028 N NH1 . ARG A 1 127 ? -16.362 5.520   -18.713 1.00 67.98  ? 128 ARG A NH1 1 
ATOM   1029 N NH2 . ARG A 1 127 ? -18.216 5.624   -17.356 1.00 73.10  ? 128 ARG A NH2 1 
ATOM   1030 N N   . ASP A 1 128 ? -12.110 0.986   -17.770 1.00 49.45  ? 129 ASP A N   1 
ATOM   1031 C CA  . ASP A 1 128 ? -11.968 -0.344  -17.194 1.00 46.41  ? 129 ASP A CA  1 
ATOM   1032 C C   . ASP A 1 128 ? -10.567 -0.617  -16.634 1.00 44.17  ? 129 ASP A C   1 
ATOM   1033 O O   . ASP A 1 128 ? -10.432 -1.235  -15.582 1.00 48.90  ? 129 ASP A O   1 
ATOM   1034 C CB  . ASP A 1 128 ? -12.401 -1.410  -18.211 1.00 49.07  ? 129 ASP A CB  1 
ATOM   1035 C CG  . ASP A 1 128 ? -13.910 -1.367  -18.513 1.00 56.55  ? 129 ASP A CG  1 
ATOM   1036 O OD1 . ASP A 1 128 ? -14.599 -0.401  -18.118 1.00 57.86  ? 129 ASP A OD1 1 
ATOM   1037 O OD2 . ASP A 1 128 ? -14.419 -2.316  -19.149 1.00 59.14  ? 129 ASP A OD2 1 
ATOM   1038 N N   . GLY A 1 129 ? -9.537  -0.107  -17.303 1.00 43.15  ? 130 GLY A N   1 
ATOM   1039 C CA  . GLY A 1 129 ? -8.174  -0.299  -16.833 1.00 43.54  ? 130 GLY A CA  1 
ATOM   1040 C C   . GLY A 1 129 ? -7.954  0.389   -15.498 1.00 48.22  ? 130 GLY A C   1 
ATOM   1041 O O   . GLY A 1 129 ? -7.296  -0.148  -14.605 1.00 49.21  ? 130 GLY A O   1 
ATOM   1042 N N   . LEU A 1 130 ? -8.519  1.584   -15.361 1.00 49.25  ? 131 LEU A N   1 
ATOM   1043 C CA  . LEU A 1 130 ? -8.398  2.348   -14.129 1.00 46.91  ? 131 LEU A CA  1 
ATOM   1044 C C   . LEU A 1 130 ? -9.201  1.638   -13.050 1.00 44.93  ? 131 LEU A C   1 
ATOM   1045 O O   . LEU A 1 130 ? -8.750  1.528   -11.910 1.00 43.70  ? 131 LEU A O   1 
ATOM   1046 C CB  . LEU A 1 130 ? -8.941  3.762   -14.318 1.00 50.18  ? 131 LEU A CB  1 
ATOM   1047 C CG  . LEU A 1 130 ? -8.643  4.723   -13.167 1.00 53.85  ? 131 LEU A CG  1 
ATOM   1048 C CD1 . LEU A 1 130 ? -7.156  5.080   -13.165 1.00 51.07  ? 131 LEU A CD1 1 
ATOM   1049 C CD2 . LEU A 1 130 ? -9.500  5.971   -13.304 1.00 55.14  ? 131 LEU A CD2 1 
ATOM   1050 N N   . TYR A 1 131 ? -10.386 1.157   -13.420 1.00 40.43  ? 132 TYR A N   1 
ATOM   1051 C CA  . TYR A 1 131 ? -11.254 0.440   -12.496 1.00 39.81  ? 132 TYR A CA  1 
ATOM   1052 C C   . TYR A 1 131 ? -10.496 -0.740  -11.929 1.00 41.89  ? 132 TYR A C   1 
ATOM   1053 O O   . TYR A 1 131 ? -10.487 -0.959  -10.727 1.00 40.89  ? 132 TYR A O   1 
ATOM   1054 C CB  . TYR A 1 131 ? -12.507 -0.069  -13.200 1.00 39.68  ? 132 TYR A CB  1 
ATOM   1055 C CG  . TYR A 1 131 ? -13.591 0.965   -13.396 1.00 41.99  ? 132 TYR A CG  1 
ATOM   1056 C CD1 . TYR A 1 131 ? -13.387 2.296   -13.052 1.00 39.25  ? 132 TYR A CD1 1 
ATOM   1057 C CD2 . TYR A 1 131 ? -14.826 0.604   -13.927 1.00 41.92  ? 132 TYR A CD2 1 
ATOM   1058 C CE1 . TYR A 1 131 ? -14.381 3.235   -13.241 1.00 45.95  ? 132 TYR A CE1 1 
ATOM   1059 C CE2 . TYR A 1 131 ? -15.821 1.527   -14.116 1.00 41.01  ? 132 TYR A CE2 1 
ATOM   1060 C CZ  . TYR A 1 131 ? -15.597 2.845   -13.773 1.00 45.63  ? 132 TYR A CZ  1 
ATOM   1061 O OH  . TYR A 1 131 ? -16.578 3.788   -13.978 1.00 57.89  ? 132 TYR A OH  1 
ATOM   1062 N N   . ALA A 1 132 ? -9.832  -1.477  -12.808 1.00 43.68  ? 133 ALA A N   1 
ATOM   1063 C CA  . ALA A 1 132 ? -9.050  -2.636  -12.411 1.00 43.81  ? 133 ALA A CA  1 
ATOM   1064 C C   . ALA A 1 132 ? -7.967  -2.229  -11.432 1.00 42.10  ? 133 ALA A C   1 
ATOM   1065 O O   . ALA A 1 132 ? -7.862  -2.796  -10.348 1.00 45.96  ? 133 ALA A O   1 
ATOM   1066 C CB  . ALA A 1 132 ? -8.421  -3.287  -13.628 1.00 44.82  ? 133 ALA A CB  1 
ATOM   1067 N N   . ILE A 1 133 ? -7.175  -1.232  -11.812 1.00 42.99  ? 134 ILE A N   1 
ATOM   1068 C CA  . ILE A 1 133 ? -6.095  -0.748  -10.967 1.00 39.64  ? 134 ILE A CA  1 
ATOM   1069 C C   . ILE A 1 133 ? -6.631  -0.354  -9.599  1.00 38.68  ? 134 ILE A C   1 
ATOM   1070 O O   . ILE A 1 133 ? -6.049  -0.700  -8.571  1.00 40.44  ? 134 ILE A O   1 
ATOM   1071 C CB  . ILE A 1 133 ? -5.373  0.443   -11.621 1.00 43.51  ? 134 ILE A CB  1 
ATOM   1072 C CG1 . ILE A 1 133 ? -4.597  -0.037  -12.846 1.00 36.79  ? 134 ILE A CG1 1 
ATOM   1073 C CG2 . ILE A 1 133 ? -4.424  1.103   -10.629 1.00 45.73  ? 134 ILE A CG2 1 
ATOM   1074 C CD1 . ILE A 1 133 ? -3.685  1.006   -13.420 1.00 46.61  ? 134 ILE A CD1 1 
ATOM   1075 N N   . SER A 1 134 ? -7.783  0.304   -9.594  1.00 37.90  ? 135 SER A N   1 
ATOM   1076 C CA  . SER A 1 134 ? -8.407  0.743   -8.358  1.00 42.10  ? 135 SER A CA  1 
ATOM   1077 C C   . SER A 1 134 ? -8.977  -0.402  -7.530  1.00 43.20  ? 135 SER A C   1 
ATOM   1078 O O   . SER A 1 134 ? -8.796  -0.427  -6.311  1.00 45.20  ? 135 SER A O   1 
ATOM   1079 C CB  . SER A 1 134 ? -9.490  1.783   -8.645  1.00 38.27  ? 135 SER A CB  1 
ATOM   1080 O OG  . SER A 1 134 ? -8.909  2.954   -9.198  1.00 56.22  ? 135 SER A OG  1 
ATOM   1081 N N   . ALA A 1 135 ? -9.670  -1.339  -8.173  1.00 36.83  ? 136 ALA A N   1 
ATOM   1082 C CA  . ALA A 1 135 ? -10.244 -2.465  -7.453  1.00 29.33  ? 136 ALA A CA  1 
ATOM   1083 C C   . ALA A 1 135 ? -9.130  -3.210  -6.747  1.00 27.68  ? 136 ALA A C   1 
ATOM   1084 O O   . ALA A 1 135 ? -9.250  -3.520  -5.575  1.00 33.36  ? 136 ALA A O   1 
ATOM   1085 C CB  . ALA A 1 135 ? -11.005 -3.390  -8.386  1.00 21.69  ? 136 ALA A CB  1 
ATOM   1086 N N   . VAL A 1 136 ? -8.010  -3.409  -7.431  1.00 27.94  ? 137 VAL A N   1 
ATOM   1087 C CA  . VAL A 1 136 ? -6.877  -4.118  -6.846  1.00 35.61  ? 137 VAL A CA  1 
ATOM   1088 C C   . VAL A 1 136 ? -6.316  -3.338  -5.669  1.00 39.76  ? 137 VAL A C   1 
ATOM   1089 O O   . VAL A 1 136 ? -6.067  -3.917  -4.619  1.00 44.44  ? 137 VAL A O   1 
ATOM   1090 C CB  . VAL A 1 136 ? -5.743  -4.387  -7.870  1.00 36.53  ? 137 VAL A CB  1 
ATOM   1091 C CG1 . VAL A 1 136 ? -4.570  -5.051  -7.187  1.00 36.79  ? 137 VAL A CG1 1 
ATOM   1092 C CG2 . VAL A 1 136 ? -6.238  -5.283  -8.991  1.00 36.28  ? 137 VAL A CG2 1 
ATOM   1093 N N   . SER A 1 137 ? -6.145  -2.029  -5.825  1.00 35.56  ? 138 SER A N   1 
ATOM   1094 C CA  . SER A 1 137 ? -5.621  -1.222  -4.731  1.00 39.03  ? 138 SER A CA  1 
ATOM   1095 C C   . SER A 1 137 ? -6.600  -1.191  -3.570  1.00 37.73  ? 138 SER A C   1 
ATOM   1096 O O   . SER A 1 137 ? -6.218  -1.398  -2.421  1.00 37.55  ? 138 SER A O   1 
ATOM   1097 C CB  . SER A 1 137 ? -5.309  0.204   -5.184  1.00 37.61  ? 138 SER A CB  1 
ATOM   1098 O OG  . SER A 1 137 ? -4.043  0.248   -5.820  1.00 56.83  ? 138 SER A OG  1 
ATOM   1099 N N   . HIS A 1 138 ? -7.872  -0.992  -3.879  1.00 32.44  ? 139 HIS A N   1 
ATOM   1100 C CA  . HIS A 1 138 ? -8.899  -0.934  -2.851  1.00 28.75  ? 139 HIS A CA  1 
ATOM   1101 C C   . HIS A 1 138 ? -8.962  -2.200  -2.030  1.00 30.12  ? 139 HIS A C   1 
ATOM   1102 O O   . HIS A 1 138 ? -8.998  -2.158  -0.805  1.00 30.54  ? 139 HIS A O   1 
ATOM   1103 C CB  . HIS A 1 138 ? -10.248 -0.649  -3.485  1.00 33.42  ? 139 HIS A CB  1 
ATOM   1104 C CG  . HIS A 1 138 ? -10.386 0.756   -3.978  1.00 36.03  ? 139 HIS A CG  1 
ATOM   1105 N ND1 . HIS A 1 138 ? -11.584 1.273   -4.418  1.00 36.03  ? 139 HIS A ND1 1 
ATOM   1106 C CD2 . HIS A 1 138 ? -9.480  1.752   -4.102  1.00 34.11  ? 139 HIS A CD2 1 
ATOM   1107 C CE1 . HIS A 1 138 ? -11.408 2.526   -4.795  1.00 34.38  ? 139 HIS A CE1 1 
ATOM   1108 N NE2 . HIS A 1 138 ? -10.142 2.843   -4.613  1.00 34.39  ? 139 HIS A NE2 1 
ATOM   1109 N N   . PHE A 1 139 ? -8.949  -3.330  -2.717  1.00 33.35  ? 140 PHE A N   1 
ATOM   1110 C CA  . PHE A 1 139 ? -9.000  -4.623  -2.064  1.00 29.78  ? 140 PHE A CA  1 
ATOM   1111 C C   . PHE A 1 139 ? -7.734  -4.893  -1.264  1.00 26.04  ? 140 PHE A C   1 
ATOM   1112 O O   . PHE A 1 139 ? -7.801  -5.413  -0.159  1.00 31.93  ? 140 PHE A O   1 
ATOM   1113 C CB  . PHE A 1 139 ? -9.214  -5.725  -3.098  1.00 32.69  ? 140 PHE A CB  1 
ATOM   1114 C CG  . PHE A 1 139 ? -9.044  -7.111  -2.553  1.00 29.37  ? 140 PHE A CG  1 
ATOM   1115 C CD1 . PHE A 1 139 ? -9.991  -7.656  -1.706  1.00 27.57  ? 140 PHE A CD1 1 
ATOM   1116 C CD2 . PHE A 1 139 ? -7.929  -7.869  -2.888  1.00 31.65  ? 140 PHE A CD2 1 
ATOM   1117 C CE1 . PHE A 1 139 ? -9.834  -8.935  -1.200  1.00 32.98  ? 140 PHE A CE1 1 
ATOM   1118 C CE2 . PHE A 1 139 ? -7.764  -9.150  -2.386  1.00 28.78  ? 140 PHE A CE2 1 
ATOM   1119 C CZ  . PHE A 1 139 ? -8.721  -9.684  -1.539  1.00 24.93  ? 140 PHE A CZ  1 
ATOM   1120 N N   . THR A 1 140 ? -6.583  -4.544  -1.822  1.00 27.73  ? 141 THR A N   1 
ATOM   1121 C CA  . THR A 1 140 ? -5.316  -4.764  -1.140  1.00 33.53  ? 141 THR A CA  1 
ATOM   1122 C C   . THR A 1 140 ? -5.241  -3.898  0.119   1.00 37.62  ? 141 THR A C   1 
ATOM   1123 O O   . THR A 1 140 ? -4.864  -4.369  1.199   1.00 39.71  ? 141 THR A O   1 
ATOM   1124 C CB  . THR A 1 140 ? -4.126  -4.471  -2.067  1.00 29.30  ? 141 THR A CB  1 
ATOM   1125 O OG1 . THR A 1 140 ? -4.244  -5.268  -3.247  1.00 34.40  ? 141 THR A OG1 1 
ATOM   1126 C CG2 . THR A 1 140 ? -2.822  -4.830  -1.391  1.00 32.89  ? 141 THR A CG2 1 
ATOM   1127 N N   . LEU A 1 141 ? -5.689  -2.656  -0.007  1.00 40.68  ? 142 LEU A N   1 
ATOM   1128 C CA  . LEU A 1 141 ? -5.676  -1.723  1.108   1.00 40.11  ? 142 LEU A CA  1 
ATOM   1129 C C   . LEU A 1 141 ? -6.609  -2.185  2.219   1.00 39.85  ? 142 LEU A C   1 
ATOM   1130 O O   . LEU A 1 141 ? -6.274  -2.093  3.399   1.00 37.31  ? 142 LEU A O   1 
ATOM   1131 C CB  . LEU A 1 141 ? -6.109  -0.346  0.642   1.00 41.94  ? 142 LEU A CB  1 
ATOM   1132 C CG  . LEU A 1 141 ? -5.586  0.751   1.547   1.00 40.79  ? 142 LEU A CG  1 
ATOM   1133 C CD1 . LEU A 1 141 ? -4.134  1.014   1.187   1.00 39.73  ? 142 LEU A CD1 1 
ATOM   1134 C CD2 . LEU A 1 141 ? -6.413  1.988   1.355   1.00 39.29  ? 142 LEU A CD2 1 
ATOM   1135 N N   . GLY A 1 142 ? -7.790  -2.657  1.830   1.00 36.64  ? 143 GLY A N   1 
ATOM   1136 C CA  . GLY A 1 142 ? -8.757  -3.134  2.799   1.00 35.70  ? 143 GLY A CA  1 
ATOM   1137 C C   . GLY A 1 142 ? -8.235  -4.336  3.568   1.00 38.95  ? 143 GLY A C   1 
ATOM   1138 O O   . GLY A 1 142 ? -8.386  -4.407  4.791   1.00 44.39  ? 143 GLY A O   1 
ATOM   1139 N N   . ALA A 1 143 ? -7.601  -5.271  2.859   1.00 34.19  ? 144 ALA A N   1 
ATOM   1140 C CA  . ALA A 1 143 ? -7.046  -6.482  3.463   1.00 32.45  ? 144 ALA A CA  1 
ATOM   1141 C C   . ALA A 1 143 ? -5.968  -6.150  4.483   1.00 36.84  ? 144 ALA A C   1 
ATOM   1142 O O   . ALA A 1 143 ? -5.994  -6.647  5.609   1.00 40.62  ? 144 ALA A O   1 
ATOM   1143 C CB  . ALA A 1 143 ? -6.474  -7.394  2.385   1.00 31.13  ? 144 ALA A CB  1 
ATOM   1144 N N   . VAL A 1 144 ? -5.016  -5.319  4.071   1.00 35.10  ? 145 VAL A N   1 
ATOM   1145 C CA  . VAL A 1 144 ? -3.934  -4.905  4.940   1.00 33.31  ? 145 VAL A CA  1 
ATOM   1146 C C   . VAL A 1 144 ? -4.480  -4.150  6.156   1.00 35.67  ? 145 VAL A C   1 
ATOM   1147 O O   . VAL A 1 144 ? -4.050  -4.393  7.275   1.00 35.84  ? 145 VAL A O   1 
ATOM   1148 C CB  . VAL A 1 144 ? -2.918  -4.054  4.180   1.00 33.18  ? 145 VAL A CB  1 
ATOM   1149 C CG1 . VAL A 1 144 ? -1.968  -3.372  5.146   1.00 43.81  ? 145 VAL A CG1 1 
ATOM   1150 C CG2 . VAL A 1 144 ? -2.131  -4.933  3.240   1.00 27.80  ? 145 VAL A CG2 1 
ATOM   1151 N N   . LEU A 1 145 ? -5.436  -3.253  5.950   1.00 30.83  ? 146 LEU A N   1 
ATOM   1152 C CA  . LEU A 1 145 ? -6.012  -2.527  7.070   1.00 36.06  ? 146 LEU A CA  1 
ATOM   1153 C C   . LEU A 1 145 ? -6.630  -3.487  8.076   1.00 40.61  ? 146 LEU A C   1 
ATOM   1154 O O   . LEU A 1 145 ? -6.303  -3.430  9.256   1.00 47.41  ? 146 LEU A O   1 
ATOM   1155 C CB  . LEU A 1 145 ? -7.037  -1.510  6.592   1.00 30.38  ? 146 LEU A CB  1 
ATOM   1156 C CG  . LEU A 1 145 ? -6.337  -0.211  6.211   1.00 33.43  ? 146 LEU A CG  1 
ATOM   1157 C CD1 . LEU A 1 145 ? -7.299  0.729   5.559   1.00 28.58  ? 146 LEU A CD1 1 
ATOM   1158 C CD2 . LEU A 1 145 ? -5.723  0.423   7.445   1.00 39.10  ? 146 LEU A CD2 1 
ATOM   1159 N N   . GLU A 1 146 ? -7.478  -4.396  7.604   1.00 46.72  ? 147 GLU A N   1 
ATOM   1160 C CA  . GLU A 1 146 ? -8.120  -5.389  8.469   1.00 48.79  ? 147 GLU A CA  1 
ATOM   1161 C C   . GLU A 1 146 ? -7.061  -6.160  9.235   1.00 50.98  ? 147 GLU A C   1 
ATOM   1162 O O   . GLU A 1 146 ? -7.176  -6.377  10.443  1.00 59.62  ? 147 GLU A O   1 
ATOM   1163 C CB  . GLU A 1 146 ? -8.938  -6.376  7.639   1.00 53.05  ? 147 GLU A CB  1 
ATOM   1164 C CG  . GLU A 1 146 ? -10.367 -5.934  7.348   1.00 57.58  ? 147 GLU A CG  1 
ATOM   1165 C CD  . GLU A 1 146 ? -11.396 -6.604  8.249   1.00 59.68  ? 147 GLU A CD  1 
ATOM   1166 O OE1 . GLU A 1 146 ? -11.048 -7.588  8.938   1.00 62.74  ? 147 GLU A OE1 1 
ATOM   1167 O OE2 . GLU A 1 146 ? -12.563 -6.155  8.256   1.00 62.40  ? 147 GLU A OE2 1 
ATOM   1168 N N   . GLN A 1 147 ? -6.013  -6.535  8.521   1.00 51.38  ? 148 GLN A N   1 
ATOM   1169 C CA  . GLN A 1 147 ? -4.899  -7.285  9.087   1.00 55.13  ? 148 GLN A CA  1 
ATOM   1170 C C   . GLN A 1 147 ? -4.107  -6.472  10.126  1.00 51.10  ? 148 GLN A C   1 
ATOM   1171 O O   . GLN A 1 147 ? -3.663  -7.014  11.133  1.00 49.62  ? 148 GLN A O   1 
ATOM   1172 C CB  . GLN A 1 147 ? -3.976  -7.719  7.944   1.00 57.69  ? 148 GLN A CB  1 
ATOM   1173 C CG  . GLN A 1 147 ? -3.057  -8.891  8.235   1.00 57.04  ? 148 GLN A CG  1 
ATOM   1174 C CD  . GLN A 1 147 ? -2.270  -9.315  7.006   1.00 58.18  ? 148 GLN A CD  1 
ATOM   1175 O OE1 . GLN A 1 147 ? -2.655  -9.023  5.871   1.00 68.26  ? 148 GLN A OE1 1 
ATOM   1176 N NE2 . GLN A 1 147 ? -1.155  -9.993  7.224   1.00 61.97  ? 148 GLN A NE2 1 
ATOM   1177 N N   . GLN A 1 148 ? -3.940  -5.175  9.875   1.00 51.16  ? 149 GLN A N   1 
ATOM   1178 C CA  . GLN A 1 148 ? -3.188  -4.302  10.772  1.00 48.45  ? 149 GLN A CA  1 
ATOM   1179 C C   . GLN A 1 148 ? -3.938  -3.873  12.015  1.00 55.05  ? 149 GLN A C   1 
ATOM   1180 O O   . GLN A 1 148 ? -3.324  -3.448  12.987  1.00 63.32  ? 149 GLN A O   1 
ATOM   1181 C CB  . GLN A 1 148 ? -2.642  -3.079  10.023  1.00 41.50  ? 149 GLN A CB  1 
ATOM   1182 C CG  . GLN A 1 148 ? -1.417  -3.419  9.190   1.00 37.86  ? 149 GLN A CG  1 
ATOM   1183 C CD  . GLN A 1 148 ? -0.785  -2.229  8.503   1.00 37.41  ? 149 GLN A CD  1 
ATOM   1184 O OE1 . GLN A 1 148 ? -1.451  -1.243  8.195   1.00 42.94  ? 149 GLN A OE1 1 
ATOM   1185 N NE2 . GLN A 1 148 ? 0.513   -2.321  8.242   1.00 33.12  ? 149 GLN A NE2 1 
ATOM   1186 N N   . GLU A 1 149 ? -5.261  -3.957  11.984  1.00 57.59  ? 150 GLU A N   1 
ATOM   1187 C CA  . GLU A 1 149 ? -6.045  -3.578  13.146  1.00 60.79  ? 150 GLU A CA  1 
ATOM   1188 C C   . GLU A 1 149 ? -6.230  -4.804  14.030  1.00 68.10  ? 150 GLU A C   1 
ATOM   1189 O O   . GLU A 1 149 ? -6.568  -4.688  15.210  1.00 74.37  ? 150 GLU A O   1 
ATOM   1190 C CB  . GLU A 1 149 ? -7.407  -3.042  12.720  1.00 57.48  ? 150 GLU A CB  1 
ATOM   1191 C CG  . GLU A 1 149 ? -7.958  -1.956  13.627  1.00 57.54  ? 150 GLU A CG  1 
ATOM   1192 C CD  . GLU A 1 149 ? -7.360  -0.597  13.332  1.00 58.06  ? 150 GLU A CD  1 
ATOM   1193 O OE1 . GLU A 1 149 ? -6.189  -0.363  13.685  1.00 69.41  ? 150 GLU A OE1 1 
ATOM   1194 O OE2 . GLU A 1 149 ? -8.061  0.245   12.736  1.00 64.03  ? 150 GLU A OE2 1 
ATOM   1195 N N   . HIS A 1 150 ? -6.096  -5.980  13.426  1.00 72.53  ? 151 HIS A N   1 
ATOM   1196 C CA  . HIS A 1 150 ? -6.244  -7.234  14.150  1.00 78.87  ? 151 HIS A CA  1 
ATOM   1197 C C   . HIS A 1 150 ? -4.930  -8.004  14.228  1.00 81.82  ? 151 HIS A C   1 
ATOM   1198 O O   . HIS A 1 150 ? -4.940  -9.220  13.938  1.00 82.65  ? 151 HIS A O   1 
ATOM   1199 C CB  . HIS A 1 150 ? -7.329  -8.090  13.494  1.00 82.49  ? 151 HIS A CB  1 
ATOM   1200 C CG  . HIS A 1 150 ? -8.707  -7.522  13.625  1.00 88.09  ? 151 HIS A CG  1 
ATOM   1201 N ND1 . HIS A 1 150 ? -8.996  -6.197  13.379  1.00 89.24  ? 151 HIS A ND1 1 
ATOM   1202 C CD2 . HIS A 1 150 ? -9.881  -8.101  13.979  1.00 89.37  ? 151 HIS A CD2 1 
ATOM   1203 C CE1 . HIS A 1 150 ? -10.285 -5.981  13.576  1.00 90.71  ? 151 HIS A CE1 1 
ATOM   1204 N NE2 . HIS A 1 150 ? -10.842 -7.122  13.940  1.00 93.20  ? 151 HIS A NE2 1 
ATOM   1205 N N   . ASN A 1 164 ? -19.500 -18.535 23.776  1.00 98.30  ? 165 ASN A N   1 
ATOM   1206 C CA  . ASN A 1 164 ? -20.366 -18.910 22.617  1.00 98.84  ? 165 ASN A CA  1 
ATOM   1207 C C   . ASN A 1 164 ? -19.595 -18.656 21.327  1.00 100.00 ? 165 ASN A C   1 
ATOM   1208 O O   . ASN A 1 164 ? -18.884 -17.658 21.220  1.00 100.00 ? 165 ASN A O   1 
ATOM   1209 C CB  . ASN A 1 164 ? -21.654 -18.069 22.605  1.00 95.65  ? 165 ASN A CB  1 
ATOM   1210 C CG  . ASN A 1 164 ? -22.383 -18.090 23.936  1.00 97.15  ? 165 ASN A CG  1 
ATOM   1211 O OD1 . ASN A 1 164 ? -21.816 -18.484 24.956  1.00 97.43  ? 165 ASN A OD1 1 
ATOM   1212 N ND2 . ASN A 1 164 ? -23.633 -17.649 23.938  1.00 97.25  ? 165 ASN A ND2 1 
ATOM   1213 N N   . LEU A 1 165 ? -19.706 -19.576 20.375  1.00 98.53  ? 166 LEU A N   1 
ATOM   1214 C CA  . LEU A 1 165 ? -19.039 -19.449 19.080  1.00 93.88  ? 166 LEU A CA  1 
ATOM   1215 C C   . LEU A 1 165 ? -19.851 -20.230 18.052  1.00 93.81  ? 166 LEU A C   1 
ATOM   1216 O O   . LEU A 1 165 ? -20.208 -21.388 18.286  1.00 93.36  ? 166 LEU A O   1 
ATOM   1217 C CB  . LEU A 1 165 ? -17.597 -19.981 19.141  1.00 88.18  ? 166 LEU A CB  1 
ATOM   1218 C CG  . LEU A 1 165 ? -16.749 -19.974 17.861  1.00 82.42  ? 166 LEU A CG  1 
ATOM   1219 C CD1 . LEU A 1 165 ? -16.625 -18.570 17.304  1.00 76.89  ? 166 LEU A CD1 1 
ATOM   1220 C CD2 . LEU A 1 165 ? -15.370 -20.545 18.150  1.00 78.31  ? 166 LEU A CD2 1 
ATOM   1221 N N   . PRO A 1 166 ? -20.252 -19.565 16.957  1.00 91.47  ? 167 PRO A N   1 
ATOM   1222 C CA  . PRO A 1 166 ? -21.033 -20.217 15.903  1.00 85.48  ? 167 PRO A CA  1 
ATOM   1223 C C   . PRO A 1 166 ? -20.250 -21.404 15.344  1.00 81.62  ? 167 PRO A C   1 
ATOM   1224 O O   . PRO A 1 166 ? -19.066 -21.278 15.022  1.00 78.12  ? 167 PRO A O   1 
ATOM   1225 C CB  . PRO A 1 166 ? -21.186 -19.104 14.872  1.00 88.10  ? 167 PRO A CB  1 
ATOM   1226 C CG  . PRO A 1 166 ? -21.240 -17.874 15.716  1.00 89.06  ? 167 PRO A CG  1 
ATOM   1227 C CD  . PRO A 1 166 ? -20.111 -18.123 16.683  1.00 90.72  ? 167 PRO A CD  1 
ATOM   1228 N N   . PRO A 1 167 ? -20.904 -22.571 15.222  1.00 78.96  ? 168 PRO A N   1 
ATOM   1229 C CA  . PRO A 1 167 ? -20.318 -23.820 14.713  1.00 72.54  ? 168 PRO A CA  1 
ATOM   1230 C C   . PRO A 1 167 ? -19.447 -23.687 13.466  1.00 67.40  ? 168 PRO A C   1 
ATOM   1231 O O   . PRO A 1 167 ? -18.234 -23.893 13.539  1.00 55.61  ? 168 PRO A O   1 
ATOM   1232 C CB  . PRO A 1 167 ? -21.546 -24.686 14.465  1.00 75.02  ? 168 PRO A CB  1 
ATOM   1233 C CG  . PRO A 1 167 ? -22.438 -24.285 15.598  1.00 78.84  ? 168 PRO A CG  1 
ATOM   1234 C CD  . PRO A 1 167 ? -22.317 -22.775 15.596  1.00 78.99  ? 168 PRO A CD  1 
ATOM   1235 N N   . LEU A 1 168 ? -20.059 -23.331 12.335  1.00 69.60  ? 169 LEU A N   1 
ATOM   1236 C CA  . LEU A 1 168 ? -19.340 -23.167 11.061  1.00 72.68  ? 169 LEU A CA  1 
ATOM   1237 C C   . LEU A 1 168 ? -18.149 -22.232 11.205  1.00 75.45  ? 169 LEU A C   1 
ATOM   1238 O O   . LEU A 1 168 ? -17.072 -22.486 10.660  1.00 74.64  ? 169 LEU A O   1 
ATOM   1239 C CB  . LEU A 1 168 ? -20.268 -22.613 9.983   1.00 65.27  ? 169 LEU A CB  1 
ATOM   1240 C CG  . LEU A 1 168 ? -21.388 -23.544 9.559   1.00 68.27  ? 169 LEU A CG  1 
ATOM   1241 C CD1 . LEU A 1 168 ? -22.438 -22.777 8.798   1.00 74.82  ? 169 LEU A CD1 1 
ATOM   1242 C CD2 . LEU A 1 168 ? -20.808 -24.658 8.720   1.00 74.27  ? 169 LEU A CD2 1 
ATOM   1243 N N   . LEU A 1 169 ? -18.353 -21.144 11.942  1.00 79.56  ? 170 LEU A N   1 
ATOM   1244 C CA  . LEU A 1 169 ? -17.300 -20.171 12.163  1.00 76.64  ? 170 LEU A CA  1 
ATOM   1245 C C   . LEU A 1 169 ? -16.135 -20.775 12.949  1.00 77.09  ? 170 LEU A C   1 
ATOM   1246 O O   . LEU A 1 169 ? -15.010 -20.351 12.769  1.00 75.92  ? 170 LEU A O   1 
ATOM   1247 C CB  . LEU A 1 169 ? -17.846 -18.923 12.861  1.00 75.76  ? 170 LEU A CB  1 
ATOM   1248 C CG  . LEU A 1 169 ? -16.946 -17.689 12.782  1.00 77.77  ? 170 LEU A CG  1 
ATOM   1249 C CD1 . LEU A 1 169 ? -16.627 -17.350 11.325  1.00 72.76  ? 170 LEU A CD1 1 
ATOM   1250 C CD2 . LEU A 1 169 ? -17.633 -16.525 13.466  1.00 80.84  ? 170 LEU A CD2 1 
ATOM   1251 N N   . ARG A 1 170 ? -16.387 -21.775 13.793  1.00 78.34  ? 171 ARG A N   1 
ATOM   1252 C CA  . ARG A 1 170 ? -15.296 -22.404 14.540  1.00 76.70  ? 171 ARG A CA  1 
ATOM   1253 C C   . ARG A 1 170 ? -14.292 -22.957 13.532  1.00 75.30  ? 171 ARG A C   1 
ATOM   1254 O O   . ARG A 1 170 ? -13.087 -22.911 13.760  1.00 77.65  ? 171 ARG A O   1 
ATOM   1255 C CB  . ARG A 1 170 ? -15.806 -23.530 15.451  1.00 79.11  ? 171 ARG A CB  1 
ATOM   1256 C CG  . ARG A 1 170 ? -14.701 -24.242 16.261  1.00 77.21  ? 171 ARG A CG  1 
ATOM   1257 C CD  . ARG A 1 170 ? -15.265 -25.376 17.136  1.00 70.86  ? 171 ARG A CD  1 
ATOM   1258 N NE  . ARG A 1 170 ? -15.968 -26.382 16.342  1.00 70.23  ? 171 ARG A NE  1 
ATOM   1259 C CZ  . ARG A 1 170 ? -15.406 -27.093 15.364  1.00 71.03  ? 171 ARG A CZ  1 
ATOM   1260 N NH1 . ARG A 1 170 ? -14.131 -26.939 15.054  1.00 72.83  ? 171 ARG A NH1 1 
ATOM   1261 N NH2 . ARG A 1 170 ? -16.133 -27.938 14.656  1.00 61.48  ? 171 ARG A NH2 1 
ATOM   1262 N N   . GLU A 1 171 ? -14.797 -23.441 12.401  1.00 77.58  ? 172 GLU A N   1 
ATOM   1263 C CA  . GLU A 1 171 ? -13.948 -23.984 11.344  1.00 81.79  ? 172 GLU A CA  1 
ATOM   1264 C C   . GLU A 1 171 ? -13.336 -22.859 10.527  1.00 80.55  ? 172 GLU A C   1 
ATOM   1265 O O   . GLU A 1 171 ? -12.115 -22.766 10.391  1.00 79.56  ? 172 GLU A O   1 
ATOM   1266 C CB  . GLU A 1 171 ? -14.758 -24.901 10.424  1.00 85.92  ? 172 GLU A CB  1 
ATOM   1267 C CG  . GLU A 1 171 ? -15.238 -26.196 11.080  1.00 95.89  ? 172 GLU A CG  1 
ATOM   1268 C CD  . GLU A 1 171 ? -14.112 -27.195 11.344  1.00 99.93  ? 172 GLU A CD  1 
ATOM   1269 O OE1 . GLU A 1 171 ? -13.088 -26.813 11.946  1.00 100.00 ? 172 GLU A OE1 1 
ATOM   1270 O OE2 . GLU A 1 171 ? -14.252 -28.373 10.952  1.00 100.00 ? 172 GLU A OE2 1 
ATOM   1271 N N   . ALA A 1 172 ? -14.194 -22.001 9.994   1.00 82.38  ? 173 ALA A N   1 
ATOM   1272 C CA  . ALA A 1 172 ? -13.752 -20.869 9.193   1.00 92.58  ? 173 ALA A CA  1 
ATOM   1273 C C   . ALA A 1 172 ? -12.702 -20.071 9.955   1.00 97.35  ? 173 ALA A C   1 
ATOM   1274 O O   . ALA A 1 172 ? -11.594 -19.839 9.459   1.00 99.98  ? 173 ALA A O   1 
ATOM   1275 C CB  . ALA A 1 172 ? -14.938 -19.980 8.852   1.00 94.82  ? 173 ALA A CB  1 
ATOM   1276 N N   . LEU A 1 173 ? -13.049 -19.676 11.175  1.00 99.80  ? 174 LEU A N   1 
ATOM   1277 C CA  . LEU A 1 173 ? -12.151 -18.908 12.023  1.00 98.18  ? 174 LEU A CA  1 
ATOM   1278 C C   . LEU A 1 173 ? -10.801 -19.602 12.125  1.00 98.34  ? 174 LEU A C   1 
ATOM   1279 O O   . LEU A 1 173 ? -9.767  -18.957 11.976  1.00 99.97  ? 174 LEU A O   1 
ATOM   1280 C CB  . LEU A 1 173 ? -12.750 -18.727 13.421  1.00 98.15  ? 174 LEU A CB  1 
ATOM   1281 C CG  . LEU A 1 173 ? -12.031 -17.803 14.405  1.00 99.90  ? 174 LEU A CG  1 
ATOM   1282 C CD1 . LEU A 1 173 ? -12.095 -16.366 13.904  1.00 99.99  ? 174 LEU A CD1 1 
ATOM   1283 C CD2 . LEU A 1 173 ? -12.669 -17.917 15.784  1.00 97.90  ? 174 LEU A CD2 1 
ATOM   1284 N N   . GLN A 1 174 ? -10.804 -20.921 12.306  1.00 95.40  ? 175 GLN A N   1 
ATOM   1285 C CA  . GLN A 1 174 ? -9.554  -21.664 12.428  1.00 96.22  ? 175 GLN A CA  1 
ATOM   1286 C C   . GLN A 1 174 ? -8.630  -21.618 11.218  1.00 98.00  ? 175 GLN A C   1 
ATOM   1287 O O   . GLN A 1 174 ? -7.434  -21.893 11.331  1.00 96.94  ? 175 GLN A O   1 
ATOM   1288 C CB  . GLN A 1 174 ? -9.804  -23.097 12.887  1.00 94.17  ? 175 GLN A CB  1 
ATOM   1289 C CG  . GLN A 1 174 ? -10.168 -23.148 14.358  1.00 97.25  ? 175 GLN A CG  1 
ATOM   1290 C CD  . GLN A 1 174 ? -10.055 -24.530 14.962  1.00 100.00 ? 175 GLN A CD  1 
ATOM   1291 O OE1 . GLN A 1 174 ? -10.863 -24.913 15.813  1.00 100.00 ? 175 GLN A OE1 1 
ATOM   1292 N NE2 . GLN A 1 174 ? -9.030  -25.277 14.554  1.00 100.00 ? 175 GLN A NE2 1 
ATOM   1293 N N   . ILE A 1 175 ? -9.172  -21.231 10.068  1.00 100.00 ? 176 ILE A N   1 
ATOM   1294 C CA  . ILE A 1 175 ? -8.367  -21.113 8.857   1.00 100.00 ? 176 ILE A CA  1 
ATOM   1295 C C   . ILE A 1 175 ? -7.746  -19.705 8.832   1.00 100.00 ? 176 ILE A C   1 
ATOM   1296 O O   . ILE A 1 175 ? -6.666  -19.507 8.269   1.00 100.00 ? 176 ILE A O   1 
ATOM   1297 C CB  . ILE A 1 175 ? -9.195  -21.438 7.586   1.00 98.50  ? 176 ILE A CB  1 
ATOM   1298 C CG1 . ILE A 1 175 ? -9.736  -22.873 7.693   1.00 98.25  ? 176 ILE A CG1 1 
ATOM   1299 C CG2 . ILE A 1 175 ? -8.332  -21.313 6.330   1.00 99.30  ? 176 ILE A CG2 1 
ATOM   1300 C CD1 . ILE A 1 175 ? -10.575 -23.326 6.512   1.00 87.27  ? 176 ILE A CD1 1 
ATOM   1301 N N   . MET A 1 176 ? -8.403  -18.745 9.489   1.00 100.00 ? 177 MET A N   1 
ATOM   1302 C CA  . MET A 1 176 ? -7.883  -17.377 9.595   1.00 98.08  ? 177 MET A CA  1 
ATOM   1303 C C   . MET A 1 176 ? -6.819  -17.381 10.697  1.00 100.00 ? 177 MET A C   1 
ATOM   1304 O O   . MET A 1 176 ? -5.749  -16.784 10.552  1.00 100.00 ? 177 MET A O   1 
ATOM   1305 C CB  . MET A 1 176 ? -8.981  -16.378 10.002  1.00 92.35  ? 177 MET A CB  1 
ATOM   1306 C CG  . MET A 1 176 ? -10.036 -16.079 8.953   1.00 87.54  ? 177 MET A CG  1 
ATOM   1307 S SD  . MET A 1 176 ? -11.231 -14.821 9.520   1.00 82.01  ? 177 MET A SD  1 
ATOM   1308 C CE  . MET A 1 176 ? -10.754 -13.404 8.518   1.00 82.68  ? 177 MET A CE  1 
ATOM   1309 N N   . ASP A 1 177 ? -7.112  -18.097 11.779  1.00 100.00 ? 178 ASP A N   1 
ATOM   1310 C CA  . ASP A 1 177 ? -6.214  -18.170 12.926  1.00 99.84  ? 178 ASP A CA  1 
ATOM   1311 C C   . ASP A 1 177 ? -4.902  -18.941 12.736  1.00 97.55  ? 178 ASP A C   1 
ATOM   1312 O O   . ASP A 1 177 ? -3.969  -18.772 13.521  1.00 96.32  ? 178 ASP A O   1 
ATOM   1313 C CB  . ASP A 1 177 ? -6.991  -18.613 14.183  1.00 100.00 ? 178 ASP A CB  1 
ATOM   1314 C CG  . ASP A 1 177 ? -7.929  -17.506 14.721  1.00 100.00 ? 178 ASP A CG  1 
ATOM   1315 O OD1 . ASP A 1 177 ? -8.206  -16.529 13.980  1.00 96.83  ? 178 ASP A OD1 1 
ATOM   1316 O OD2 . ASP A 1 177 ? -8.380  -17.606 15.886  1.00 97.96  ? 178 ASP A OD2 1 
ATOM   1317 N N   . SER A 1 178 ? -4.799  -19.709 11.654  1.00 96.87  ? 179 SER A N   1 
ATOM   1318 C CA  . SER A 1 178 ? -3.591  -20.483 11.348  1.00 96.01  ? 179 SER A CA  1 
ATOM   1319 C C   . SER A 1 178 ? -2.564  -19.744 10.462  1.00 95.64  ? 179 SER A C   1 
ATOM   1320 O O   . SER A 1 178 ? -1.350  -19.796 10.707  1.00 93.87  ? 179 SER A O   1 
ATOM   1321 C CB  . SER A 1 178 ? -4.001  -21.787 10.678  1.00 94.59  ? 179 SER A CB  1 
ATOM   1322 O OG  . SER A 1 178 ? -5.051  -21.540 9.755   1.00 94.90  ? 179 SER A OG  1 
ATOM   1323 N N   . ASP A 1 179 ? -3.060  -19.133 9.391   1.00 92.61  ? 180 ASP A N   1 
ATOM   1324 C CA  . ASP A 1 179 ? -2.244  -18.383 8.441   1.00 92.09  ? 180 ASP A CA  1 
ATOM   1325 C C   . ASP A 1 179 ? -2.317  -16.894 8.824   1.00 92.59  ? 180 ASP A C   1 
ATOM   1326 O O   . ASP A 1 179 ? -3.119  -16.512 9.676   1.00 91.75  ? 180 ASP A O   1 
ATOM   1327 C CB  . ASP A 1 179 ? -2.803  -18.622 7.026   1.00 91.33  ? 180 ASP A CB  1 
ATOM   1328 C CG  . ASP A 1 179 ? -1.939  -18.020 5.921   1.00 92.71  ? 180 ASP A CG  1 
ATOM   1329 O OD1 . ASP A 1 179 ? -0.752  -18.386 5.798   1.00 89.14  ? 180 ASP A OD1 1 
ATOM   1330 O OD2 . ASP A 1 179 ? -2.469  -17.200 5.148   1.00 89.51  ? 180 ASP A OD2 1 
ATOM   1331 N N   . ASP A 1 180 ? -1.493  -16.054 8.200   1.00 91.49  ? 181 ASP A N   1 
ATOM   1332 C CA  . ASP A 1 180 ? -1.499  -14.624 8.510   1.00 87.02  ? 181 ASP A CA  1 
ATOM   1333 C C   . ASP A 1 180 ? -2.354  -13.776 7.559   1.00 83.41  ? 181 ASP A C   1 
ATOM   1334 O O   . ASP A 1 180 ? -2.180  -12.561 7.488   1.00 84.88  ? 181 ASP A O   1 
ATOM   1335 C CB  . ASP A 1 180 ? -0.066  -14.074 8.564   1.00 91.91  ? 181 ASP A CB  1 
ATOM   1336 C CG  . ASP A 1 180 ? 0.648   -14.150 7.218   1.00 96.23  ? 181 ASP A CG  1 
ATOM   1337 O OD1 . ASP A 1 180 ? 0.807   -15.272 6.689   1.00 97.68  ? 181 ASP A OD1 1 
ATOM   1338 O OD2 . ASP A 1 180 ? 1.057   -13.089 6.690   1.00 97.91  ? 181 ASP A OD2 1 
ATOM   1339 N N   . GLY A 1 181 ? -3.255  -14.413 6.813   1.00 77.25  ? 182 GLY A N   1 
ATOM   1340 C CA  . GLY A 1 181 ? -4.110  -13.671 5.895   1.00 65.45  ? 182 GLY A CA  1 
ATOM   1341 C C   . GLY A 1 181 ? -3.617  -13.573 4.457   1.00 60.29  ? 182 GLY A C   1 
ATOM   1342 O O   . GLY A 1 181 ? -4.305  -13.007 3.607   1.00 53.12  ? 182 GLY A O   1 
ATOM   1343 N N   . GLU A 1 182 ? -2.450  -14.150 4.164   1.00 60.02  ? 183 GLU A N   1 
ATOM   1344 C CA  . GLU A 1 182 ? -1.903  -14.118 2.806   1.00 56.84  ? 183 GLU A CA  1 
ATOM   1345 C C   . GLU A 1 182 ? -2.765  -14.965 1.877   1.00 54.18  ? 183 GLU A C   1 
ATOM   1346 O O   . GLU A 1 182 ? -3.165  -14.501 0.812   1.00 58.42  ? 183 GLU A O   1 
ATOM   1347 C CB  . GLU A 1 182 ? -0.444  -14.605 2.763   1.00 59.89  ? 183 GLU A CB  1 
ATOM   1348 C CG  . GLU A 1 182 ? 0.218   -14.422 1.388   1.00 63.87  ? 183 GLU A CG  1 
ATOM   1349 C CD  . GLU A 1 182 ? 1.672   -14.896 1.309   1.00 68.43  ? 183 GLU A CD  1 
ATOM   1350 O OE1 . GLU A 1 182 ? 2.049   -15.885 1.977   1.00 73.51  ? 183 GLU A OE1 1 
ATOM   1351 O OE2 . GLU A 1 182 ? 2.442   -14.287 0.542   1.00 67.65  ? 183 GLU A OE2 1 
ATOM   1352 N N   . GLN A 1 183 ? -3.067  -16.195 2.286   1.00 51.31  ? 184 GLN A N   1 
ATOM   1353 C CA  . GLN A 1 183 ? -3.900  -17.088 1.479   1.00 48.81  ? 184 GLN A CA  1 
ATOM   1354 C C   . GLN A 1 183 ? -5.214  -16.424 1.042   1.00 45.94  ? 184 GLN A C   1 
ATOM   1355 O O   . GLN A 1 183 ? -5.508  -16.331 -0.154  1.00 53.33  ? 184 GLN A O   1 
ATOM   1356 C CB  . GLN A 1 183 ? -4.207  -18.377 2.244   1.00 47.87  ? 184 GLN A CB  1 
ATOM   1357 C CG  . GLN A 1 183 ? -3.092  -19.398 2.251   1.00 58.77  ? 184 GLN A CG  1 
ATOM   1358 C CD  . GLN A 1 183 ? -3.503  -20.684 2.947   1.00 69.69  ? 184 GLN A CD  1 
ATOM   1359 O OE1 . GLN A 1 183 ? -4.638  -21.144 2.808   1.00 73.80  ? 184 GLN A OE1 1 
ATOM   1360 N NE2 . GLN A 1 183 ? -2.583  -21.267 3.706   1.00 76.97  ? 184 GLN A NE2 1 
ATOM   1361 N N   . ALA A 1 184 ? -5.994  -15.957 2.010   1.00 39.24  ? 185 ALA A N   1 
ATOM   1362 C CA  . ALA A 1 184 ? -7.261  -15.301 1.722   1.00 35.91  ? 185 ALA A CA  1 
ATOM   1363 C C   . ALA A 1 184 ? -7.078  -14.136 0.742   1.00 38.27  ? 185 ALA A C   1 
ATOM   1364 O O   . ALA A 1 184 ? -7.886  -13.967 -0.179  1.00 42.37  ? 185 ALA A O   1 
ATOM   1365 C CB  . ALA A 1 184 ? -7.922  -14.825 3.021   1.00 33.55  ? 185 ALA A CB  1 
ATOM   1366 N N   . PHE A 1 185 ? -6.004  -13.361 0.914   1.00 31.44  ? 186 PHE A N   1 
ATOM   1367 C CA  . PHE A 1 185 ? -5.736  -12.236 0.027   1.00 29.82  ? 186 PHE A CA  1 
ATOM   1368 C C   . PHE A 1 185 ? -5.434  -12.737 -1.381  1.00 35.22  ? 186 PHE A C   1 
ATOM   1369 O O   . PHE A 1 185 ? -6.045  -12.282 -2.343  1.00 36.66  ? 186 PHE A O   1 
ATOM   1370 C CB  . PHE A 1 185 ? -4.568  -11.393 0.531   1.00 28.52  ? 186 PHE A CB  1 
ATOM   1371 C CG  . PHE A 1 185 ? -3.969  -10.487 -0.524  1.00 36.86  ? 186 PHE A CG  1 
ATOM   1372 C CD1 . PHE A 1 185 ? -4.604  -9.310  -0.897  1.00 38.40  ? 186 PHE A CD1 1 
ATOM   1373 C CD2 . PHE A 1 185 ? -2.772  -10.821 -1.156  1.00 36.17  ? 186 PHE A CD2 1 
ATOM   1374 C CE1 . PHE A 1 185 ? -4.054  -8.479  -1.882  1.00 36.28  ? 186 PHE A CE1 1 
ATOM   1375 C CE2 . PHE A 1 185 ? -2.219  -9.993  -2.143  1.00 33.86  ? 186 PHE A CE2 1 
ATOM   1376 C CZ  . PHE A 1 185 ? -2.862  -8.827  -2.501  1.00 30.82  ? 186 PHE A CZ  1 
ATOM   1377 N N   . LEU A 1 186 ? -4.494  -13.674 -1.494  1.00 33.56  ? 187 LEU A N   1 
ATOM   1378 C CA  . LEU A 1 186 ? -4.098  -14.236 -2.783  1.00 33.11  ? 187 LEU A CA  1 
ATOM   1379 C C   . LEU A 1 186 ? -5.267  -14.863 -3.520  1.00 35.81  ? 187 LEU A C   1 
ATOM   1380 O O   . LEU A 1 186 ? -5.406  -14.695 -4.736  1.00 37.80  ? 187 LEU A O   1 
ATOM   1381 C CB  . LEU A 1 186 ? -2.986  -15.266 -2.606  1.00 26.80  ? 187 LEU A CB  1 
ATOM   1382 C CG  . LEU A 1 186 ? -1.650  -14.668 -2.175  1.00 30.20  ? 187 LEU A CG  1 
ATOM   1383 C CD1 . LEU A 1 186 ? -0.676  -15.776 -1.873  1.00 27.24  ? 187 LEU A CD1 1 
ATOM   1384 C CD2 . LEU A 1 186 ? -1.105  -13.754 -3.258  1.00 28.29  ? 187 LEU A CD2 1 
ATOM   1385 N N   . HIS A 1 187 ? -6.118  -15.567 -2.784  1.00 37.75  ? 188 HIS A N   1 
ATOM   1386 C CA  . HIS A 1 187 ? -7.286  -16.193 -3.384  1.00 43.93  ? 188 HIS A CA  1 
ATOM   1387 C C   . HIS A 1 187 ? -8.205  -15.091 -3.922  1.00 42.90  ? 188 HIS A C   1 
ATOM   1388 O O   . HIS A 1 187 ? -8.635  -15.140 -5.073  1.00 39.77  ? 188 HIS A O   1 
ATOM   1389 C CB  . HIS A 1 187 ? -8.017  -17.052 -2.349  1.00 49.24  ? 188 HIS A CB  1 
ATOM   1390 C CG  . HIS A 1 187 ? -9.102  -17.914 -2.929  1.00 58.17  ? 188 HIS A CG  1 
ATOM   1391 N ND1 . HIS A 1 187 ? -8.941  -19.276 -3.125  1.00 59.07  ? 188 HIS A ND1 1 
ATOM   1392 C CD2 . HIS A 1 187 ? -10.354 -17.620 -3.329  1.00 55.50  ? 188 HIS A CD2 1 
ATOM   1393 C CE1 . HIS A 1 187 ? -10.054 -19.775 -3.621  1.00 57.08  ? 188 HIS A CE1 1 
ATOM   1394 N NE2 . HIS A 1 187 ? -10.934 -18.799 -3.757  1.00 60.38  ? 188 HIS A NE2 1 
ATOM   1395 N N   . GLY A 1 188 ? -8.484  -14.093 -3.086  1.00 39.22  ? 189 GLY A N   1 
ATOM   1396 C CA  . GLY A 1 188 ? -9.332  -12.990 -3.499  1.00 37.32  ? 189 GLY A CA  1 
ATOM   1397 C C   . GLY A 1 188 ? -8.714  -12.253 -4.676  1.00 38.72  ? 189 GLY A C   1 
ATOM   1398 O O   . GLY A 1 188 ? -9.411  -11.807 -5.591  1.00 36.55  ? 189 GLY A O   1 
ATOM   1399 N N   . LEU A 1 189 ? -7.394  -12.146 -4.664  1.00 35.73  ? 190 LEU A N   1 
ATOM   1400 C CA  . LEU A 1 189 ? -6.673  -11.478 -5.730  1.00 39.47  ? 190 LEU A CA  1 
ATOM   1401 C C   . LEU A 1 189 ? -6.953  -12.187 -7.057  1.00 41.71  ? 190 LEU A C   1 
ATOM   1402 O O   . LEU A 1 189 ? -7.317  -11.538 -8.042  1.00 40.53  ? 190 LEU A O   1 
ATOM   1403 C CB  . LEU A 1 189 ? -5.169  -11.477 -5.432  1.00 39.52  ? 190 LEU A CB  1 
ATOM   1404 C CG  . LEU A 1 189 ? -4.280  -10.640 -6.352  1.00 47.45  ? 190 LEU A CG  1 
ATOM   1405 C CD1 . LEU A 1 189 ? -4.789  -9.201  -6.391  1.00 43.26  ? 190 LEU A CD1 1 
ATOM   1406 C CD2 . LEU A 1 189 ? -2.837  -10.695 -5.877  1.00 39.05  ? 190 LEU A CD2 1 
ATOM   1407 N N   . GLU A 1 190 ? -6.830  -13.517 -7.064  1.00 35.25  ? 191 GLU A N   1 
ATOM   1408 C CA  . GLU A 1 190 ? -7.069  -14.308 -8.268  1.00 36.07  ? 191 GLU A CA  1 
ATOM   1409 C C   . GLU A 1 190 ? -8.480  -14.170 -8.792  1.00 32.22  ? 191 GLU A C   1 
ATOM   1410 O O   . GLU A 1 190 ? -8.703  -14.096 -10.001 1.00 35.18  ? 191 GLU A O   1 
ATOM   1411 C CB  . GLU A 1 190 ? -6.760  -15.779 -8.035  1.00 33.05  ? 191 GLU A CB  1 
ATOM   1412 C CG  . GLU A 1 190 ? -5.295  -16.093 -8.061  1.00 37.41  ? 191 GLU A CG  1 
ATOM   1413 C CD  . GLU A 1 190 ? -4.588  -15.487 -9.258  1.00 40.23  ? 191 GLU A CD  1 
ATOM   1414 O OE1 . GLU A 1 190 ? -4.747  -15.985 -10.384 1.00 54.08  ? 191 GLU A OE1 1 
ATOM   1415 O OE2 . GLU A 1 190 ? -3.862  -14.497 -9.071  1.00 41.11  ? 191 GLU A OE2 1 
ATOM   1416 N N   . SER A 1 191 ? -9.439  -14.135 -7.879  1.00 33.84  ? 192 SER A N   1 
ATOM   1417 C CA  . SER A 1 191 ? -10.833 -13.987 -8.263  1.00 36.79  ? 192 SER A CA  1 
ATOM   1418 C C   . SER A 1 191 ? -11.056 -12.593 -8.857  1.00 40.07  ? 192 SER A C   1 
ATOM   1419 O O   . SER A 1 191 ? -11.822 -12.438 -9.803  1.00 42.17  ? 192 SER A O   1 
ATOM   1420 C CB  . SER A 1 191 ? -11.748 -14.225 -7.060  1.00 29.43  ? 192 SER A CB  1 
ATOM   1421 O OG  . SER A 1 191 ? -11.485 -15.497 -6.479  1.00 39.47  ? 192 SER A OG  1 
ATOM   1422 N N   . LEU A 1 192 ? -10.346 -11.597 -8.337  1.00 41.66  ? 193 LEU A N   1 
ATOM   1423 C CA  . LEU A 1 192 ? -10.466 -10.231 -8.830  1.00 40.39  ? 193 LEU A CA  1 
ATOM   1424 C C   . LEU A 1 192 ? -9.935  -10.179 -10.262 1.00 41.35  ? 193 LEU A C   1 
ATOM   1425 O O   . LEU A 1 192 ? -10.649 -9.776  -11.183 1.00 41.11  ? 193 LEU A O   1 
ATOM   1426 C CB  . LEU A 1 192 ? -9.677  -9.277  -7.926  1.00 45.62  ? 193 LEU A CB  1 
ATOM   1427 C CG  . LEU A 1 192 ? -9.868  -7.759  -8.026  1.00 44.14  ? 193 LEU A CG  1 
ATOM   1428 C CD1 . LEU A 1 192 ? -11.331 -7.354  -7.847  1.00 39.13  ? 193 LEU A CD1 1 
ATOM   1429 C CD2 . LEU A 1 192 ? -9.014  -7.102  -6.958  1.00 47.37  ? 193 LEU A CD2 1 
ATOM   1430 N N   . ILE A 1 193 ? -8.699  -10.638 -10.449 1.00 38.56  ? 194 ILE A N   1 
ATOM   1431 C CA  . ILE A 1 193 ? -8.057  -10.661 -11.759 1.00 34.42  ? 194 ILE A CA  1 
ATOM   1432 C C   . ILE A 1 193 ? -8.901  -11.396 -12.805 1.00 38.79  ? 194 ILE A C   1 
ATOM   1433 O O   . ILE A 1 193 ? -9.122  -10.877 -13.899 1.00 40.66  ? 194 ILE A O   1 
ATOM   1434 C CB  . ILE A 1 193 ? -6.660  -11.284 -11.651 1.00 35.95  ? 194 ILE A CB  1 
ATOM   1435 C CG1 . ILE A 1 193 ? -5.762  -10.354 -10.838 1.00 34.17  ? 194 ILE A CG1 1 
ATOM   1436 C CG2 . ILE A 1 193 ? -6.069  -11.559 -13.028 1.00 31.81  ? 194 ILE A CG2 1 
ATOM   1437 C CD1 . ILE A 1 193 ? -4.461  -10.984 -10.420 1.00 36.88  ? 194 ILE A CD1 1 
ATOM   1438 N N   . ARG A 1 194 ? -9.410  -12.577 -12.457 1.00 38.29  ? 195 ARG A N   1 
ATOM   1439 C CA  . ARG A 1 194 ? -10.241 -13.368 -13.376 1.00 40.86  ? 195 ARG A CA  1 
ATOM   1440 C C   . ARG A 1 194 ? -11.517 -12.625 -13.794 1.00 42.21  ? 195 ARG A C   1 
ATOM   1441 O O   . ARG A 1 194 ? -12.004 -12.789 -14.920 1.00 45.17  ? 195 ARG A O   1 
ATOM   1442 C CB  . ARG A 1 194 ? -10.587 -14.730 -12.757 1.00 37.15  ? 195 ARG A CB  1 
ATOM   1443 C CG  . ARG A 1 194 ? -11.547 -15.610 -13.577 1.00 43.70  ? 195 ARG A CG  1 
ATOM   1444 C CD  . ARG A 1 194 ? -11.010 -16.004 -14.965 1.00 44.82  ? 195 ARG A CD  1 
ATOM   1445 N NE  . ARG A 1 194 ? -9.734  -16.730 -14.929 1.00 52.17  ? 195 ARG A NE  1 
ATOM   1446 C CZ  . ARG A 1 194 ? -9.600  -18.055 -15.028 1.00 47.39  ? 195 ARG A CZ  1 
ATOM   1447 N NH1 . ARG A 1 194 ? -10.665 -18.838 -15.168 1.00 50.17  ? 195 ARG A NH1 1 
ATOM   1448 N NH2 . ARG A 1 194 ? -8.386  -18.595 -14.995 1.00 36.46  ? 195 ARG A NH2 1 
ATOM   1449 N N   . GLY A 1 195 ? -12.039 -11.797 -12.889 1.00 43.14  ? 196 GLY A N   1 
ATOM   1450 C CA  . GLY A 1 195 ? -13.232 -11.021 -13.174 1.00 30.79  ? 196 GLY A CA  1 
ATOM   1451 C C   . GLY A 1 195 ? -12.925 -10.042 -14.282 1.00 34.64  ? 196 GLY A C   1 
ATOM   1452 O O   . GLY A 1 195 ? -13.774 -9.762  -15.121 1.00 33.37  ? 196 GLY A O   1 
ATOM   1453 N N   . PHE A 1 196 ? -11.704 -9.520  -14.289 1.00 34.03  ? 197 PHE A N   1 
ATOM   1454 C CA  . PHE A 1 196 ? -11.288 -8.584  -15.321 1.00 41.54  ? 197 PHE A CA  1 
ATOM   1455 C C   . PHE A 1 196 ? -11.103 -9.334  -16.636 1.00 43.73  ? 197 PHE A C   1 
ATOM   1456 O O   . PHE A 1 196 ? -11.450 -8.819  -17.703 1.00 41.58  ? 197 PHE A O   1 
ATOM   1457 C CB  . PHE A 1 196 ? -9.969  -7.907  -14.952 1.00 41.45  ? 197 PHE A CB  1 
ATOM   1458 C CG  . PHE A 1 196 ? -10.019 -7.120  -13.684 1.00 43.51  ? 197 PHE A CG  1 
ATOM   1459 C CD1 . PHE A 1 196 ? -11.195 -6.496  -13.277 1.00 42.94  ? 197 PHE A CD1 1 
ATOM   1460 C CD2 . PHE A 1 196 ? -8.885  -7.000  -12.892 1.00 40.79  ? 197 PHE A CD2 1 
ATOM   1461 C CE1 . PHE A 1 196 ? -11.246 -5.764  -12.103 1.00 48.77  ? 197 PHE A CE1 1 
ATOM   1462 C CE2 . PHE A 1 196 ? -8.926  -6.269  -11.712 1.00 35.97  ? 197 PHE A CE2 1 
ATOM   1463 C CZ  . PHE A 1 196 ? -10.117 -5.649  -11.320 1.00 43.55  ? 197 PHE A CZ  1 
ATOM   1464 N N   . GLU A 1 197 ? -10.544 -10.542 -16.558 1.00 45.61  ? 198 GLU A N   1 
ATOM   1465 C CA  . GLU A 1 197 ? -10.307 -11.362 -17.746 1.00 45.58  ? 198 GLU A CA  1 
ATOM   1466 C C   . GLU A 1 197 ? -11.587 -11.558 -18.542 1.00 44.53  ? 198 GLU A C   1 
ATOM   1467 O O   . GLU A 1 197 ? -11.660 -11.200 -19.717 1.00 46.15  ? 198 GLU A O   1 
ATOM   1468 C CB  . GLU A 1 197 ? -9.741  -12.733 -17.375 1.00 43.75  ? 198 GLU A CB  1 
ATOM   1469 C CG  . GLU A 1 197 ? -8.291  -12.737 -16.981 1.00 45.90  ? 198 GLU A CG  1 
ATOM   1470 C CD  . GLU A 1 197 ? -7.689  -14.123 -17.050 1.00 49.94  ? 198 GLU A CD  1 
ATOM   1471 O OE1 . GLU A 1 197 ? -7.254  -14.507 -18.150 1.00 49.82  ? 198 GLU A OE1 1 
ATOM   1472 O OE2 . GLU A 1 197 ? -7.648  -14.829 -16.021 1.00 55.77  ? 198 GLU A OE2 1 
ATOM   1473 N N   . VAL A 1 198 ? -12.608 -12.090 -17.875 1.00 46.28  ? 199 VAL A N   1 
ATOM   1474 C CA  . VAL A 1 198 ? -13.904 -12.346 -18.496 1.00 46.44  ? 199 VAL A CA  1 
ATOM   1475 C C   . VAL A 1 198 ? -14.534 -11.055 -19.025 1.00 52.09  ? 199 VAL A C   1 
ATOM   1476 O O   . VAL A 1 198 ? -15.416 -11.100 -19.877 1.00 62.14  ? 199 VAL A O   1 
ATOM   1477 C CB  . VAL A 1 198 ? -14.870 -13.025 -17.500 1.00 38.13  ? 199 VAL A CB  1 
ATOM   1478 C CG1 . VAL A 1 198 ? -16.164 -13.392 -18.187 1.00 39.52  ? 199 VAL A CG1 1 
ATOM   1479 C CG2 . VAL A 1 198 ? -14.232 -14.259 -16.906 1.00 38.06  ? 199 VAL A CG2 1 
ATOM   1480 N N   . GLN A 1 199 ? -14.076 -9.911  -18.516 1.00 57.37  ? 200 GLN A N   1 
ATOM   1481 C CA  . GLN A 1 199 ? -14.581 -8.601  -18.933 1.00 58.36  ? 200 GLN A CA  1 
ATOM   1482 C C   . GLN A 1 199 ? -13.878 -8.148  -20.203 1.00 57.40  ? 200 GLN A C   1 
ATOM   1483 O O   . GLN A 1 199 ? -14.512 -7.670  -21.143 1.00 62.80  ? 200 GLN A O   1 
ATOM   1484 C CB  . GLN A 1 199 ? -14.344 -7.562  -17.833 1.00 60.17  ? 200 GLN A CB  1 
ATOM   1485 C CG  . GLN A 1 199 ? -14.870 -6.174  -18.155 1.00 46.58  ? 200 GLN A CG  1 
ATOM   1486 C CD  . GLN A 1 199 ? -16.378 -6.119  -18.235 1.00 42.28  ? 200 GLN A CD  1 
ATOM   1487 O OE1 . GLN A 1 199 ? -16.940 -5.104  -18.638 1.00 45.87  ? 200 GLN A OE1 1 
ATOM   1488 N NE2 . GLN A 1 199 ? -17.045 -7.190  -17.817 1.00 36.10  ? 200 GLN A NE2 1 
ATOM   1489 N N   . LEU A 1 200 ? -12.558 -8.285  -20.209 1.00 57.80  ? 201 LEU A N   1 
ATOM   1490 C CA  . LEU A 1 200 ? -11.744 -7.907  -21.353 1.00 61.43  ? 201 LEU A CA  1 
ATOM   1491 C C   . LEU A 1 200 ? -12.142 -8.741  -22.565 1.00 62.11  ? 201 LEU A C   1 
ATOM   1492 O O   . LEU A 1 200 ? -12.450 -8.202  -23.628 1.00 58.66  ? 201 LEU A O   1 
ATOM   1493 C CB  . LEU A 1 200 ? -10.274 -8.155  -21.040 1.00 63.11  ? 201 LEU A CB  1 
ATOM   1494 C CG  . LEU A 1 200 ? -9.302  -7.718  -22.125 1.00 65.94  ? 201 LEU A CG  1 
ATOM   1495 C CD1 . LEU A 1 200 ? -9.270  -6.199  -22.172 1.00 70.08  ? 201 LEU A CD1 1 
ATOM   1496 C CD2 . LEU A 1 200 ? -7.924  -8.278  -21.827 1.00 67.89  ? 201 LEU A CD2 1 
ATOM   1497 N N   . THR A 1 201 ? -12.138 -10.060 -22.373 1.00 65.05  ? 202 THR A N   1 
ATOM   1498 C CA  . THR A 1 201 ? -12.494 -11.036 -23.404 1.00 68.96  ? 202 THR A CA  1 
ATOM   1499 C C   . THR A 1 201 ? -13.957 -10.883 -23.800 1.00 74.51  ? 202 THR A C   1 
ATOM   1500 O O   . THR A 1 201 ? -14.392 -11.413 -24.824 1.00 78.61  ? 202 THR A O   1 
ATOM   1501 C CB  . THR A 1 201 ? -12.283 -12.483 -22.895 1.00 66.84  ? 202 THR A CB  1 
ATOM   1502 O OG1 . THR A 1 201 ? -11.025 -12.574 -22.220 1.00 64.48  ? 202 THR A OG1 1 
ATOM   1503 C CG2 . THR A 1 201 ? -12.282 -13.470 -24.056 1.00 67.11  ? 202 THR A CG2 1 
ATOM   1504 N N   . ALA A 1 202 ? -14.710 -10.168 -22.972 1.00 78.97  ? 203 ALA A N   1 
ATOM   1505 C CA  . ALA A 1 202 ? -16.120 -9.951  -23.237 1.00 81.37  ? 203 ALA A CA  1 
ATOM   1506 C C   . ALA A 1 202 ? -16.418 -9.000  -24.394 1.00 82.74  ? 203 ALA A C   1 
ATOM   1507 O O   . ALA A 1 202 ? -17.308 -9.294  -25.185 1.00 87.67  ? 203 ALA A O   1 
ATOM   1508 C CB  . ALA A 1 202 ? -16.857 -9.511  -21.983 1.00 79.54  ? 203 ALA A CB  1 
ATOM   1509 N N   . LEU A 1 203 ? -15.718 -7.873  -24.523 1.00 81.69  ? 204 LEU A N   1 
ATOM   1510 C CA  . LEU A 1 203 ? -16.010 -6.953  -25.633 1.00 81.07  ? 204 LEU A CA  1 
ATOM   1511 C C   . LEU A 1 203 ? -17.480 -6.466  -25.669 1.00 79.19  ? 204 LEU A C   1 
ATOM   1512 O O   . LEU A 1 203 ? -17.948 -5.889  -24.690 1.00 80.93  ? 204 LEU A O   1 
ATOM   1513 C CB  . LEU A 1 203 ? -15.593 -7.573  -26.976 1.00 80.42  ? 204 LEU A CB  1 
ATOM   1514 C CG  . LEU A 1 203 ? -14.125 -8.006  -27.067 1.00 84.20  ? 204 LEU A CG  1 
ATOM   1515 C CD1 . LEU A 1 203 ? -13.821 -8.573  -28.453 1.00 83.50  ? 204 LEU A CD1 1 
ATOM   1516 C CD2 . LEU A 1 203 ? -13.210 -6.824  -26.751 1.00 78.72  ? 204 LEU A CD2 1 
ATOM   1517 N N   . LEU A 1 204 ? -18.208 -6.696  -26.770 1.00 76.22  ? 205 LEU A N   1 
ATOM   1518 C CA  . LEU A 1 204 ? -19.605 -6.217  -26.882 1.00 75.07  ? 205 LEU A CA  1 
ATOM   1519 C C   . LEU A 1 204 ? -20.626 -7.291  -26.628 1.00 73.78  ? 205 LEU A C   1 
ATOM   1520 O O   . LEU A 1 204 ? -21.723 -7.298  -27.224 1.00 70.55  ? 205 LEU A O   1 
ATOM   1521 C CB  . LEU A 1 204 ? -19.904 -5.606  -28.227 1.00 76.10  ? 205 LEU A CB  1 
ATOM   1522 C CG  . LEU A 1 204 ? -19.186 -4.283  -28.451 1.00 79.92  ? 205 LEU A CG  1 
ATOM   1523 C CD1 . LEU A 1 204 ? -19.920 -3.453  -29.480 1.00 79.78  ? 205 LEU A CD1 1 
ATOM   1524 C CD2 . LEU A 1 204 ? -19.088 -3.498  -27.159 1.00 77.83  ? 205 LEU A CD2 1 
ATOM   1525 N N   . GLN A 1 205 ? -20.288 -8.152  -25.727 1.00 73.11  ? 206 GLN A N   1 
ATOM   1526 C CA  . GLN A 1 205 ? -21.153 -9.228  -25.444 1.00 70.15  ? 206 GLN A CA  1 
ATOM   1527 C C   . GLN A 1 205 ? -21.831 -9.069  -24.137 1.00 66.44  ? 206 GLN A C   1 
ATOM   1528 O O   . GLN A 1 205 ? -21.398 -8.311  -23.256 1.00 61.17  ? 206 GLN A O   1 
ATOM   1529 C CB  . GLN A 1 205 ? -20.369 -10.509 -25.431 1.00 72.37  ? 206 GLN A CB  1 
ATOM   1530 C CG  . GLN A 1 205 ? -19.689 -10.803 -26.727 1.00 80.41  ? 206 GLN A CG  1 
ATOM   1531 C CD  . GLN A 1 205 ? -19.052 -12.159 -26.753 1.00 88.85  ? 206 GLN A CD  1 
ATOM   1532 O OE1 . GLN A 1 205 ? -18.494 -12.576 -27.777 1.00 93.79  ? 206 GLN A OE1 1 
ATOM   1533 N NE2 . GLN A 1 205 ? -19.124 -12.897 -25.633 1.00 93.28  ? 206 GLN A NE2 1 
ATOM   1534 N N   . ILE A 1 206 ? -22.906 -9.822  -24.038 1.00 63.57  ? 207 ILE A N   1 
ATOM   1535 C CA  . ILE A 1 206 ? -23.719 -9.919  -22.824 1.00 57.72  ? 207 ILE A CA  1 
ATOM   1536 C C   . ILE A 1 206 ? -22.963 -11.044 -22.125 1.00 62.94  ? 207 ILE A C   1 
ATOM   1537 O O   . ILE A 1 206 ? -23.126 -12.234 -22.417 1.00 65.82  ? 207 ILE A O   1 
ATOM   1538 C CB  . ILE A 1 206 ? -25.184 -10.362 -23.132 1.00 51.62  ? 207 ILE A CB  1 
ATOM   1539 C CG1 . ILE A 1 206 ? -25.804 -9.478  -24.225 1.00 53.24  ? 207 ILE A CG1 1 
ATOM   1540 C CG2 . ILE A 1 206 ? -25.985 -10.199 -21.883 1.00 41.90  ? 207 ILE A CG2 1 
ATOM   1541 C CD1 . ILE A 1 206 ? -25.625 -8.008  -24.024 1.00 63.23  ? 207 ILE A CD1 1 
ATOM   1542 N N   . VAL A 1 207 ? -21.995 -10.641 -21.288 1.00 62.41  ? 208 VAL A N   1 
ATOM   1543 C CA  . VAL A 1 207 ? -21.213 -11.575 -20.527 1.00 60.01  ? 208 VAL A CA  1 
ATOM   1544 C C   . VAL A 1 207 ? -21.761 -11.842 -19.119 1.00 59.52  ? 208 VAL A C   1 
ATOM   1545 O O   . VAL A 1 207 ? -21.481 -12.925 -18.567 1.00 57.43  ? 208 VAL A O   1 
ATOM   1546 C CB  . VAL A 1 207 ? -19.717 -11.123 -20.477 1.00 59.86  ? 208 VAL A CB  1 
ATOM   1547 C CG1 . VAL A 1 207 ? -19.518 -9.971  -19.494 1.00 55.54  ? 208 VAL A CG1 1 
ATOM   1548 C CG2 . VAL A 1 207 ? -18.798 -12.297 -20.175 1.00 61.92  ? 208 VAL A CG2 1 
HETATM 1549 O O   . HOH B 2 .   ? -3.122  -14.748 -6.200  1.00 41.74  ? 301 HOH A O   1 
HETATM 1550 O O   . HOH B 2 .   ? 4.755   0.010   5.867   1.00 54.07  ? 302 HOH A O   1 
HETATM 1551 O O   . HOH B 2 .   ? -13.398 4.421   -3.710  1.00 61.72  ? 303 HOH A O   1 
HETATM 1552 O O   . HOH B 2 .   ? 8.412   19.997  6.742   1.00 65.60  ? 304 HOH A O   1 
HETATM 1553 O O   . HOH B 2 .   ? -13.526 0.587   -6.043  1.00 53.83  ? 305 HOH A O   1 
HETATM 1554 O O   . HOH B 2 .   ? 4.108   16.967  18.217  1.00 49.37  ? 306 HOH A O   1 
HETATM 1555 O O   . HOH B 2 .   ? 5.571   -7.937  7.294   1.00 56.93  ? 307 HOH A O   1 
HETATM 1556 O O   . HOH B 2 .   ? 7.352   -7.150  -3.096  1.00 56.68  ? 308 HOH A O   1 
HETATM 1557 O O   . HOH B 2 .   ? -1.937  7.672   -1.412  1.00 46.60  ? 309 HOH A O   1 
HETATM 1558 O O   . HOH B 2 .   ? -3.982  0.128   11.294  1.00 66.37  ? 310 HOH A O   1 
HETATM 1559 O O   . HOH B 2 .   ? 1.426   6.682   -0.462  1.00 59.78  ? 311 HOH A O   1 
HETATM 1560 O O   . HOH B 2 .   ? 9.394   -6.574  0.436   1.00 54.14  ? 312 HOH A O   1 
HETATM 1561 O O   . HOH B 2 .   ? -11.437 -2.981  -21.867 1.00 55.44  ? 313 HOH A O   1 
HETATM 1562 O O   . HOH B 2 .   ? -5.690  -17.024 5.382   1.00 51.00  ? 314 HOH A O   1 
HETATM 1563 O O   . HOH B 2 .   ? 10.783  -2.737  8.641   1.00 46.61  ? 315 HOH A O   1 
HETATM 1564 O O   . HOH B 2 .   ? 13.297  -0.893  6.300   1.00 65.45  ? 316 HOH A O   1 
HETATM 1565 O O   . HOH B 2 .   ? -2.683  -11.149 -21.359 1.00 52.64  ? 317 HOH A O   1 
HETATM 1566 O O   . HOH B 2 .   ? 0.622   0.568   -7.344  1.00 62.58  ? 318 HOH A O   1 
HETATM 1567 O O   . HOH B 2 .   ? -1.162  9.101   7.245   1.00 58.18  ? 319 HOH A O   1 
HETATM 1568 O O   . HOH B 2 .   ? 1.827   -12.045 -0.976  1.00 55.73  ? 320 HOH A O   1 
HETATM 1569 O O   . HOH B 2 .   ? 11.161  0.501   16.331  1.00 59.82  ? 321 HOH A O   1 
HETATM 1570 O O   . HOH B 2 .   ? -5.098  13.238  6.875   1.00 59.93  ? 322 HOH A O   1 
HETATM 1571 O O   . HOH B 2 .   ? 3.260   -14.175 -8.598  1.00 52.36  ? 323 HOH A O   1 
HETATM 1572 O O   . HOH B 2 .   ? 22.090  18.813  10.657  1.00 53.34  ? 324 HOH A O   1 
HETATM 1573 O O   . HOH B 2 .   ? -2.828  0.790   8.951   1.00 60.64  ? 325 HOH A O   1 
HETATM 1574 O O   . HOH B 2 .   ? 4.355   25.348  10.815  1.00 56.68  ? 326 HOH A O   1 
HETATM 1575 O O   . HOH B 2 .   ? 18.323  21.659  19.394  1.00 69.63  ? 327 HOH A O   1 
# 
